data_6WPD
# 
_entry.id   6WPD 
# 
_audit_conform.dict_name       mmcif_pdbx.dic 
_audit_conform.dict_version    5.399 
_audit_conform.dict_location   http://mmcif.pdb.org/dictionaries/ascii/mmcif_pdbx.dic 
# 
loop_
_database_2.database_id 
_database_2.database_code 
_database_2.pdbx_database_accession 
_database_2.pdbx_DOI 
PDB   6WPD         pdb_00006wpd 10.2210/pdb6wpd/pdb 
WWPDB D_1000248773 ?            ?                   
BMRB  30745        ?            10.13018/BMR30745   
# 
loop_
_pdbx_audit_revision_history.ordinal 
_pdbx_audit_revision_history.data_content_type 
_pdbx_audit_revision_history.major_revision 
_pdbx_audit_revision_history.minor_revision 
_pdbx_audit_revision_history.revision_date 
1 'Structure model' 1 0 2020-09-02 
2 'Structure model' 1 1 2020-09-16 
3 'Structure model' 1 2 2024-11-20 
# 
_pdbx_audit_revision_details.ordinal             1 
_pdbx_audit_revision_details.revision_ordinal    1 
_pdbx_audit_revision_details.data_content_type   'Structure model' 
_pdbx_audit_revision_details.provider            repository 
_pdbx_audit_revision_details.type                'Initial release' 
_pdbx_audit_revision_details.description         ? 
_pdbx_audit_revision_details.details             ? 
# 
loop_
_pdbx_audit_revision_group.ordinal 
_pdbx_audit_revision_group.revision_ordinal 
_pdbx_audit_revision_group.data_content_type 
_pdbx_audit_revision_group.group 
1 2 'Structure model' 'Database references' 
2 3 'Structure model' 'Data collection'     
3 3 'Structure model' 'Database references' 
4 3 'Structure model' 'Structure summary'   
# 
loop_
_pdbx_audit_revision_category.ordinal 
_pdbx_audit_revision_category.revision_ordinal 
_pdbx_audit_revision_category.data_content_type 
_pdbx_audit_revision_category.category 
1 2 'Structure model' citation                  
2 3 'Structure model' chem_comp_atom            
3 3 'Structure model' chem_comp_bond            
4 3 'Structure model' citation                  
5 3 'Structure model' database_2                
6 3 'Structure model' pdbx_entry_details        
7 3 'Structure model' pdbx_modification_feature 
# 
loop_
_pdbx_audit_revision_item.ordinal 
_pdbx_audit_revision_item.revision_ordinal 
_pdbx_audit_revision_item.data_content_type 
_pdbx_audit_revision_item.item 
1 2 'Structure model' '_citation.journal_volume'                     
2 3 'Structure model' '_citation.country'                            
3 3 'Structure model' '_database_2.pdbx_DOI'                         
4 3 'Structure model' '_database_2.pdbx_database_accession'          
5 3 'Structure model' '_pdbx_entry_details.has_protein_modification' 
# 
_pdbx_database_status.status_code                     REL 
_pdbx_database_status.status_code_sf                  ? 
_pdbx_database_status.status_code_mr                  REL 
_pdbx_database_status.entry_id                        6WPD 
_pdbx_database_status.recvd_initial_deposition_date   2020-04-27 
_pdbx_database_status.SG_entry                        N 
_pdbx_database_status.deposit_site                    RCSB 
_pdbx_database_status.process_site                    RCSB 
_pdbx_database_status.status_code_cs                  REL 
_pdbx_database_status.status_code_nmr_data            ? 
_pdbx_database_status.methods_development_category    ? 
_pdbx_database_status.pdb_format_compatible           Y 
# 
_pdbx_database_related.db_name        BMRB 
_pdbx_database_related.details        'NMR Structure of HSP-1 antimicrobial peptide in presence of SDS-d25 micelles' 
_pdbx_database_related.db_id          30745 
_pdbx_database_related.content_type   unspecified 
# 
loop_
_audit_author.name 
_audit_author.pdbx_ordinal 
_audit_author.identifier_ORCID 
'Verly, R.M.' 1 0000-0003-0356-6862 
'Gomes, I.P.' 2 ?                   
# 
_citation.abstract                  ? 
_citation.abstract_id_CAS           ? 
_citation.book_id_ISBN              ? 
_citation.book_publisher            ? 
_citation.book_publisher_city       ? 
_citation.book_title                ? 
_citation.coordinate_linkage        ? 
_citation.country                   NE 
_citation.database_id_Medline       ? 
_citation.details                   ? 
_citation.id                        primary 
_citation.journal_abbrev            'Biochim Biophys Acta Biomembr' 
_citation.journal_id_ASTM           ? 
_citation.journal_id_CSD            ? 
_citation.journal_id_ISSN           1879-2642 
_citation.journal_full              ? 
_citation.journal_issue             ? 
_citation.journal_volume            1863 
_citation.language                  ? 
_citation.page_first                183449 
_citation.page_last                 183449 
_citation.title                     
;Membrane interactions of the anuran antimicrobial peptide HSP1-NH2: Different aspects of the association to anionic and zwitterionic biomimetic systems.
;
_citation.year                      2020 
_citation.database_id_CSD           ? 
_citation.pdbx_database_id_DOI      10.1016/j.bbamem.2020.183449 
_citation.pdbx_database_id_PubMed   32828849 
_citation.unpublished_flag          ? 
# 
loop_
_citation_author.citation_id 
_citation_author.name 
_citation_author.ordinal 
_citation_author.identifier_ORCID 
primary 'Gomes, I.P.'    1  ? 
primary 'Santos, T.L.'   2  ? 
primary 'de Souza, A.N.' 3  ? 
primary 'Nunes, L.O.'    4  ? 
primary 'Cardoso, G.A.'  5  ? 
primary 'Matos, C.O.'    6  ? 
primary 'Costa, L.M.F.'  7  ? 
primary 'Liao, L.M.'     8  ? 
primary 'Resende, J.M.'  9  ? 
primary 'Verly, R.M.'    10 ? 
# 
_entity.id                         1 
_entity.type                       polymer 
_entity.src_method                 syn 
_entity.pdbx_description           HSP1-NH2 
_entity.formula_weight             1311.594 
_entity.pdbx_number_of_molecules   1 
_entity.pdbx_ec                    ? 
_entity.pdbx_mutation              ? 
_entity.pdbx_fragment              ? 
_entity.details                    ? 
# 
_entity_name_com.entity_id   1 
_entity_name_com.name        HSP1 
# 
_entity_poly.entity_id                      1 
_entity_poly.type                           'polypeptide(L)' 
_entity_poly.nstd_linkage                   no 
_entity_poly.nstd_monomer                   yes 
_entity_poly.pdbx_seq_one_letter_code       'GILDAIKAIAKAAG(NH2)' 
_entity_poly.pdbx_seq_one_letter_code_can   GILDAIKAIAKAAGX 
_entity_poly.pdbx_strand_id                 A 
_entity_poly.pdbx_target_identifier         ? 
# 
loop_
_entity_poly_seq.entity_id 
_entity_poly_seq.num 
_entity_poly_seq.mon_id 
_entity_poly_seq.hetero 
1 1  GLY n 
1 2  ILE n 
1 3  LEU n 
1 4  ASP n 
1 5  ALA n 
1 6  ILE n 
1 7  LYS n 
1 8  ALA n 
1 9  ILE n 
1 10 ALA n 
1 11 LYS n 
1 12 ALA n 
1 13 ALA n 
1 14 GLY n 
1 15 NH2 n 
# 
_pdbx_entity_src_syn.entity_id              1 
_pdbx_entity_src_syn.pdbx_src_id            1 
_pdbx_entity_src_syn.pdbx_alt_source_flag   sample 
_pdbx_entity_src_syn.pdbx_beg_seq_num       1 
_pdbx_entity_src_syn.pdbx_end_seq_num       14 
_pdbx_entity_src_syn.organism_scientific    'Boana punctata' 
_pdbx_entity_src_syn.organism_common_name   'Polka-dot tree frog' 
_pdbx_entity_src_syn.ncbi_taxonomy_id       2499473 
_pdbx_entity_src_syn.details                ? 
# 
loop_
_chem_comp.id 
_chem_comp.type 
_chem_comp.mon_nstd_flag 
_chem_comp.name 
_chem_comp.pdbx_synonyms 
_chem_comp.formula 
_chem_comp.formula_weight 
ALA 'L-peptide linking' y ALANINE         ? 'C3 H7 N O2'     89.093  
ASP 'L-peptide linking' y 'ASPARTIC ACID' ? 'C4 H7 N O4'     133.103 
GLY 'peptide linking'   y GLYCINE         ? 'C2 H5 N O2'     75.067  
ILE 'L-peptide linking' y ISOLEUCINE      ? 'C6 H13 N O2'    131.173 
LEU 'L-peptide linking' y LEUCINE         ? 'C6 H13 N O2'    131.173 
LYS 'L-peptide linking' y LYSINE          ? 'C6 H15 N2 O2 1' 147.195 
NH2 non-polymer         . 'AMINO GROUP'   ? 'H2 N'           16.023  
# 
loop_
_pdbx_poly_seq_scheme.asym_id 
_pdbx_poly_seq_scheme.entity_id 
_pdbx_poly_seq_scheme.seq_id 
_pdbx_poly_seq_scheme.mon_id 
_pdbx_poly_seq_scheme.ndb_seq_num 
_pdbx_poly_seq_scheme.pdb_seq_num 
_pdbx_poly_seq_scheme.auth_seq_num 
_pdbx_poly_seq_scheme.pdb_mon_id 
_pdbx_poly_seq_scheme.auth_mon_id 
_pdbx_poly_seq_scheme.pdb_strand_id 
_pdbx_poly_seq_scheme.pdb_ins_code 
_pdbx_poly_seq_scheme.hetero 
A 1 1  GLY 1  1  1  GLY GLY A . n 
A 1 2  ILE 2  2  2  ILE ILE A . n 
A 1 3  LEU 3  3  3  LEU LEU A . n 
A 1 4  ASP 4  4  4  ASP ASP A . n 
A 1 5  ALA 5  5  5  ALA ALA A . n 
A 1 6  ILE 6  6  6  ILE ILE A . n 
A 1 7  LYS 7  7  7  LYS LYS A . n 
A 1 8  ALA 8  8  8  ALA ALA A . n 
A 1 9  ILE 9  9  9  ILE ILE A . n 
A 1 10 ALA 10 10 10 ALA ALA A . n 
A 1 11 LYS 11 11 11 LYS LYS A . n 
A 1 12 ALA 12 12 12 ALA ALA A . n 
A 1 13 ALA 13 13 13 ALA ALA A . n 
A 1 14 GLY 14 14 14 GLY GLY A . n 
A 1 15 NH2 15 15 15 NH2 NH2 A . n 
# 
_pdbx_entity_instance_feature.ordinal        1 
_pdbx_entity_instance_feature.comp_id        NH2 
_pdbx_entity_instance_feature.asym_id        ? 
_pdbx_entity_instance_feature.seq_num        ? 
_pdbx_entity_instance_feature.auth_comp_id   NH2 
_pdbx_entity_instance_feature.auth_asym_id   ? 
_pdbx_entity_instance_feature.auth_seq_num   ? 
_pdbx_entity_instance_feature.feature_type   'SUBJECT OF INVESTIGATION' 
_pdbx_entity_instance_feature.details        ? 
# 
_exptl.absorpt_coefficient_mu     ? 
_exptl.absorpt_correction_T_max   ? 
_exptl.absorpt_correction_T_min   ? 
_exptl.absorpt_correction_type    ? 
_exptl.absorpt_process_details    ? 
_exptl.entry_id                   6WPD 
_exptl.crystals_number            ? 
_exptl.details                    ? 
_exptl.method                     'SOLUTION NMR' 
_exptl.method_details             ? 
# 
_struct.entry_id                     6WPD 
_struct.title                        'NMR Structure of HSP1-NH2 antimicrobial peptide in presence of DPC-d38 micelles' 
_struct.pdbx_model_details           ? 
_struct.pdbx_formula_weight          ? 
_struct.pdbx_formula_weight_method   ? 
_struct.pdbx_model_type_details      ? 
_struct.pdbx_CASP_flag               N 
# 
_struct_keywords.entry_id        6WPD 
_struct_keywords.text            'antimicrobial peptide, ANTIMICROBIAL PROTEIN' 
_struct_keywords.pdbx_keywords   'ANTIMICROBIAL PROTEIN' 
# 
_struct_asym.id                            A 
_struct_asym.pdbx_blank_PDB_chainid_flag   N 
_struct_asym.pdbx_modified                 N 
_struct_asym.entity_id                     1 
_struct_asym.details                       ? 
# 
_struct_ref.id                         1 
_struct_ref.db_name                    UNP 
_struct_ref.db_code                    HLP1_BOAPU 
_struct_ref.pdbx_db_accession          P84292 
_struct_ref.pdbx_db_isoform            ? 
_struct_ref.entity_id                  1 
_struct_ref.pdbx_seq_one_letter_code   GILDAIKAIAKAAG 
_struct_ref.pdbx_align_begin           1 
# 
_struct_ref_seq.align_id                      1 
_struct_ref_seq.ref_id                        1 
_struct_ref_seq.pdbx_PDB_id_code              6WPD 
_struct_ref_seq.pdbx_strand_id                A 
_struct_ref_seq.seq_align_beg                 1 
_struct_ref_seq.pdbx_seq_align_beg_ins_code   ? 
_struct_ref_seq.seq_align_end                 14 
_struct_ref_seq.pdbx_seq_align_end_ins_code   ? 
_struct_ref_seq.pdbx_db_accession             P84292 
_struct_ref_seq.db_align_beg                  1 
_struct_ref_seq.pdbx_db_align_beg_ins_code    ? 
_struct_ref_seq.db_align_end                  14 
_struct_ref_seq.pdbx_db_align_end_ins_code    ? 
_struct_ref_seq.pdbx_auth_seq_align_beg       1 
_struct_ref_seq.pdbx_auth_seq_align_end       14 
# 
_struct_ref_seq_dif.align_id                     1 
_struct_ref_seq_dif.pdbx_pdb_id_code             6WPD 
_struct_ref_seq_dif.mon_id                       NH2 
_struct_ref_seq_dif.pdbx_pdb_strand_id           A 
_struct_ref_seq_dif.seq_num                      15 
_struct_ref_seq_dif.pdbx_pdb_ins_code            ? 
_struct_ref_seq_dif.pdbx_seq_db_name             UNP 
_struct_ref_seq_dif.pdbx_seq_db_accession_code   P84292 
_struct_ref_seq_dif.db_mon_id                    ? 
_struct_ref_seq_dif.pdbx_seq_db_seq_num          ? 
_struct_ref_seq_dif.details                      amidation 
_struct_ref_seq_dif.pdbx_auth_seq_num            15 
_struct_ref_seq_dif.pdbx_ordinal                 1 
# 
_pdbx_struct_assembly.id                   1 
_pdbx_struct_assembly.details              author_defined_assembly 
_pdbx_struct_assembly.method_details       ? 
_pdbx_struct_assembly.oligomeric_details   monomeric 
_pdbx_struct_assembly.oligomeric_count     1 
# 
_pdbx_struct_assembly_gen.assembly_id       1 
_pdbx_struct_assembly_gen.oper_expression   1 
_pdbx_struct_assembly_gen.asym_id_list      A 
# 
_pdbx_struct_assembly_auth_evidence.id                     1 
_pdbx_struct_assembly_auth_evidence.assembly_id            1 
_pdbx_struct_assembly_auth_evidence.experimental_support   none 
_pdbx_struct_assembly_auth_evidence.details                ? 
# 
_pdbx_struct_oper_list.id                   1 
_pdbx_struct_oper_list.type                 'identity operation' 
_pdbx_struct_oper_list.name                 1_555 
_pdbx_struct_oper_list.symmetry_operation   ? 
_pdbx_struct_oper_list.matrix[1][1]         1.0000000000 
_pdbx_struct_oper_list.matrix[1][2]         0.0000000000 
_pdbx_struct_oper_list.matrix[1][3]         0.0000000000 
_pdbx_struct_oper_list.vector[1]            0.0000000000 
_pdbx_struct_oper_list.matrix[2][1]         0.0000000000 
_pdbx_struct_oper_list.matrix[2][2]         1.0000000000 
_pdbx_struct_oper_list.matrix[2][3]         0.0000000000 
_pdbx_struct_oper_list.vector[2]            0.0000000000 
_pdbx_struct_oper_list.matrix[3][1]         0.0000000000 
_pdbx_struct_oper_list.matrix[3][2]         0.0000000000 
_pdbx_struct_oper_list.matrix[3][3]         1.0000000000 
_pdbx_struct_oper_list.vector[3]            0.0000000000 
# 
_struct_conf.conf_type_id            HELX_P 
_struct_conf.id                      HELX_P1 
_struct_conf.pdbx_PDB_helix_id       AA1 
_struct_conf.beg_label_comp_id       ILE 
_struct_conf.beg_label_asym_id       A 
_struct_conf.beg_label_seq_id        2 
_struct_conf.pdbx_beg_PDB_ins_code   ? 
_struct_conf.end_label_comp_id       GLY 
_struct_conf.end_label_asym_id       A 
_struct_conf.end_label_seq_id        14 
_struct_conf.pdbx_end_PDB_ins_code   ? 
_struct_conf.beg_auth_comp_id        ILE 
_struct_conf.beg_auth_asym_id        A 
_struct_conf.beg_auth_seq_id         2 
_struct_conf.end_auth_comp_id        GLY 
_struct_conf.end_auth_asym_id        A 
_struct_conf.end_auth_seq_id         14 
_struct_conf.pdbx_PDB_helix_class    1 
_struct_conf.details                 ? 
_struct_conf.pdbx_PDB_helix_length   13 
# 
_struct_conf_type.id          HELX_P 
_struct_conf_type.criteria    ? 
_struct_conf_type.reference   ? 
# 
_struct_conn.id                            covale1 
_struct_conn.conn_type_id                  covale 
_struct_conn.pdbx_leaving_atom_flag        both 
_struct_conn.pdbx_PDB_id                   ? 
_struct_conn.ptnr1_label_asym_id           A 
_struct_conn.ptnr1_label_comp_id           GLY 
_struct_conn.ptnr1_label_seq_id            14 
_struct_conn.ptnr1_label_atom_id           C 
_struct_conn.pdbx_ptnr1_label_alt_id       ? 
_struct_conn.pdbx_ptnr1_PDB_ins_code       ? 
_struct_conn.pdbx_ptnr1_standard_comp_id   ? 
_struct_conn.ptnr1_symmetry                1_555 
_struct_conn.ptnr2_label_asym_id           A 
_struct_conn.ptnr2_label_comp_id           NH2 
_struct_conn.ptnr2_label_seq_id            15 
_struct_conn.ptnr2_label_atom_id           N 
_struct_conn.pdbx_ptnr2_label_alt_id       ? 
_struct_conn.pdbx_ptnr2_PDB_ins_code       ? 
_struct_conn.ptnr1_auth_asym_id            A 
_struct_conn.ptnr1_auth_comp_id            GLY 
_struct_conn.ptnr1_auth_seq_id             14 
_struct_conn.ptnr2_auth_asym_id            A 
_struct_conn.ptnr2_auth_comp_id            NH2 
_struct_conn.ptnr2_auth_seq_id             15 
_struct_conn.ptnr2_symmetry                1_555 
_struct_conn.pdbx_ptnr3_label_atom_id      ? 
_struct_conn.pdbx_ptnr3_label_seq_id       ? 
_struct_conn.pdbx_ptnr3_label_comp_id      ? 
_struct_conn.pdbx_ptnr3_label_asym_id      ? 
_struct_conn.pdbx_ptnr3_label_alt_id       ? 
_struct_conn.pdbx_ptnr3_PDB_ins_code       ? 
_struct_conn.details                       ? 
_struct_conn.pdbx_dist_value               1.305 
_struct_conn.pdbx_value_order              ? 
_struct_conn.pdbx_role                     ? 
# 
_struct_conn_type.id          covale 
_struct_conn_type.criteria    ? 
_struct_conn_type.reference   ? 
# 
_pdbx_modification_feature.ordinal                            1 
_pdbx_modification_feature.label_comp_id                      NH2 
_pdbx_modification_feature.label_asym_id                      A 
_pdbx_modification_feature.label_seq_id                       15 
_pdbx_modification_feature.label_alt_id                       ? 
_pdbx_modification_feature.modified_residue_label_comp_id     GLY 
_pdbx_modification_feature.modified_residue_label_asym_id     A 
_pdbx_modification_feature.modified_residue_label_seq_id      14 
_pdbx_modification_feature.modified_residue_label_alt_id      ? 
_pdbx_modification_feature.auth_comp_id                       NH2 
_pdbx_modification_feature.auth_asym_id                       A 
_pdbx_modification_feature.auth_seq_id                        15 
_pdbx_modification_feature.PDB_ins_code                       ? 
_pdbx_modification_feature.symmetry                           1_555 
_pdbx_modification_feature.modified_residue_auth_comp_id      GLY 
_pdbx_modification_feature.modified_residue_auth_asym_id      A 
_pdbx_modification_feature.modified_residue_auth_seq_id       14 
_pdbx_modification_feature.modified_residue_PDB_ins_code      ? 
_pdbx_modification_feature.modified_residue_symmetry          1_555 
_pdbx_modification_feature.comp_id_linking_atom               . 
_pdbx_modification_feature.modified_residue_id_linking_atom   . 
_pdbx_modification_feature.modified_residue_id                GLY 
_pdbx_modification_feature.ref_pcm_id                         12 
_pdbx_modification_feature.ref_comp_id                        NH2 
_pdbx_modification_feature.type                               None 
_pdbx_modification_feature.category                           'Terminal amidation' 
# 
_pdbx_entry_details.entry_id                   6WPD 
_pdbx_entry_details.has_ligand_of_interest     Y 
_pdbx_entry_details.compound_details           ? 
_pdbx_entry_details.source_details             ? 
_pdbx_entry_details.nonpolymer_details         ? 
_pdbx_entry_details.sequence_details           ? 
_pdbx_entry_details.has_protein_modification   Y 
# 
_pdbx_nmr_ensemble.entry_id                                      6WPD 
_pdbx_nmr_ensemble.conformers_calculated_total_number            100 
_pdbx_nmr_ensemble.conformers_submitted_total_number             10 
_pdbx_nmr_ensemble.conformer_selection_criteria                  'structures with the lowest energy' 
_pdbx_nmr_ensemble.representative_conformer                      ? 
_pdbx_nmr_ensemble.average_constraints_per_residue               ? 
_pdbx_nmr_ensemble.average_constraint_violations_per_residue     ? 
_pdbx_nmr_ensemble.maximum_distance_constraint_violation         ? 
_pdbx_nmr_ensemble.average_distance_constraint_violation         ? 
_pdbx_nmr_ensemble.maximum_upper_distance_constraint_violation   ? 
_pdbx_nmr_ensemble.maximum_lower_distance_constraint_violation   ? 
_pdbx_nmr_ensemble.distance_constraint_violation_method          ? 
_pdbx_nmr_ensemble.maximum_torsion_angle_constraint_violation    ? 
_pdbx_nmr_ensemble.average_torsion_angle_constraint_violation    ? 
_pdbx_nmr_ensemble.torsion_angle_constraint_violation_method     ? 
# 
_pdbx_nmr_representative.entry_id             6WPD 
_pdbx_nmr_representative.conformer_id         1 
_pdbx_nmr_representative.selection_criteria   'closest to the average' 
# 
_pdbx_nmr_sample_details.solution_id      1 
_pdbx_nmr_sample_details.contents         '1.0 mM HSP1-NH2, 90% H2O/10% D2O' 
_pdbx_nmr_sample_details.solvent_system   '90% H2O/10% D2O' 
_pdbx_nmr_sample_details.label            'natural abundance' 
_pdbx_nmr_sample_details.type             micelle 
_pdbx_nmr_sample_details.details          '200 mM DPC-d38 micelles' 
# 
_pdbx_nmr_exptl_sample.solution_id           1 
_pdbx_nmr_exptl_sample.component             HSP1-NH2 
_pdbx_nmr_exptl_sample.concentration         1.0 
_pdbx_nmr_exptl_sample.concentration_range   ? 
_pdbx_nmr_exptl_sample.concentration_units   mM 
_pdbx_nmr_exptl_sample.isotopic_labeling     'natural abundance' 
# 
_pdbx_nmr_exptl_sample_conditions.conditions_id          1 
_pdbx_nmr_exptl_sample_conditions.temperature            298 
_pdbx_nmr_exptl_sample_conditions.pressure_units         atm 
_pdbx_nmr_exptl_sample_conditions.pressure               1 
_pdbx_nmr_exptl_sample_conditions.pH                     6.5 
_pdbx_nmr_exptl_sample_conditions.ionic_strength         0 
_pdbx_nmr_exptl_sample_conditions.details                'peptide in presence of 200 mM DPC-d38 micelles' 
_pdbx_nmr_exptl_sample_conditions.ionic_strength_err     ? 
_pdbx_nmr_exptl_sample_conditions.ionic_strength_units   'Not defined' 
_pdbx_nmr_exptl_sample_conditions.label                  DPC-d38 
_pdbx_nmr_exptl_sample_conditions.pH_err                 ? 
_pdbx_nmr_exptl_sample_conditions.pH_units               pH 
_pdbx_nmr_exptl_sample_conditions.pressure_err           ? 
_pdbx_nmr_exptl_sample_conditions.temperature_err        ? 
_pdbx_nmr_exptl_sample_conditions.temperature_units      K 
# 
loop_
_pdbx_nmr_exptl.experiment_id 
_pdbx_nmr_exptl.conditions_id 
_pdbx_nmr_exptl.solution_id 
_pdbx_nmr_exptl.type 
_pdbx_nmr_exptl.spectrometer_id 
_pdbx_nmr_exptl.sample_state 
1 1 1 '2D NOESY'       1 isotropic 
2 1 1 '2D TOCSY'       1 isotropic 
3 1 1 '2D 1H-13C HSQC' 1 isotropic 
# 
_pdbx_nmr_refine.entry_id           6WPD 
_pdbx_nmr_refine.method             'simulated annealing' 
_pdbx_nmr_refine.details            ? 
_pdbx_nmr_refine.software_ordinal   1 
# 
loop_
_pdbx_nmr_software.ordinal 
_pdbx_nmr_software.classification 
_pdbx_nmr_software.name 
_pdbx_nmr_software.version 
_pdbx_nmr_software.authors 
1 refinement                  'X-PLOR NIH'              ? 'Schwieters, Kuszewski, Tjandra and Clore' 
2 'structure calculation'     'X-PLOR NIH'              ? 'Schwieters, Kuszewski, Tjandra and Clore' 
3 'chemical shift assignment' NMRView                   ? 'Johnson, One Moon Scientific' 
4 'data analysis'             'PROCHECK / PROCHECK-NMR' ? 
'Laskowski, MacArthur, Smith, Jones, Hutchinson, Morris, Moss and Thornton' 
5 'data analysis'             QUEEN                     ? 'Nabuurs, Spronk, Krieger, Maassen, Vriend and Vuister' 
# 
loop_
_chem_comp_atom.comp_id 
_chem_comp_atom.atom_id 
_chem_comp_atom.type_symbol 
_chem_comp_atom.pdbx_aromatic_flag 
_chem_comp_atom.pdbx_stereo_config 
_chem_comp_atom.pdbx_ordinal 
ALA N    N N N 1   
ALA CA   C N S 2   
ALA C    C N N 3   
ALA O    O N N 4   
ALA CB   C N N 5   
ALA OXT  O N N 6   
ALA H    H N N 7   
ALA H2   H N N 8   
ALA HA   H N N 9   
ALA HB1  H N N 10  
ALA HB2  H N N 11  
ALA HB3  H N N 12  
ALA HXT  H N N 13  
ASP N    N N N 14  
ASP CA   C N S 15  
ASP C    C N N 16  
ASP O    O N N 17  
ASP CB   C N N 18  
ASP CG   C N N 19  
ASP OD1  O N N 20  
ASP OD2  O N N 21  
ASP OXT  O N N 22  
ASP H    H N N 23  
ASP H2   H N N 24  
ASP HA   H N N 25  
ASP HB2  H N N 26  
ASP HB3  H N N 27  
ASP HD2  H N N 28  
ASP HXT  H N N 29  
GLY N    N N N 30  
GLY CA   C N N 31  
GLY C    C N N 32  
GLY O    O N N 33  
GLY OXT  O N N 34  
GLY H    H N N 35  
GLY H2   H N N 36  
GLY HA2  H N N 37  
GLY HA3  H N N 38  
GLY HXT  H N N 39  
ILE N    N N N 40  
ILE CA   C N S 41  
ILE C    C N N 42  
ILE O    O N N 43  
ILE CB   C N S 44  
ILE CG1  C N N 45  
ILE CG2  C N N 46  
ILE CD1  C N N 47  
ILE OXT  O N N 48  
ILE H    H N N 49  
ILE H2   H N N 50  
ILE HA   H N N 51  
ILE HB   H N N 52  
ILE HG12 H N N 53  
ILE HG13 H N N 54  
ILE HG21 H N N 55  
ILE HG22 H N N 56  
ILE HG23 H N N 57  
ILE HD11 H N N 58  
ILE HD12 H N N 59  
ILE HD13 H N N 60  
ILE HXT  H N N 61  
LEU N    N N N 62  
LEU CA   C N S 63  
LEU C    C N N 64  
LEU O    O N N 65  
LEU CB   C N N 66  
LEU CG   C N N 67  
LEU CD1  C N N 68  
LEU CD2  C N N 69  
LEU OXT  O N N 70  
LEU H    H N N 71  
LEU H2   H N N 72  
LEU HA   H N N 73  
LEU HB2  H N N 74  
LEU HB3  H N N 75  
LEU HG   H N N 76  
LEU HD11 H N N 77  
LEU HD12 H N N 78  
LEU HD13 H N N 79  
LEU HD21 H N N 80  
LEU HD22 H N N 81  
LEU HD23 H N N 82  
LEU HXT  H N N 83  
LYS N    N N N 84  
LYS CA   C N S 85  
LYS C    C N N 86  
LYS O    O N N 87  
LYS CB   C N N 88  
LYS CG   C N N 89  
LYS CD   C N N 90  
LYS CE   C N N 91  
LYS NZ   N N N 92  
LYS OXT  O N N 93  
LYS H    H N N 94  
LYS H2   H N N 95  
LYS HA   H N N 96  
LYS HB2  H N N 97  
LYS HB3  H N N 98  
LYS HG2  H N N 99  
LYS HG3  H N N 100 
LYS HD2  H N N 101 
LYS HD3  H N N 102 
LYS HE2  H N N 103 
LYS HE3  H N N 104 
LYS HZ1  H N N 105 
LYS HZ2  H N N 106 
LYS HZ3  H N N 107 
LYS HXT  H N N 108 
NH2 N    N N N 109 
NH2 HN1  H N N 110 
NH2 HN2  H N N 111 
# 
loop_
_chem_comp_bond.comp_id 
_chem_comp_bond.atom_id_1 
_chem_comp_bond.atom_id_2 
_chem_comp_bond.value_order 
_chem_comp_bond.pdbx_aromatic_flag 
_chem_comp_bond.pdbx_stereo_config 
_chem_comp_bond.pdbx_ordinal 
ALA N   CA   sing N N 1   
ALA N   H    sing N N 2   
ALA N   H2   sing N N 3   
ALA CA  C    sing N N 4   
ALA CA  CB   sing N N 5   
ALA CA  HA   sing N N 6   
ALA C   O    doub N N 7   
ALA C   OXT  sing N N 8   
ALA CB  HB1  sing N N 9   
ALA CB  HB2  sing N N 10  
ALA CB  HB3  sing N N 11  
ALA OXT HXT  sing N N 12  
ASP N   CA   sing N N 13  
ASP N   H    sing N N 14  
ASP N   H2   sing N N 15  
ASP CA  C    sing N N 16  
ASP CA  CB   sing N N 17  
ASP CA  HA   sing N N 18  
ASP C   O    doub N N 19  
ASP C   OXT  sing N N 20  
ASP CB  CG   sing N N 21  
ASP CB  HB2  sing N N 22  
ASP CB  HB3  sing N N 23  
ASP CG  OD1  doub N N 24  
ASP CG  OD2  sing N N 25  
ASP OD2 HD2  sing N N 26  
ASP OXT HXT  sing N N 27  
GLY N   CA   sing N N 28  
GLY N   H    sing N N 29  
GLY N   H2   sing N N 30  
GLY CA  C    sing N N 31  
GLY CA  HA2  sing N N 32  
GLY CA  HA3  sing N N 33  
GLY C   O    doub N N 34  
GLY C   OXT  sing N N 35  
GLY OXT HXT  sing N N 36  
ILE N   CA   sing N N 37  
ILE N   H    sing N N 38  
ILE N   H2   sing N N 39  
ILE CA  C    sing N N 40  
ILE CA  CB   sing N N 41  
ILE CA  HA   sing N N 42  
ILE C   O    doub N N 43  
ILE C   OXT  sing N N 44  
ILE CB  CG1  sing N N 45  
ILE CB  CG2  sing N N 46  
ILE CB  HB   sing N N 47  
ILE CG1 CD1  sing N N 48  
ILE CG1 HG12 sing N N 49  
ILE CG1 HG13 sing N N 50  
ILE CG2 HG21 sing N N 51  
ILE CG2 HG22 sing N N 52  
ILE CG2 HG23 sing N N 53  
ILE CD1 HD11 sing N N 54  
ILE CD1 HD12 sing N N 55  
ILE CD1 HD13 sing N N 56  
ILE OXT HXT  sing N N 57  
LEU N   CA   sing N N 58  
LEU N   H    sing N N 59  
LEU N   H2   sing N N 60  
LEU CA  C    sing N N 61  
LEU CA  CB   sing N N 62  
LEU CA  HA   sing N N 63  
LEU C   O    doub N N 64  
LEU C   OXT  sing N N 65  
LEU CB  CG   sing N N 66  
LEU CB  HB2  sing N N 67  
LEU CB  HB3  sing N N 68  
LEU CG  CD1  sing N N 69  
LEU CG  CD2  sing N N 70  
LEU CG  HG   sing N N 71  
LEU CD1 HD11 sing N N 72  
LEU CD1 HD12 sing N N 73  
LEU CD1 HD13 sing N N 74  
LEU CD2 HD21 sing N N 75  
LEU CD2 HD22 sing N N 76  
LEU CD2 HD23 sing N N 77  
LEU OXT HXT  sing N N 78  
LYS N   CA   sing N N 79  
LYS N   H    sing N N 80  
LYS N   H2   sing N N 81  
LYS CA  C    sing N N 82  
LYS CA  CB   sing N N 83  
LYS CA  HA   sing N N 84  
LYS C   O    doub N N 85  
LYS C   OXT  sing N N 86  
LYS CB  CG   sing N N 87  
LYS CB  HB2  sing N N 88  
LYS CB  HB3  sing N N 89  
LYS CG  CD   sing N N 90  
LYS CG  HG2  sing N N 91  
LYS CG  HG3  sing N N 92  
LYS CD  CE   sing N N 93  
LYS CD  HD2  sing N N 94  
LYS CD  HD3  sing N N 95  
LYS CE  NZ   sing N N 96  
LYS CE  HE2  sing N N 97  
LYS CE  HE3  sing N N 98  
LYS NZ  HZ1  sing N N 99  
LYS NZ  HZ2  sing N N 100 
LYS NZ  HZ3  sing N N 101 
LYS OXT HXT  sing N N 102 
NH2 N   HN1  sing N N 103 
NH2 N   HN2  sing N N 104 
# 
loop_
_pdbx_audit_support.funding_organization 
_pdbx_audit_support.country 
_pdbx_audit_support.grant_number 
_pdbx_audit_support.ordinal 
'Minas Gerais State Agency for Research and Development (FAPEMIG)'               Brazil ? 1 
'Brazilian National Council for Scientific and Technological Development (CNPq)' Brazil ? 2 
# 
_pdbx_nmr_spectrometer.spectrometer_id   1 
_pdbx_nmr_spectrometer.model             'AVANCE III' 
_pdbx_nmr_spectrometer.type              ? 
_pdbx_nmr_spectrometer.manufacturer      Bruker 
_pdbx_nmr_spectrometer.field_strength    500 
_pdbx_nmr_spectrometer.details           ? 
# 
_atom_sites.entry_id                    6WPD 
_atom_sites.Cartn_transf_matrix[1][1]   ? 
_atom_sites.Cartn_transf_matrix[1][2]   ? 
_atom_sites.Cartn_transf_matrix[1][3]   ? 
_atom_sites.Cartn_transf_matrix[2][1]   ? 
_atom_sites.Cartn_transf_matrix[2][2]   ? 
_atom_sites.Cartn_transf_matrix[2][3]   ? 
_atom_sites.Cartn_transf_matrix[3][1]   ? 
_atom_sites.Cartn_transf_matrix[3][2]   ? 
_atom_sites.Cartn_transf_matrix[3][3]   ? 
_atom_sites.Cartn_transf_vector[1]      ? 
_atom_sites.Cartn_transf_vector[2]      ? 
_atom_sites.Cartn_transf_vector[3]      ? 
_atom_sites.fract_transf_matrix[1][1]   1.000000 
_atom_sites.fract_transf_matrix[1][2]   0.000000 
_atom_sites.fract_transf_matrix[1][3]   0.000000 
_atom_sites.fract_transf_matrix[2][1]   0.000000 
_atom_sites.fract_transf_matrix[2][2]   1.000000 
_atom_sites.fract_transf_matrix[2][3]   0.000000 
_atom_sites.fract_transf_matrix[3][1]   0.000000 
_atom_sites.fract_transf_matrix[3][2]   0.000000 
_atom_sites.fract_transf_matrix[3][3]   1.000000 
_atom_sites.fract_transf_vector[1]      0.00000 
_atom_sites.fract_transf_vector[2]      0.00000 
_atom_sites.fract_transf_vector[3]      0.00000 
_atom_sites.solution_primary            ? 
_atom_sites.solution_secondary          ? 
_atom_sites.solution_hydrogens          ? 
_atom_sites.special_details             ? 
# 
loop_
_atom_type.symbol 
C 
H 
N 
O 
# 
loop_
_atom_site.group_PDB 
_atom_site.id 
_atom_site.type_symbol 
_atom_site.label_atom_id 
_atom_site.label_alt_id 
_atom_site.label_comp_id 
_atom_site.label_asym_id 
_atom_site.label_entity_id 
_atom_site.label_seq_id 
_atom_site.pdbx_PDB_ins_code 
_atom_site.Cartn_x 
_atom_site.Cartn_y 
_atom_site.Cartn_z 
_atom_site.occupancy 
_atom_site.B_iso_or_equiv 
_atom_site.pdbx_formal_charge 
_atom_site.auth_seq_id 
_atom_site.auth_comp_id 
_atom_site.auth_asym_id 
_atom_site.auth_atom_id 
_atom_site.pdbx_PDB_model_num 
ATOM   1    N N    . GLY A 1 1  ? -1.922 0.160  9.460   1.00 0.00 ? 1  GLY A N    1  
ATOM   2    C CA   . GLY A 1 1  ? -2.470 -1.222 9.447   1.00 0.00 ? 1  GLY A CA   1  
ATOM   3    C C    . GLY A 1 1  ? -1.364 -2.214 9.117   1.00 0.00 ? 1  GLY A C    1  
ATOM   4    O O    . GLY A 1 1  ? -0.241 -2.101 9.611   1.00 0.00 ? 1  GLY A O    1  
ATOM   5    H H1   . GLY A 1 1  ? -1.573 0.405  8.514   1.00 0.00 ? 1  GLY A H1   1  
ATOM   6    H H2   . GLY A 1 1  ? -1.140 0.217  10.146  1.00 0.00 ? 1  GLY A H2   1  
ATOM   7    H H3   . GLY A 1 1  ? -2.671 0.827  9.734   1.00 0.00 ? 1  GLY A H3   1  
ATOM   8    H HA2  . GLY A 1 1  ? -2.886 -1.455 10.416  1.00 0.00 ? 1  GLY A HA2  1  
ATOM   9    H HA3  . GLY A 1 1  ? -3.243 -1.295 8.696   1.00 0.00 ? 1  GLY A HA3  1  
ATOM   10   N N    . ILE A 1 2  ? -1.697 -3.182 8.271   1.00 0.00 ? 2  ILE A N    1  
ATOM   11   C CA   . ILE A 1 2  ? -0.749 -4.197 7.860   1.00 0.00 ? 2  ILE A CA   1  
ATOM   12   C C    . ILE A 1 2  ? 0.148  -3.635 6.768   1.00 0.00 ? 2  ILE A C    1  
ATOM   13   O O    . ILE A 1 2  ? -0.322 -2.970 5.841   1.00 0.00 ? 2  ILE A O    1  
ATOM   14   C CB   . ILE A 1 2  ? -1.513 -5.422 7.352   1.00 0.00 ? 2  ILE A CB   1  
ATOM   15   C CG1  . ILE A 1 2  ? -2.658 -5.735 8.326   1.00 0.00 ? 2  ILE A CG1  1  
ATOM   16   C CG2  . ILE A 1 2  ? -0.577 -6.631 7.250   1.00 0.00 ? 2  ILE A CG2  1  
ATOM   17   C CD1  . ILE A 1 2  ? -2.121 -5.868 9.757   1.00 0.00 ? 2  ILE A CD1  1  
ATOM   18   H H    . ILE A 1 2  ? -2.602 -3.211 7.910   1.00 0.00 ? 2  ILE A H    1  
ATOM   19   H HA   . ILE A 1 2  ? -0.139 -4.483 8.705   1.00 0.00 ? 2  ILE A HA   1  
ATOM   20   H HB   . ILE A 1 2  ? -1.923 -5.206 6.375   1.00 0.00 ? 2  ILE A HB   1  
ATOM   21   H HG12 . ILE A 1 2  ? -3.382 -4.936 8.290   1.00 0.00 ? 2  ILE A HG12 1  
ATOM   22   H HG13 . ILE A 1 2  ? -3.132 -6.661 8.036   1.00 0.00 ? 2  ILE A HG13 1  
ATOM   23   H HG21 . ILE A 1 2  ? -1.119 -7.470 6.839   1.00 0.00 ? 2  ILE A HG21 1  
ATOM   24   H HG22 . ILE A 1 2  ? -0.208 -6.887 8.233   1.00 0.00 ? 2  ILE A HG22 1  
ATOM   25   H HG23 . ILE A 1 2  ? 0.254  -6.391 6.604   1.00 0.00 ? 2  ILE A HG23 1  
ATOM   26   H HD11 . ILE A 1 2  ? -1.942 -4.885 10.166  1.00 0.00 ? 2  ILE A HD11 1  
ATOM   27   H HD12 . ILE A 1 2  ? -1.200 -6.429 9.754   1.00 0.00 ? 2  ILE A HD12 1  
ATOM   28   H HD13 . ILE A 1 2  ? -2.853 -6.381 10.365  1.00 0.00 ? 2  ILE A HD13 1  
ATOM   29   N N    . LEU A 1 3  ? 1.442  -3.889 6.902   1.00 0.00 ? 3  LEU A N    1  
ATOM   30   C CA   . LEU A 1 3  ? 2.422  -3.394 5.944   1.00 0.00 ? 3  LEU A CA   1  
ATOM   31   C C    . LEU A 1 3  ? 1.992  -3.710 4.523   1.00 0.00 ? 3  LEU A C    1  
ATOM   32   O O    . LEU A 1 3  ? 2.265  -2.953 3.593   1.00 0.00 ? 3  LEU A O    1  
ATOM   33   C CB   . LEU A 1 3  ? 3.777  -4.044 6.222   1.00 0.00 ? 3  LEU A CB   1  
ATOM   34   C CG   . LEU A 1 3  ? 4.360  -3.494 7.532   1.00 0.00 ? 3  LEU A CG   1  
ATOM   35   C CD1  . LEU A 1 3  ? 5.531  -4.375 7.984   1.00 0.00 ? 3  LEU A CD1  1  
ATOM   36   C CD2  . LEU A 1 3  ? 4.843  -2.039 7.346   1.00 0.00 ? 3  LEU A CD2  1  
ATOM   37   H H    . LEU A 1 3  ? 1.748  -4.408 7.672   1.00 0.00 ? 3  LEU A H    1  
ATOM   38   H HA   . LEU A 1 3  ? 2.517  -2.329 6.050   1.00 0.00 ? 3  LEU A HA   1  
ATOM   39   H HB2  . LEU A 1 3  ? 3.643  -5.115 6.312   1.00 0.00 ? 3  LEU A HB2  1  
ATOM   40   H HB3  . LEU A 1 3  ? 4.447  -3.839 5.404   1.00 0.00 ? 3  LEU A HB3  1  
ATOM   41   H HG   . LEU A 1 3  ? 3.591  -3.519 8.290   1.00 0.00 ? 3  LEU A HG   1  
ATOM   42   H HD11 . LEU A 1 3  ? 5.154  -5.329 8.321   1.00 0.00 ? 3  LEU A HD11 1  
ATOM   43   H HD12 . LEU A 1 3  ? 6.053  -3.888 8.795   1.00 0.00 ? 3  LEU A HD12 1  
ATOM   44   H HD13 . LEU A 1 3  ? 6.211  -4.526 7.159   1.00 0.00 ? 3  LEU A HD13 1  
ATOM   45   H HD21 . LEU A 1 3  ? 4.017  -1.363 7.509   1.00 0.00 ? 3  LEU A HD21 1  
ATOM   46   H HD22 . LEU A 1 3  ? 5.229  -1.899 6.348   1.00 0.00 ? 3  LEU A HD22 1  
ATOM   47   H HD23 . LEU A 1 3  ? 5.625  -1.819 8.063   1.00 0.00 ? 3  LEU A HD23 1  
ATOM   48   N N    . ASP A 1 4  ? 1.324  -4.835 4.374   1.00 0.00 ? 4  ASP A N    1  
ATOM   49   C CA   . ASP A 1 4  ? 0.855  -5.274 3.065   1.00 0.00 ? 4  ASP A CA   1  
ATOM   50   C C    . ASP A 1 4  ? -0.150 -4.282 2.484   1.00 0.00 ? 4  ASP A C    1  
ATOM   51   O O    . ASP A 1 4  ? -0.112 -3.969 1.293   1.00 0.00 ? 4  ASP A O    1  
ATOM   52   C CB   . ASP A 1 4  ? 0.201  -6.650 3.195   1.00 0.00 ? 4  ASP A CB   1  
ATOM   53   C CG   . ASP A 1 4  ? 1.269  -7.710 3.439   1.00 0.00 ? 4  ASP A CG   1  
ATOM   54   O OD1  . ASP A 1 4  ? 2.427  -7.427 3.180   1.00 0.00 ? 4  ASP A OD1  1  
ATOM   55   O OD2  . ASP A 1 4  ? 0.914  -8.789 3.887   1.00 0.00 ? 4  ASP A OD2  1  
ATOM   56   H H    . ASP A 1 4  ? 1.146  -5.385 5.162   1.00 0.00 ? 4  ASP A H    1  
ATOM   57   H HA   . ASP A 1 4  ? 1.697  -5.349 2.395   1.00 0.00 ? 4  ASP A HA   1  
ATOM   58   H HB2  . ASP A 1 4  ? -0.491 -6.640 4.026   1.00 0.00 ? 4  ASP A HB2  1  
ATOM   59   H HB3  . ASP A 1 4  ? -0.334 -6.880 2.287   1.00 0.00 ? 4  ASP A HB3  1  
ATOM   60   N N    . ALA A 1 5  ? -1.049 -3.803 3.337   1.00 0.00 ? 5  ALA A N    1  
ATOM   61   C CA   . ALA A 1 5  ? -2.077 -2.853 2.913   1.00 0.00 ? 5  ALA A CA   1  
ATOM   62   C C    . ALA A 1 5  ? -1.455 -1.526 2.489   1.00 0.00 ? 5  ALA A C    1  
ATOM   63   O O    . ALA A 1 5  ? -1.869 -0.917 1.505   1.00 0.00 ? 5  ALA A O    1  
ATOM   64   C CB   . ALA A 1 5  ? -3.053 -2.606 4.067   1.00 0.00 ? 5  ALA A CB   1  
ATOM   65   H H    . ALA A 1 5  ? -1.022 -4.100 4.268   1.00 0.00 ? 5  ALA A H    1  
ATOM   66   H HA   . ALA A 1 5  ? -2.621 -3.272 2.080   1.00 0.00 ? 5  ALA A HA   1  
ATOM   67   H HB1  . ALA A 1 5  ? -3.643 -3.494 4.239   1.00 0.00 ? 5  ALA A HB1  1  
ATOM   68   H HB2  . ALA A 1 5  ? -3.703 -1.782 3.820   1.00 0.00 ? 5  ALA A HB2  1  
ATOM   69   H HB3  . ALA A 1 5  ? -2.495 -2.368 4.961   1.00 0.00 ? 5  ALA A HB3  1  
ATOM   70   N N    . ILE A 1 6  ? -0.463 -1.090 3.254   1.00 0.00 ? 6  ILE A N    1  
ATOM   71   C CA   . ILE A 1 6  ? 0.229  0.169  2.988   1.00 0.00 ? 6  ILE A CA   1  
ATOM   72   C C    . ILE A 1 6  ? 0.946  0.122  1.643   1.00 0.00 ? 6  ILE A C    1  
ATOM   73   O O    . ILE A 1 6  ? 0.918  1.086  0.874   1.00 0.00 ? 6  ILE A O    1  
ATOM   74   C CB   . ILE A 1 6  ? 1.225  0.425  4.125   1.00 0.00 ? 6  ILE A CB   1  
ATOM   75   C CG1  . ILE A 1 6  ? 0.435  0.729  5.402   1.00 0.00 ? 6  ILE A CG1  1  
ATOM   76   C CG2  . ILE A 1 6  ? 2.140  1.611  3.793   1.00 0.00 ? 6  ILE A CG2  1  
ATOM   77   C CD1  . ILE A 1 6  ? 1.355  0.644  6.621   1.00 0.00 ? 6  ILE A CD1  1  
ATOM   78   H H    . ILE A 1 6  ? -0.191 -1.628 4.025   1.00 0.00 ? 6  ILE A H    1  
ATOM   79   H HA   . ILE A 1 6  ? -0.494 0.972  2.972   1.00 0.00 ? 6  ILE A HA   1  
ATOM   80   H HB   . ILE A 1 6  ? 1.823  -0.459 4.278   1.00 0.00 ? 6  ILE A HB   1  
ATOM   81   H HG12 . ILE A 1 6  ? 0.019  1.723  5.335   1.00 0.00 ? 6  ILE A HG12 1  
ATOM   82   H HG13 . ILE A 1 6  ? -0.366 0.012  5.510   1.00 0.00 ? 6  ILE A HG13 1  
ATOM   83   H HG21 . ILE A 1 6  ? 2.792  1.349  2.972   1.00 0.00 ? 6  ILE A HG21 1  
ATOM   84   H HG22 . ILE A 1 6  ? 2.739  1.851  4.659   1.00 0.00 ? 6  ILE A HG22 1  
ATOM   85   H HG23 . ILE A 1 6  ? 1.542  2.466  3.521   1.00 0.00 ? 6  ILE A HG23 1  
ATOM   86   H HD11 . ILE A 1 6  ? 1.522  -0.392 6.873   1.00 0.00 ? 6  ILE A HD11 1  
ATOM   87   H HD12 . ILE A 1 6  ? 0.889  1.147  7.455   1.00 0.00 ? 6  ILE A HD12 1  
ATOM   88   H HD13 . ILE A 1 6  ? 2.300  1.119  6.396   1.00 0.00 ? 6  ILE A HD13 1  
ATOM   89   N N    . LYS A 1 7  ? 1.597  -1.000 1.382   1.00 0.00 ? 7  LYS A N    1  
ATOM   90   C CA   . LYS A 1 7  ? 2.337  -1.191 0.145   1.00 0.00 ? 7  LYS A CA   1  
ATOM   91   C C    . LYS A 1 7  ? 1.405  -1.157 -1.061  1.00 0.00 ? 7  LYS A C    1  
ATOM   92   O O    . LYS A 1 7  ? 1.724  -0.555 -2.089  1.00 0.00 ? 7  LYS A O    1  
ATOM   93   C CB   . LYS A 1 7  ? 3.048  -2.540 0.212   1.00 0.00 ? 7  LYS A CB   1  
ATOM   94   C CG   . LYS A 1 7  ? 4.126  -2.518 1.311   1.00 0.00 ? 7  LYS A CG   1  
ATOM   95   C CD   . LYS A 1 7  ? 5.410  -1.892 0.771   1.00 0.00 ? 7  LYS A CD   1  
ATOM   96   C CE   . LYS A 1 7  ? 6.475  -1.867 1.863   1.00 0.00 ? 7  LYS A CE   1  
ATOM   97   N NZ   . LYS A 1 7  ? 7.717  -1.256 1.315   1.00 0.00 ? 7  LYS A NZ   1  
ATOM   98   H H    . LYS A 1 7  ? 1.586  -1.722 2.041   1.00 0.00 ? 7  LYS A H    1  
ATOM   99   H HA   . LYS A 1 7  ? 3.064  -0.412 0.046   1.00 0.00 ? 7  LYS A HA   1  
ATOM   100  H HB2  . LYS A 1 7  ? 2.325  -3.303 0.439   1.00 0.00 ? 7  LYS A HB2  1  
ATOM   101  H HB3  . LYS A 1 7  ? 3.506  -2.751 -0.738  1.00 0.00 ? 7  LYS A HB3  1  
ATOM   102  H HG2  . LYS A 1 7  ? 3.778  -1.934 2.145   1.00 0.00 ? 7  LYS A HG2  1  
ATOM   103  H HG3  . LYS A 1 7  ? 4.328  -3.527 1.637   1.00 0.00 ? 7  LYS A HG3  1  
ATOM   104  H HD2  . LYS A 1 7  ? 5.761  -2.479 -0.057  1.00 0.00 ? 7  LYS A HD2  1  
ATOM   105  H HD3  . LYS A 1 7  ? 5.219  -0.886 0.444   1.00 0.00 ? 7  LYS A HD3  1  
ATOM   106  H HE2  . LYS A 1 7  ? 6.124  -1.283 2.699   1.00 0.00 ? 7  LYS A HE2  1  
ATOM   107  H HE3  . LYS A 1 7  ? 6.683  -2.877 2.191   1.00 0.00 ? 7  LYS A HE3  1  
ATOM   108  H HZ1  . LYS A 1 7  ? 8.222  -0.753 2.070   1.00 0.00 ? 7  LYS A HZ1  1  
ATOM   109  H HZ2  . LYS A 1 7  ? 7.465  -0.587 0.557   1.00 0.00 ? 7  LYS A HZ2  1  
ATOM   110  H HZ3  . LYS A 1 7  ? 8.329  -2.001 0.927   1.00 0.00 ? 7  LYS A HZ3  1  
ATOM   111  N N    . ALA A 1 8  ? 0.262  -1.816 -0.926  1.00 0.00 ? 8  ALA A N    1  
ATOM   112  C CA   . ALA A 1 8  ? -0.716 -1.871 -2.008  1.00 0.00 ? 8  ALA A CA   1  
ATOM   113  C C    . ALA A 1 8  ? -1.239 -0.476 -2.340  1.00 0.00 ? 8  ALA A C    1  
ATOM   114  O O    . ALA A 1 8  ? -1.405 -0.122 -3.508  1.00 0.00 ? 8  ALA A O    1  
ATOM   115  C CB   . ALA A 1 8  ? -1.886 -2.765 -1.593  1.00 0.00 ? 8  ALA A CB   1  
ATOM   116  H H    . ALA A 1 8  ? 0.074  -2.279 -0.086  1.00 0.00 ? 8  ALA A H    1  
ATOM   117  H HA   . ALA A 1 8  ? -0.248 -2.293 -2.885  1.00 0.00 ? 8  ALA A HA   1  
ATOM   118  H HB1  . ALA A 1 8  ? -1.557 -3.793 -1.541  1.00 0.00 ? 8  ALA A HB1  1  
ATOM   119  H HB2  . ALA A 1 8  ? -2.682 -2.677 -2.317  1.00 0.00 ? 8  ALA A HB2  1  
ATOM   120  H HB3  . ALA A 1 8  ? -2.246 -2.455 -0.623  1.00 0.00 ? 8  ALA A HB3  1  
ATOM   121  N N    . ILE A 1 9  ? -1.499 0.304  -1.295  1.00 0.00 ? 9  ILE A N    1  
ATOM   122  C CA   . ILE A 1 9  ? -2.011 1.664  -1.450  1.00 0.00 ? 9  ILE A CA   1  
ATOM   123  C C    . ILE A 1 9  ? -0.997 2.548  -2.170  1.00 0.00 ? 9  ILE A C    1  
ATOM   124  O O    . ILE A 1 9  ? -1.354 3.335  -3.050  1.00 0.00 ? 9  ILE A O    1  
ATOM   125  C CB   . ILE A 1 9  ? -2.309 2.234  -0.059  1.00 0.00 ? 9  ILE A CB   1  
ATOM   126  C CG1  . ILE A 1 9  ? -3.498 1.481  0.543   1.00 0.00 ? 9  ILE A CG1  1  
ATOM   127  C CG2  . ILE A 1 9  ? -2.641 3.728  -0.153  1.00 0.00 ? 9  ILE A CG2  1  
ATOM   128  C CD1  . ILE A 1 9  ? -3.554 1.711  2.056   1.00 0.00 ? 9  ILE A CD1  1  
ATOM   129  H H    . ILE A 1 9  ? -1.346 -0.046 -0.394  1.00 0.00 ? 9  ILE A H    1  
ATOM   130  H HA   . ILE A 1 9  ? -2.929 1.634  -2.020  1.00 0.00 ? 9  ILE A HA   1  
ATOM   131  H HB   . ILE A 1 9  ? -1.448 2.099  0.570   1.00 0.00 ? 9  ILE A HB   1  
ATOM   132  H HG12 . ILE A 1 9  ? -4.407 1.841  0.094   1.00 0.00 ? 9  ILE A HG12 1  
ATOM   133  H HG13 . ILE A 1 9  ? -3.396 0.425  0.347   1.00 0.00 ? 9  ILE A HG13 1  
ATOM   134  H HG21 . ILE A 1 9  ? -3.355 3.892  -0.947  1.00 0.00 ? 9  ILE A HG21 1  
ATOM   135  H HG22 . ILE A 1 9  ? -1.740 4.286  -0.359  1.00 0.00 ? 9  ILE A HG22 1  
ATOM   136  H HG23 . ILE A 1 9  ? -3.063 4.062  0.785   1.00 0.00 ? 9  ILE A HG23 1  
ATOM   137  H HD11 . ILE A 1 9  ? -4.544 1.480  2.416   1.00 0.00 ? 9  ILE A HD11 1  
ATOM   138  H HD12 . ILE A 1 9  ? -3.321 2.744  2.277   1.00 0.00 ? 9  ILE A HD12 1  
ATOM   139  H HD13 . ILE A 1 9  ? -2.835 1.068  2.543   1.00 0.00 ? 9  ILE A HD13 1  
ATOM   140  N N    . ALA A 1 10 ? 0.263  2.416  -1.775  1.00 0.00 ? 10 ALA A N    1  
ATOM   141  C CA   . ALA A 1 10 ? 1.337  3.207  -2.366  1.00 0.00 ? 10 ALA A CA   1  
ATOM   142  C C    . ALA A 1 10 ? 1.504  2.880  -3.846  1.00 0.00 ? 10 ALA A C    1  
ATOM   143  O O    . ALA A 1 10 ? 1.742  3.762  -4.671  1.00 0.00 ? 10 ALA A O    1  
ATOM   144  C CB   . ALA A 1 10 ? 2.651  2.927  -1.632  1.00 0.00 ? 10 ALA A CB   1  
ATOM   145  H H    . ALA A 1 10 ? 0.474  1.778  -1.064  1.00 0.00 ? 10 ALA A H    1  
ATOM   146  H HA   . ALA A 1 10 ? 1.097  4.251  -2.264  1.00 0.00 ? 10 ALA A HA   1  
ATOM   147  H HB1  . ALA A 1 10 ? 2.527  3.131  -0.577  1.00 0.00 ? 10 ALA A HB1  1  
ATOM   148  H HB2  . ALA A 1 10 ? 3.429  3.560  -2.031  1.00 0.00 ? 10 ALA A HB2  1  
ATOM   149  H HB3  . ALA A 1 10 ? 2.923  1.892  -1.769  1.00 0.00 ? 10 ALA A HB3  1  
ATOM   150  N N    . LYS A 1 11 ? 1.388  1.600  -4.163  1.00 0.00 ? 11 LYS A N    1  
ATOM   151  C CA   . LYS A 1 11 ? 1.534  1.132  -5.533  1.00 0.00 ? 11 LYS A CA   1  
ATOM   152  C C    . LYS A 1 11 ? 0.464  1.724  -6.439  1.00 0.00 ? 11 LYS A C    1  
ATOM   153  O O    . LYS A 1 11 ? 0.743  2.131  -7.568  1.00 0.00 ? 11 LYS A O    1  
ATOM   154  C CB   . LYS A 1 11 ? 1.426  -0.384 -5.543  1.00 0.00 ? 11 LYS A CB   1  
ATOM   155  C CG   . LYS A 1 11 ? 2.706  -1.006 -4.963  1.00 0.00 ? 11 LYS A CG   1  
ATOM   156  C CD   . LYS A 1 11 ? 3.746  -1.208 -6.063  1.00 0.00 ? 11 LYS A CD   1  
ATOM   157  C CE   . LYS A 1 11 ? 5.080  -1.589 -5.426  1.00 0.00 ? 11 LYS A CE   1  
ATOM   158  N NZ   . LYS A 1 11 ? 4.944  -2.902 -4.732  1.00 0.00 ? 11 LYS A NZ   1  
ATOM   159  H H    . LYS A 1 11 ? 1.206  0.951  -3.455  1.00 0.00 ? 11 LYS A H    1  
ATOM   160  H HA   . LYS A 1 11 ? 2.500  1.407  -5.895  1.00 0.00 ? 11 LYS A HA   1  
ATOM   161  H HB2  . LYS A 1 11 ? 0.585  -0.666 -4.936  1.00 0.00 ? 11 LYS A HB2  1  
ATOM   162  H HB3  . LYS A 1 11 ? 1.274  -0.733 -6.551  1.00 0.00 ? 11 LYS A HB3  1  
ATOM   163  H HG2  . LYS A 1 11 ? 3.118  -0.355 -4.201  1.00 0.00 ? 11 LYS A HG2  1  
ATOM   164  H HG3  . LYS A 1 11 ? 2.473  -1.953 -4.526  1.00 0.00 ? 11 LYS A HG3  1  
ATOM   165  H HD2  . LYS A 1 11 ? 3.420  -1.997 -6.727  1.00 0.00 ? 11 LYS A HD2  1  
ATOM   166  H HD3  . LYS A 1 11 ? 3.863  -0.297 -6.619  1.00 0.00 ? 11 LYS A HD3  1  
ATOM   167  H HE2  . LYS A 1 11 ? 5.838  -1.661 -6.192  1.00 0.00 ? 11 LYS A HE2  1  
ATOM   168  H HE3  . LYS A 1 11 ? 5.362  -0.831 -4.710  1.00 0.00 ? 11 LYS A HE3  1  
ATOM   169  H HZ1  . LYS A 1 11 ? 5.820  -3.450 -4.851  1.00 0.00 ? 11 LYS A HZ1  1  
ATOM   170  H HZ2  . LYS A 1 11 ? 4.146  -3.429 -5.143  1.00 0.00 ? 11 LYS A HZ2  1  
ATOM   171  H HZ3  . LYS A 1 11 ? 4.773  -2.743 -3.720  1.00 0.00 ? 11 LYS A HZ3  1  
ATOM   172  N N    . ALA A 1 12 ? -0.760 1.756  -5.932  1.00 0.00 ? 12 ALA A N    1  
ATOM   173  C CA   . ALA A 1 12 ? -1.882 2.289  -6.690  1.00 0.00 ? 12 ALA A CA   1  
ATOM   174  C C    . ALA A 1 12 ? -1.688 3.780  -6.946  1.00 0.00 ? 12 ALA A C    1  
ATOM   175  O O    . ALA A 1 12 ? -2.023 4.290  -8.016  1.00 0.00 ? 12 ALA A O    1  
ATOM   176  C CB   . ALA A 1 12 ? -3.180 2.074  -5.909  1.00 0.00 ? 12 ALA A CB   1  
ATOM   177  H H    . ALA A 1 12 ? -0.912 1.409  -5.031  1.00 0.00 ? 12 ALA A H    1  
ATOM   178  H HA   . ALA A 1 12 ? -1.952 1.772  -7.635  1.00 0.00 ? 12 ALA A HA   1  
ATOM   179  H HB1  . ALA A 1 12 ? -4.017 2.425  -6.493  1.00 0.00 ? 12 ALA A HB1  1  
ATOM   180  H HB2  . ALA A 1 12 ? -3.134 2.625  -4.981  1.00 0.00 ? 12 ALA A HB2  1  
ATOM   181  H HB3  . ALA A 1 12 ? -3.304 1.021  -5.695  1.00 0.00 ? 12 ALA A HB3  1  
ATOM   182  N N    . ALA A 1 13 ? -1.155 4.470  -5.941  1.00 0.00 ? 13 ALA A N    1  
ATOM   183  C CA   . ALA A 1 13 ? -0.924 5.908  -6.030  1.00 0.00 ? 13 ALA A CA   1  
ATOM   184  C C    . ALA A 1 13 ? 0.075  6.247  -7.131  1.00 0.00 ? 13 ALA A C    1  
ATOM   185  O O    . ALA A 1 13 ? -0.077 7.245  -7.835  1.00 0.00 ? 13 ALA A O    1  
ATOM   186  C CB   . ALA A 1 13 ? -0.400 6.437  -4.692  1.00 0.00 ? 13 ALA A CB   1  
ATOM   187  H H    . ALA A 1 13 ? -0.924 3.999  -5.113  1.00 0.00 ? 13 ALA A H    1  
ATOM   188  H HA   . ALA A 1 13 ? -1.860 6.395  -6.251  1.00 0.00 ? 13 ALA A HA   1  
ATOM   189  H HB1  . ALA A 1 13 ? -1.030 6.079  -3.891  1.00 0.00 ? 13 ALA A HB1  1  
ATOM   190  H HB2  . ALA A 1 13 ? -0.406 7.516  -4.704  1.00 0.00 ? 13 ALA A HB2  1  
ATOM   191  H HB3  . ALA A 1 13 ? 0.610  6.084  -4.539  1.00 0.00 ? 13 ALA A HB3  1  
ATOM   192  N N    . GLY A 1 14 ? 1.095  5.413  -7.271  1.00 0.00 ? 14 GLY A N    1  
ATOM   193  C CA   . GLY A 1 14 ? 2.118  5.634  -8.286  1.00 0.00 ? 14 GLY A CA   1  
ATOM   194  C C    . GLY A 1 14 ? 2.824  6.968  -8.068  1.00 0.00 ? 14 GLY A C    1  
ATOM   195  O O    . GLY A 1 14 ? 2.220  8.030  -8.227  1.00 0.00 ? 14 GLY A O    1  
ATOM   196  H H    . GLY A 1 14 ? 1.160  4.639  -6.679  1.00 0.00 ? 14 GLY A H    1  
ATOM   197  H HA2  . GLY A 1 14 ? 2.844  4.837  -8.237  1.00 0.00 ? 14 GLY A HA2  1  
ATOM   198  H HA3  . GLY A 1 14 ? 1.656  5.636  -9.261  1.00 0.00 ? 14 GLY A HA3  1  
HETATM 199  N N    . NH2 A 1 15 ? 4.078  6.980  -7.708  1.00 0.00 ? 15 NH2 A N    1  
HETATM 200  H HN1  . NH2 A 1 15 ? 4.559  6.136  -7.582  1.00 0.00 ? 15 NH2 A HN1  1  
HETATM 201  H HN2  . NH2 A 1 15 ? 4.539  7.833  -7.561  1.00 0.00 ? 15 NH2 A HN2  1  
ATOM   202  N N    . GLY A 1 1  ? -1.682 -0.040 10.500  1.00 0.00 ? 1  GLY A N    2  
ATOM   203  C CA   . GLY A 1 1  ? -2.250 -1.052 9.568   1.00 0.00 ? 1  GLY A CA   2  
ATOM   204  C C    . GLY A 1 1  ? -1.177 -2.071 9.207   1.00 0.00 ? 1  GLY A C    2  
ATOM   205  O O    . GLY A 1 1  ? -0.039 -1.978 9.659   1.00 0.00 ? 1  GLY A O    2  
ATOM   206  H H1   . GLY A 1 1  ? -2.319 0.779  10.551  1.00 0.00 ? 1  GLY A H1   2  
ATOM   207  H H2   . GLY A 1 1  ? -0.749 0.264  10.154  1.00 0.00 ? 1  GLY A H2   2  
ATOM   208  H H3   . GLY A 1 1  ? -1.582 -0.459 11.446  1.00 0.00 ? 1  GLY A H3   2  
ATOM   209  H HA2  . GLY A 1 1  ? -3.080 -1.555 10.044  1.00 0.00 ? 1  GLY A HA2  2  
ATOM   210  H HA3  . GLY A 1 1  ? -2.595 -0.562 8.669   1.00 0.00 ? 1  GLY A HA3  2  
ATOM   211  N N    . ILE A 1 2  ? -1.551 -3.039 8.380   1.00 0.00 ? 2  ILE A N    2  
ATOM   212  C CA   . ILE A 1 2  ? -0.633 -4.073 7.939   1.00 0.00 ? 2  ILE A CA   2  
ATOM   213  C C    . ILE A 1 2  ? 0.230  -3.532 6.804   1.00 0.00 ? 2  ILE A C    2  
ATOM   214  O O    . ILE A 1 2  ? -0.261 -2.841 5.914   1.00 0.00 ? 2  ILE A O    2  
ATOM   215  C CB   . ILE A 1 2  ? -1.440 -5.289 7.481   1.00 0.00 ? 2  ILE A CB   2  
ATOM   216  C CG1  . ILE A 1 2  ? -2.287 -5.803 8.652   1.00 0.00 ? 2  ILE A CG1  2  
ATOM   217  C CG2  . ILE A 1 2  ? -0.498 -6.401 7.020   1.00 0.00 ? 2  ILE A CG2  2  
ATOM   218  C CD1  . ILE A 1 2  ? -3.335 -6.788 8.130   1.00 0.00 ? 2  ILE A CD1  2  
ATOM   219  H H    . ILE A 1 2  ? -2.467 -3.053 8.044   1.00 0.00 ? 2  ILE A H    2  
ATOM   220  H HA   . ILE A 1 2  ? 0.006  -4.363 8.762   1.00 0.00 ? 2  ILE A HA   2  
ATOM   221  H HB   . ILE A 1 2  ? -2.084 -5.001 6.667   1.00 0.00 ? 2  ILE A HB   2  
ATOM   222  H HG12 . ILE A 1 2  ? -1.649 -6.301 9.368   1.00 0.00 ? 2  ILE A HG12 2  
ATOM   223  H HG13 . ILE A 1 2  ? -2.783 -4.972 9.131   1.00 0.00 ? 2  ILE A HG13 2  
ATOM   224  H HG21 . ILE A 1 2  ? -1.046 -7.331 6.946   1.00 0.00 ? 2  ILE A HG21 2  
ATOM   225  H HG22 . ILE A 1 2  ? 0.305  -6.514 7.735   1.00 0.00 ? 2  ILE A HG22 2  
ATOM   226  H HG23 . ILE A 1 2  ? -0.090 -6.150 6.059   1.00 0.00 ? 2  ILE A HG23 2  
ATOM   227  H HD11 . ILE A 1 2  ? -4.022 -7.039 8.925   1.00 0.00 ? 2  ILE A HD11 2  
ATOM   228  H HD12 . ILE A 1 2  ? -2.845 -7.684 7.781   1.00 0.00 ? 2  ILE A HD12 2  
ATOM   229  H HD13 . ILE A 1 2  ? -3.881 -6.336 7.315   1.00 0.00 ? 2  ILE A HD13 2  
ATOM   230  N N    . LEU A 1 3  ? 1.517  -3.831 6.856   1.00 0.00 ? 3  LEU A N    2  
ATOM   231  C CA   . LEU A 1 3  ? 2.453  -3.353 5.840   1.00 0.00 ? 3  LEU A CA   2  
ATOM   232  C C    . LEU A 1 3  ? 1.982  -3.729 4.437   1.00 0.00 ? 3  LEU A C    2  
ATOM   233  O O    . LEU A 1 3  ? 2.233  -3.006 3.475   1.00 0.00 ? 3  LEU A O    2  
ATOM   234  C CB   . LEU A 1 3  ? 3.840  -3.967 6.101   1.00 0.00 ? 3  LEU A CB   2  
ATOM   235  C CG   . LEU A 1 3  ? 4.584  -3.142 7.154   1.00 0.00 ? 3  LEU A CG   2  
ATOM   236  C CD1  . LEU A 1 3  ? 3.763  -3.102 8.442   1.00 0.00 ? 3  LEU A CD1  2  
ATOM   237  C CD2  . LEU A 1 3  ? 5.947  -3.780 7.437   1.00 0.00 ? 3  LEU A CD2  2  
ATOM   238  H H    . LEU A 1 3  ? 1.853  -4.373 7.602   1.00 0.00 ? 3  LEU A H    2  
ATOM   239  H HA   . LEU A 1 3  ? 2.525  -2.278 5.907   1.00 0.00 ? 3  LEU A HA   2  
ATOM   240  H HB2  . LEU A 1 3  ? 3.720  -4.979 6.459   1.00 0.00 ? 3  LEU A HB2  2  
ATOM   241  H HB3  . LEU A 1 3  ? 4.409  -3.979 5.185   1.00 0.00 ? 3  LEU A HB3  2  
ATOM   242  H HG   . LEU A 1 3  ? 4.724  -2.137 6.786   1.00 0.00 ? 3  LEU A HG   2  
ATOM   243  H HD11 . LEU A 1 3  ? 4.381  -2.746 9.254   1.00 0.00 ? 3  LEU A HD11 2  
ATOM   244  H HD12 . LEU A 1 3  ? 3.404  -4.094 8.673   1.00 0.00 ? 3  LEU A HD12 2  
ATOM   245  H HD13 . LEU A 1 3  ? 2.922  -2.436 8.312   1.00 0.00 ? 3  LEU A HD13 2  
ATOM   246  H HD21 . LEU A 1 3  ? 6.444  -3.232 8.225   1.00 0.00 ? 3  LEU A HD21 2  
ATOM   247  H HD22 . LEU A 1 3  ? 6.551  -3.751 6.542   1.00 0.00 ? 3  LEU A HD22 2  
ATOM   248  H HD23 . LEU A 1 3  ? 5.808  -4.806 7.745   1.00 0.00 ? 3  LEU A HD23 2  
ATOM   249  N N    . ASP A 1 4  ? 1.313  -4.859 4.333   1.00 0.00 ? 4  ASP A N    2  
ATOM   250  C CA   . ASP A 1 4  ? 0.818  -5.341 3.041   1.00 0.00 ? 4  ASP A CA   2  
ATOM   251  C C    . ASP A 1 4  ? -0.196 -4.371 2.436   1.00 0.00 ? 4  ASP A C    2  
ATOM   252  O O    . ASP A 1 4  ? -0.138 -4.051 1.249   1.00 0.00 ? 4  ASP A O    2  
ATOM   253  C CB   . ASP A 1 4  ? 0.169  -6.717 3.237   1.00 0.00 ? 4  ASP A CB   2  
ATOM   254  C CG   . ASP A 1 4  ? -0.214 -7.334 1.894   1.00 0.00 ? 4  ASP A CG   2  
ATOM   255  O OD1  . ASP A 1 4  ? -0.106 -6.645 0.893   1.00 0.00 ? 4  ASP A OD1  2  
ATOM   256  O OD2  . ASP A 1 4  ? -0.610 -8.491 1.886   1.00 0.00 ? 4  ASP A OD2  2  
ATOM   257  H H    . ASP A 1 4  ? 1.145  -5.383 5.143   1.00 0.00 ? 4  ASP A H    2  
ATOM   258  H HA   . ASP A 1 4  ? 1.652  -5.445 2.362   1.00 0.00 ? 4  ASP A HA   2  
ATOM   259  H HB2  . ASP A 1 4  ? 0.864  -7.372 3.742   1.00 0.00 ? 4  ASP A HB2  2  
ATOM   260  H HB3  . ASP A 1 4  ? -0.719 -6.606 3.842   1.00 0.00 ? 4  ASP A HB3  2  
ATOM   261  N N    . ALA A 1 5  ? -1.122 -3.909 3.264   1.00 0.00 ? 5  ALA A N    2  
ATOM   262  C CA   . ALA A 1 5  ? -2.156 -2.976 2.814   1.00 0.00 ? 5  ALA A CA   2  
ATOM   263  C C    . ALA A 1 5  ? -1.551 -1.630 2.419   1.00 0.00 ? 5  ALA A C    2  
ATOM   264  O O    . ALA A 1 5  ? -1.957 -1.018 1.433   1.00 0.00 ? 5  ALA A O    2  
ATOM   265  C CB   . ALA A 1 5  ? -3.168 -2.762 3.946   1.00 0.00 ? 5  ALA A CB   2  
ATOM   266  H H    . ALA A 1 5  ? -1.114 -4.200 4.200   1.00 0.00 ? 5  ALA A H    2  
ATOM   267  H HA   . ALA A 1 5  ? -2.668 -3.397 1.964   1.00 0.00 ? 5  ALA A HA   2  
ATOM   268  H HB1  . ALA A 1 5  ? -3.768 -3.654 4.070   1.00 0.00 ? 5  ALA A HB1  2  
ATOM   269  H HB2  . ALA A 1 5  ? -3.810 -1.927 3.709   1.00 0.00 ? 5  ALA A HB2  2  
ATOM   270  H HB3  . ALA A 1 5  ? -2.637 -2.558 4.864   1.00 0.00 ? 5  ALA A HB3  2  
ATOM   271  N N    . ILE A 1 6  ? -0.583 -1.183 3.200   1.00 0.00 ? 6  ILE A N    2  
ATOM   272  C CA   . ILE A 1 6  ? 0.089  0.092  2.951   1.00 0.00 ? 6  ILE A CA   2  
ATOM   273  C C    . ILE A 1 6  ? 0.831  0.072  1.614   1.00 0.00 ? 6  ILE A C    2  
ATOM   274  O O    . ILE A 1 6  ? 0.782  1.030  0.846   1.00 0.00 ? 6  ILE A O    2  
ATOM   275  C CB   . ILE A 1 6  ? 1.064  0.351  4.103   1.00 0.00 ? 6  ILE A CB   2  
ATOM   276  C CG1  . ILE A 1 6  ? 0.258  0.608  5.378   1.00 0.00 ? 6  ILE A CG1  2  
ATOM   277  C CG2  . ILE A 1 6  ? 1.946  1.566  3.801   1.00 0.00 ? 6  ILE A CG2  2  
ATOM   278  C CD1  . ILE A 1 6  ? 1.172  0.533  6.602   1.00 0.00 ? 6  ILE A CD1  2  
ATOM   279  H H    . ILE A 1 6  ? -0.309 -1.725 3.972   1.00 0.00 ? 6  ILE A H    2  
ATOM   280  H HA   . ILE A 1 6  ? -0.647 0.880  2.931   1.00 0.00 ? 6  ILE A HA   2  
ATOM   281  H HB   . ILE A 1 6  ? 1.688  -0.519 4.242   1.00 0.00 ? 6  ILE A HB   2  
ATOM   282  H HG12 . ILE A 1 6  ? -0.190 1.588  5.324   1.00 0.00 ? 6  ILE A HG12 2  
ATOM   283  H HG13 . ILE A 1 6  ? -0.520 -0.137 5.467   1.00 0.00 ? 6  ILE A HG13 2  
ATOM   284  H HG21 . ILE A 1 6  ? 2.483  1.849  4.697   1.00 0.00 ? 6  ILE A HG21 2  
ATOM   285  H HG22 . ILE A 1 6  ? 1.329  2.389  3.478   1.00 0.00 ? 6  ILE A HG22 2  
ATOM   286  H HG23 . ILE A 1 6  ? 2.654  1.317  3.023   1.00 0.00 ? 6  ILE A HG23 2  
ATOM   287  H HD11 . ILE A 1 6  ? 2.108  1.029  6.387   1.00 0.00 ? 6  ILE A HD11 2  
ATOM   288  H HD12 . ILE A 1 6  ? 1.360  -0.500 6.845   1.00 0.00 ? 6  ILE A HD12 2  
ATOM   289  H HD13 . ILE A 1 6  ? 0.691  1.016  7.438   1.00 0.00 ? 6  ILE A HD13 2  
ATOM   290  N N    . LYS A 1 7  ? 1.512  -1.031 1.352   1.00 0.00 ? 7  LYS A N    2  
ATOM   291  C CA   . LYS A 1 7  ? 2.264  -1.195 0.116   1.00 0.00 ? 7  LYS A CA   2  
ATOM   292  C C    . LYS A 1 7  ? 1.345  -1.171 -1.103  1.00 0.00 ? 7  LYS A C    2  
ATOM   293  O O    . LYS A 1 7  ? 1.655  -0.554 -2.121  1.00 0.00 ? 7  LYS A O    2  
ATOM   294  C CB   . LYS A 1 7  ? 3.006  -2.530 0.186   1.00 0.00 ? 7  LYS A CB   2  
ATOM   295  C CG   . LYS A 1 7  ? 4.084  -2.477 1.283   1.00 0.00 ? 7  LYS A CG   2  
ATOM   296  C CD   . LYS A 1 7  ? 5.362  -1.857 0.724   1.00 0.00 ? 7  LYS A CD   2  
ATOM   297  C CE   . LYS A 1 7  ? 6.440  -1.815 1.804   1.00 0.00 ? 7  LYS A CE   2  
ATOM   298  N NZ   . LYS A 1 7  ? 7.658  -1.183 1.228   1.00 0.00 ? 7  LYS A NZ   2  
ATOM   299  H H    . LYS A 1 7  ? 1.508  -1.760 2.003   1.00 0.00 ? 7  LYS A H    2  
ATOM   300  H HA   . LYS A 1 7  ? 2.977  -0.404 0.031   1.00 0.00 ? 7  LYS A HA   2  
ATOM   301  H HB2  . LYS A 1 7  ? 2.301  -3.306 0.416   1.00 0.00 ? 7  LYS A HB2  2  
ATOM   302  H HB3  . LYS A 1 7  ? 3.466  -2.740 -0.766  1.00 0.00 ? 7  LYS A HB3  2  
ATOM   303  H HG2  . LYS A 1 7  ? 3.733  -1.876 2.103   1.00 0.00 ? 7  LYS A HG2  2  
ATOM   304  H HG3  . LYS A 1 7  ? 4.292  -3.476 1.635   1.00 0.00 ? 7  LYS A HG3  2  
ATOM   305  H HD2  . LYS A 1 7  ? 5.704  -2.451 -0.101  1.00 0.00 ? 7  LYS A HD2  2  
ATOM   306  H HD3  . LYS A 1 7  ? 5.165  -0.854 0.384   1.00 0.00 ? 7  LYS A HD3  2  
ATOM   307  H HE2  . LYS A 1 7  ? 6.088  -1.231 2.645   1.00 0.00 ? 7  LYS A HE2  2  
ATOM   308  H HE3  . LYS A 1 7  ? 6.670  -2.818 2.129   1.00 0.00 ? 7  LYS A HE3  2  
ATOM   309  H HZ1  . LYS A 1 7  ? 7.450  -0.854 0.264   1.00 0.00 ? 7  LYS A HZ1  2  
ATOM   310  H HZ2  . LYS A 1 7  ? 8.430  -1.880 1.199   1.00 0.00 ? 7  LYS A HZ2  2  
ATOM   311  H HZ3  . LYS A 1 7  ? 7.942  -0.373 1.814   1.00 0.00 ? 7  LYS A HZ3  2  
ATOM   312  N N    . ALA A 1 8  ? 0.215  -1.851 -0.985  1.00 0.00 ? 8  ALA A N    2  
ATOM   313  C CA   . ALA A 1 8  ? -0.754 -1.914 -2.076  1.00 0.00 ? 8  ALA A CA   2  
ATOM   314  C C    . ALA A 1 8  ? -1.300 -0.525 -2.407  1.00 0.00 ? 8  ALA A C    2  
ATOM   315  O O    . ALA A 1 8  ? -1.433 -0.159 -3.574  1.00 0.00 ? 8  ALA A O    2  
ATOM   316  C CB   . ALA A 1 8  ? -1.910 -2.828 -1.662  1.00 0.00 ? 8  ALA A CB   2  
ATOM   317  H H    . ALA A 1 8  ? 0.026  -2.321 -0.145  1.00 0.00 ? 8  ALA A H    2  
ATOM   318  H HA   . ALA A 1 8  ? -0.278 -2.326 -2.951  1.00 0.00 ? 8  ALA A HA   2  
ATOM   319  H HB1  . ALA A 1 8  ? -1.519 -3.780 -1.334  1.00 0.00 ? 8  ALA A HB1  2  
ATOM   320  H HB2  . ALA A 1 8  ? -2.573 -2.981 -2.501  1.00 0.00 ? 8  ALA A HB2  2  
ATOM   321  H HB3  . ALA A 1 8  ? -2.456 -2.367 -0.852  1.00 0.00 ? 8  ALA A HB3  2  
ATOM   322  N N    . ILE A 1 9  ? -1.606 0.235  -1.368  1.00 0.00 ? 9  ILE A N    2  
ATOM   323  C CA   . ILE A 1 9  ? -2.138 1.588  -1.528  1.00 0.00 ? 9  ILE A CA   2  
ATOM   324  C C    . ILE A 1 9  ? -1.126 2.504  -2.213  1.00 0.00 ? 9  ILE A C    2  
ATOM   325  O O    . ILE A 1 9  ? -1.472 3.281  -3.103  1.00 0.00 ? 9  ILE A O    2  
ATOM   326  C CB   . ILE A 1 9  ? -2.483 2.136  -0.141  1.00 0.00 ? 9  ILE A CB   2  
ATOM   327  C CG1  . ILE A 1 9  ? -3.668 1.355  0.421   1.00 0.00 ? 9  ILE A CG1  2  
ATOM   328  C CG2  . ILE A 1 9  ? -2.843 3.622  -0.218  1.00 0.00 ? 9  ILE A CG2  2  
ATOM   329  C CD1  . ILE A 1 9  ? -3.823 1.641  1.916   1.00 0.00 ? 9  ILE A CD1  2  
ATOM   330  H H    . ILE A 1 9  ? -1.470 -0.120 -0.463  1.00 0.00 ? 9  ILE A H    2  
ATOM   331  H HA   . ILE A 1 9  ? -3.037 1.548  -2.121  1.00 0.00 ? 9  ILE A HA   2  
ATOM   332  H HB   . ILE A 1 9  ? -1.638 2.008  0.510   1.00 0.00 ? 9  ILE A HB   2  
ATOM   333  H HG12 . ILE A 1 9  ? -4.559 1.655  -0.096  1.00 0.00 ? 9  ILE A HG12 2  
ATOM   334  H HG13 . ILE A 1 9  ? -3.505 0.298  0.274   1.00 0.00 ? 9  ILE A HG13 2  
ATOM   335  H HG21 . ILE A 1 9  ? -1.950 4.202  -0.406  1.00 0.00 ? 9  ILE A HG21 2  
ATOM   336  H HG22 . ILE A 1 9  ? -3.284 3.935  0.719   1.00 0.00 ? 9  ILE A HG22 2  
ATOM   337  H HG23 . ILE A 1 9  ? -3.550 3.780  -1.017  1.00 0.00 ? 9  ILE A HG23 2  
ATOM   338  H HD11 . ILE A 1 9  ? -4.811 1.347  2.236   1.00 0.00 ? 9  ILE A HD11 2  
ATOM   339  H HD12 . ILE A 1 9  ? -3.683 2.697  2.099   1.00 0.00 ? 9  ILE A HD12 2  
ATOM   340  H HD13 . ILE A 1 9  ? -3.085 1.079  2.467   1.00 0.00 ? 9  ILE A HD13 2  
ATOM   341  N N    . ALA A 1 10 ? 0.123  2.402  -1.787  1.00 0.00 ? 10 ALA A N    2  
ATOM   342  C CA   . ALA A 1 10 ? 1.195  3.221  -2.348  1.00 0.00 ? 10 ALA A CA   2  
ATOM   343  C C    . ALA A 1 10 ? 1.428  2.889  -3.820  1.00 0.00 ? 10 ALA A C    2  
ATOM   344  O O    . ALA A 1 10 ? 1.661  3.773  -4.643  1.00 0.00 ? 10 ALA A O    2  
ATOM   345  C CB   . ALA A 1 10 ? 2.486  2.971  -1.563  1.00 0.00 ? 10 ALA A CB   2  
ATOM   346  H H    . ALA A 1 10 ? 0.332  1.764  -1.074  1.00 0.00 ? 10 ALA A H    2  
ATOM   347  H HA   . ALA A 1 10 ? 0.927  4.257  -2.260  1.00 0.00 ? 10 ALA A HA   2  
ATOM   348  H HB1  . ALA A 1 10 ? 3.323  3.410  -2.087  1.00 0.00 ? 10 ALA A HB1  2  
ATOM   349  H HB2  . ALA A 1 10 ? 2.642  1.907  -1.464  1.00 0.00 ? 10 ALA A HB2  2  
ATOM   350  H HB3  . ALA A 1 10 ? 2.405  3.413  -0.580  1.00 0.00 ? 10 ALA A HB3  2  
ATOM   351  N N    . LYS A 1 11 ? 1.365  1.608  -4.132  1.00 0.00 ? 11 LYS A N    2  
ATOM   352  C CA   . LYS A 1 11 ? 1.572  1.134  -5.496  1.00 0.00 ? 11 LYS A CA   2  
ATOM   353  C C    . LYS A 1 11 ? 0.538  1.734  -6.446  1.00 0.00 ? 11 LYS A C    2  
ATOM   354  O O    . LYS A 1 11 ? 0.867  2.173  -7.548  1.00 0.00 ? 11 LYS A O    2  
ATOM   355  C CB   . LYS A 1 11 ? 1.449  -0.396 -5.501  1.00 0.00 ? 11 LYS A CB   2  
ATOM   356  C CG   . LYS A 1 11 ? 1.832  -0.980 -6.871  1.00 0.00 ? 11 LYS A CG   2  
ATOM   357  C CD   . LYS A 1 11 ? 3.351  -1.107 -6.972  1.00 0.00 ? 11 LYS A CD   2  
ATOM   358  C CE   . LYS A 1 11 ? 3.732  -1.810 -8.271  1.00 0.00 ? 11 LYS A CE   2  
ATOM   359  N NZ   . LYS A 1 11 ? 5.214  -1.938 -8.319  1.00 0.00 ? 11 LYS A NZ   2  
ATOM   360  H H    . LYS A 1 11 ? 1.178  0.960  -3.423  1.00 0.00 ? 11 LYS A H    2  
ATOM   361  H HA   . LYS A 1 11 ? 2.558  1.414  -5.820  1.00 0.00 ? 11 LYS A HA   2  
ATOM   362  H HB2  . LYS A 1 11 ? 2.094  -0.807 -4.739  1.00 0.00 ? 11 LYS A HB2  2  
ATOM   363  H HB3  . LYS A 1 11 ? 0.428  -0.667 -5.275  1.00 0.00 ? 11 LYS A HB3  2  
ATOM   364  H HG2  . LYS A 1 11 ? 1.380  -1.957 -6.982  1.00 0.00 ? 11 LYS A HG2  2  
ATOM   365  H HG3  . LYS A 1 11 ? 1.479  -0.338 -7.654  1.00 0.00 ? 11 LYS A HG3  2  
ATOM   366  H HD2  . LYS A 1 11 ? 3.799  -0.128 -6.954  1.00 0.00 ? 11 LYS A HD2  2  
ATOM   367  H HD3  . LYS A 1 11 ? 3.712  -1.681 -6.141  1.00 0.00 ? 11 LYS A HD3  2  
ATOM   368  H HE2  . LYS A 1 11 ? 3.278  -2.789 -8.300  1.00 0.00 ? 11 LYS A HE2  2  
ATOM   369  H HE3  . LYS A 1 11 ? 3.392  -1.225 -9.114  1.00 0.00 ? 11 LYS A HE3  2  
ATOM   370  H HZ1  . LYS A 1 11 ? 5.633  -1.023 -8.574  1.00 0.00 ? 11 LYS A HZ1  2  
ATOM   371  H HZ2  . LYS A 1 11 ? 5.480  -2.655 -9.023  1.00 0.00 ? 11 LYS A HZ2  2  
ATOM   372  H HZ3  . LYS A 1 11 ? 5.563  -2.224 -7.381  1.00 0.00 ? 11 LYS A HZ3  2  
ATOM   373  N N    . ALA A 1 12 ? -0.710 1.739  -6.009  1.00 0.00 ? 12 ALA A N    2  
ATOM   374  C CA   . ALA A 1 12 ? -1.799 2.274  -6.818  1.00 0.00 ? 12 ALA A CA   2  
ATOM   375  C C    . ALA A 1 12 ? -1.621 3.773  -7.052  1.00 0.00 ? 12 ALA A C    2  
ATOM   376  O O    . ALA A 1 12 ? -1.860 4.276  -8.150  1.00 0.00 ? 12 ALA A O    2  
ATOM   377  C CB   . ALA A 1 12 ? -3.128 2.025  -6.097  1.00 0.00 ? 12 ALA A CB   2  
ATOM   378  H H    . ALA A 1 12 ? -0.908 1.369  -5.121  1.00 0.00 ? 12 ALA A H    2  
ATOM   379  H HA   . ALA A 1 12 ? -1.818 1.767  -7.769  1.00 0.00 ? 12 ALA A HA   2  
ATOM   380  H HB1  . ALA A 1 12 ? -3.951 2.190  -6.778  1.00 0.00 ? 12 ALA A HB1  2  
ATOM   381  H HB2  . ALA A 1 12 ? -3.213 2.702  -5.259  1.00 0.00 ? 12 ALA A HB2  2  
ATOM   382  H HB3  . ALA A 1 12 ? -3.157 1.007  -5.737  1.00 0.00 ? 12 ALA A HB3  2  
ATOM   383  N N    . ALA A 1 13 ? -1.203 4.475  -6.007  1.00 0.00 ? 13 ALA A N    2  
ATOM   384  C CA   . ALA A 1 13 ? -0.993 5.918  -6.085  1.00 0.00 ? 13 ALA A CA   2  
ATOM   385  C C    . ALA A 1 13 ? 0.139  6.265  -7.051  1.00 0.00 ? 13 ALA A C    2  
ATOM   386  O O    . ALA A 1 13 ? 0.062  7.250  -7.787  1.00 0.00 ? 13 ALA A O    2  
ATOM   387  C CB   . ALA A 1 13 ? -0.667 6.457  -4.690  1.00 0.00 ? 13 ALA A CB   2  
ATOM   388  H H    . ALA A 1 13 ? -1.033 4.011  -5.161  1.00 0.00 ? 13 ALA A H    2  
ATOM   389  H HA   . ALA A 1 13 ? -1.899 6.382  -6.430  1.00 0.00 ? 13 ALA A HA   2  
ATOM   390  H HB1  . ALA A 1 13 ? -0.559 7.532  -4.730  1.00 0.00 ? 13 ALA A HB1  2  
ATOM   391  H HB2  . ALA A 1 13 ? 0.256  6.015  -4.344  1.00 0.00 ? 13 ALA A HB2  2  
ATOM   392  H HB3  . ALA A 1 13 ? -1.464 6.200  -4.007  1.00 0.00 ? 13 ALA A HB3  2  
ATOM   393  N N    . GLY A 1 14 ? 1.185  5.454  -7.040  1.00 0.00 ? 14 GLY A N    2  
ATOM   394  C CA   . GLY A 1 14 ? 2.334  5.679  -7.919  1.00 0.00 ? 14 GLY A CA   2  
ATOM   395  C C    . GLY A 1 14 ? 3.121  4.388  -8.126  1.00 0.00 ? 14 GLY A C    2  
ATOM   396  O O    . GLY A 1 14 ? 3.054  3.475  -7.299  1.00 0.00 ? 14 GLY A O    2  
ATOM   397  H H    . GLY A 1 14 ? 1.184  4.688  -6.429  1.00 0.00 ? 14 GLY A H    2  
ATOM   398  H HA2  . GLY A 1 14 ? 1.987  6.040  -8.878  1.00 0.00 ? 14 GLY A HA2  2  
ATOM   399  H HA3  . GLY A 1 14 ? 2.984  6.419  -7.475  1.00 0.00 ? 14 GLY A HA3  2  
HETATM 400  N N    . NH2 A 1 15 ? 3.868  4.252  -9.187  1.00 0.00 ? 15 NH2 A N    2  
HETATM 401  H HN1  . NH2 A 1 15 ? 3.921  4.976  -9.844  1.00 0.00 ? 15 NH2 A HN1  2  
HETATM 402  H HN2  . NH2 A 1 15 ? 4.374  3.424  -9.328  1.00 0.00 ? 15 NH2 A HN2  2  
ATOM   403  N N    . GLY A 1 1  ? -3.464 -1.127 8.324   1.00 0.00 ? 1  GLY A N    3  
ATOM   404  C CA   . GLY A 1 1  ? -2.389 -1.071 9.358   1.00 0.00 ? 1  GLY A CA   3  
ATOM   405  C C    . GLY A 1 1  ? -1.333 -2.134 9.056   1.00 0.00 ? 1  GLY A C    3  
ATOM   406  O O    . GLY A 1 1  ? -0.230 -2.099 9.599   1.00 0.00 ? 1  GLY A O    3  
ATOM   407  H H1   . GLY A 1 1  ? -3.073 -1.509 7.439   1.00 0.00 ? 1  GLY A H1   3  
ATOM   408  H H2   . GLY A 1 1  ? -3.835 -0.170 8.154   1.00 0.00 ? 1  GLY A H2   3  
ATOM   409  H H3   . GLY A 1 1  ? -4.232 -1.744 8.656   1.00 0.00 ? 1  GLY A H3   3  
ATOM   410  H HA2  . GLY A 1 1  ? -1.930 -0.091 9.346   1.00 0.00 ? 1  GLY A HA2  3  
ATOM   411  H HA3  . GLY A 1 1  ? -2.817 -1.255 10.332  1.00 0.00 ? 1  GLY A HA3  3  
ATOM   412  N N    . ILE A 1 2  ? -1.681 -3.065 8.175   1.00 0.00 ? 2  ILE A N    3  
ATOM   413  C CA   . ILE A 1 2  ? -0.770 -4.125 7.785   1.00 0.00 ? 2  ILE A CA   3  
ATOM   414  C C    . ILE A 1 2  ? 0.191  -3.579 6.741   1.00 0.00 ? 2  ILE A C    3  
ATOM   415  O O    . ILE A 1 2  ? -0.220 -2.854 5.835   1.00 0.00 ? 2  ILE A O    3  
ATOM   416  C CB   . ILE A 1 2  ? -1.575 -5.294 7.206   1.00 0.00 ? 2  ILE A CB   3  
ATOM   417  C CG1  . ILE A 1 2  ? -2.785 -5.567 8.111   1.00 0.00 ? 2  ILE A CG1  3  
ATOM   418  C CG2  . ILE A 1 2  ? -0.702 -6.553 7.120   1.00 0.00 ? 2  ILE A CG2  3  
ATOM   419  C CD1  . ILE A 1 2  ? -2.334 -5.774 9.562   1.00 0.00 ? 2  ILE A CD1  3  
ATOM   420  H H    . ILE A 1 2  ? -2.566 -3.030 7.767   1.00 0.00 ? 2  ILE A H    3  
ATOM   421  H HA   . ILE A 1 2  ? -0.210 -4.465 8.644   1.00 0.00 ? 2  ILE A HA   3  
ATOM   422  H HB   . ILE A 1 2  ? -1.918 -5.034 6.219   1.00 0.00 ? 2  ILE A HB   3  
ATOM   423  H HG12 . ILE A 1 2  ? -3.458 -4.724 8.067   1.00 0.00 ? 2  ILE A HG12 3  
ATOM   424  H HG13 . ILE A 1 2  ? -3.298 -6.453 7.769   1.00 0.00 ? 2  ILE A HG13 3  
ATOM   425  H HG21 . ILE A 1 2  ? -1.246 -7.331 6.606   1.00 0.00 ? 2  ILE A HG21 3  
ATOM   426  H HG22 . ILE A 1 2  ? -0.453 -6.889 8.117   1.00 0.00 ? 2  ILE A HG22 3  
ATOM   427  H HG23 . ILE A 1 2  ? 0.203  -6.326 6.578   1.00 0.00 ? 2  ILE A HG23 3  
ATOM   428  H HD11 . ILE A 1 2  ? -3.127 -6.254 10.118  1.00 0.00 ? 2  ILE A HD11 3  
ATOM   429  H HD12 . ILE A 1 2  ? -2.111 -4.817 10.011  1.00 0.00 ? 2  ILE A HD12 3  
ATOM   430  H HD13 . ILE A 1 2  ? -1.452 -6.396 9.587   1.00 0.00 ? 2  ILE A HD13 3  
ATOM   431  N N    . LEU A 1 3  ? 1.466  -3.904 6.879   1.00 0.00 ? 3  LEU A N    3  
ATOM   432  C CA   . LEU A 1 3  ? 2.469  -3.415 5.939   1.00 0.00 ? 3  LEU A CA   3  
ATOM   433  C C    . LEU A 1 3  ? 2.034  -3.721 4.521   1.00 0.00 ? 3  LEU A C    3  
ATOM   434  O O    . LEU A 1 3  ? 2.297  -2.956 3.590   1.00 0.00 ? 3  LEU A O    3  
ATOM   435  C CB   . LEU A 1 3  ? 3.810  -4.096 6.210   1.00 0.00 ? 3  LEU A CB   3  
ATOM   436  C CG   . LEU A 1 3  ? 4.387  -3.608 7.547   1.00 0.00 ? 3  LEU A CG   3  
ATOM   437  C CD1  . LEU A 1 3  ? 5.553  -4.514 7.959   1.00 0.00 ? 3  LEU A CD1  3  
ATOM   438  C CD2  . LEU A 1 3  ? 4.883  -2.153 7.427   1.00 0.00 ? 3  LEU A CD2  3  
ATOM   439  H H    . LEU A 1 3  ? 1.742  -4.473 7.632   1.00 0.00 ? 3  LEU A H    3  
ATOM   440  H HA   . LEU A 1 3  ? 2.576  -2.351 6.055   1.00 0.00 ? 3  LEU A HA   3  
ATOM   441  H HB2  . LEU A 1 3  ? 3.660  -5.164 6.257   1.00 0.00 ? 3  LEU A HB2  3  
ATOM   442  H HB3  . LEU A 1 3  ? 4.493  -3.869 5.411   1.00 0.00 ? 3  LEU A HB3  3  
ATOM   443  H HG   . LEU A 1 3  ? 3.616  -3.662 8.302   1.00 0.00 ? 3  LEU A HG   3  
ATOM   444  H HD11 . LEU A 1 3  ? 5.891  -4.234 8.945   1.00 0.00 ? 3  LEU A HD11 3  
ATOM   445  H HD12 . LEU A 1 3  ? 6.365  -4.404 7.255   1.00 0.00 ? 3  LEU A HD12 3  
ATOM   446  H HD13 . LEU A 1 3  ? 5.222  -5.543 7.969   1.00 0.00 ? 3  LEU A HD13 3  
ATOM   447  H HD21 . LEU A 1 3  ? 5.630  -1.960 8.185   1.00 0.00 ? 3  LEU A HD21 3  
ATOM   448  H HD22 . LEU A 1 3  ? 4.056  -1.476 7.570   1.00 0.00 ? 3  LEU A HD22 3  
ATOM   449  H HD23 . LEU A 1 3  ? 5.316  -1.989 6.450   1.00 0.00 ? 3  LEU A HD23 3  
ATOM   450  N N    . ASP A 1 4  ? 1.369  -4.846 4.375   1.00 0.00 ? 4  ASP A N    3  
ATOM   451  C CA   . ASP A 1 4  ? 0.883  -5.294 3.075   1.00 0.00 ? 4  ASP A CA   3  
ATOM   452  C C    . ASP A 1 4  ? -0.139 -4.315 2.503   1.00 0.00 ? 4  ASP A C    3  
ATOM   453  O O    . ASP A 1 4  ? -0.112 -3.997 1.312   1.00 0.00 ? 4  ASP A O    3  
ATOM   454  C CB   . ASP A 1 4  ? 0.243  -6.672 3.231   1.00 0.00 ? 4  ASP A CB   3  
ATOM   455  C CG   . ASP A 1 4  ? 1.324  -7.717 3.484   1.00 0.00 ? 4  ASP A CG   3  
ATOM   456  O OD1  . ASP A 1 4  ? 0.983  -8.803 3.927   1.00 0.00 ? 4  ASP A OD1  3  
ATOM   457  O OD2  . ASP A 1 4  ? 2.480  -7.417 3.233   1.00 0.00 ? 4  ASP A OD2  3  
ATOM   458  H H    . ASP A 1 4  ? 1.199  -5.393 5.170   1.00 0.00 ? 4  ASP A H    3  
ATOM   459  H HA   . ASP A 1 4  ? 1.717  -5.371 2.393   1.00 0.00 ? 4  ASP A HA   3  
ATOM   460  H HB2  . ASP A 1 4  ? -0.439 -6.654 4.070   1.00 0.00 ? 4  ASP A HB2  3  
ATOM   461  H HB3  . ASP A 1 4  ? -0.297 -6.926 2.332   1.00 0.00 ? 4  ASP A HB3  3  
ATOM   462  N N    . ALA A 1 5  ? -1.036 -3.849 3.359   1.00 0.00 ? 5  ALA A N    3  
ATOM   463  C CA   . ALA A 1 5  ? -2.079 -2.911 2.940   1.00 0.00 ? 5  ALA A CA   3  
ATOM   464  C C    . ALA A 1 5  ? -1.475 -1.579 2.503   1.00 0.00 ? 5  ALA A C    3  
ATOM   465  O O    . ALA A 1 5  ? -1.896 -0.983 1.511   1.00 0.00 ? 5  ALA A O    3  
ATOM   466  C CB   . ALA A 1 5  ? -3.044 -2.671 4.104   1.00 0.00 ? 5  ALA A CB   3  
ATOM   467  H H    . ALA A 1 5  ? -1.001 -4.144 4.291   1.00 0.00 ? 5  ALA A H    3  
ATOM   468  H HA   . ALA A 1 5  ? -2.627 -3.340 2.114   1.00 0.00 ? 5  ALA A HA   3  
ATOM   469  H HB1  . ALA A 1 5  ? -2.485 -2.333 4.963   1.00 0.00 ? 5  ALA A HB1  3  
ATOM   470  H HB2  . ALA A 1 5  ? -3.556 -3.593 4.348   1.00 0.00 ? 5  ALA A HB2  3  
ATOM   471  H HB3  . ALA A 1 5  ? -3.768 -1.920 3.826   1.00 0.00 ? 5  ALA A HB3  3  
ATOM   472  N N    . ILE A 1 6  ? -0.488 -1.124 3.258   1.00 0.00 ? 6  ILE A N    3  
ATOM   473  C CA   . ILE A 1 6  ? 0.186  0.143  2.972   1.00 0.00 ? 6  ILE A CA   3  
ATOM   474  C C    . ILE A 1 6  ? 0.905  0.088  1.626   1.00 0.00 ? 6  ILE A C    3  
ATOM   475  O O    . ILE A 1 6  ? 0.863  1.039  0.843   1.00 0.00 ? 6  ILE A O    3  
ATOM   476  C CB   . ILE A 1 6  ? 1.176  0.426  4.106   1.00 0.00 ? 6  ILE A CB   3  
ATOM   477  C CG1  . ILE A 1 6  ? 0.377  0.723  5.375   1.00 0.00 ? 6  ILE A CG1  3  
ATOM   478  C CG2  . ILE A 1 6  ? 2.072  1.627  3.776   1.00 0.00 ? 6  ILE A CG2  3  
ATOM   479  C CD1  . ILE A 1 6  ? 1.306  0.729  6.585   1.00 0.00 ? 6  ILE A CD1  3  
ATOM   480  H H    . ILE A 1 6  ? -0.205 -1.652 4.034   1.00 0.00 ? 6  ILE A H    3  
ATOM   481  H HA   . ILE A 1 6  ? -0.547 0.933  2.943   1.00 0.00 ? 6  ILE A HA   3  
ATOM   482  H HB   . ILE A 1 6  ? 1.789  -0.445 4.269   1.00 0.00 ? 6  ILE A HB   3  
ATOM   483  H HG12 . ILE A 1 6  ? -0.095 1.690  5.279   1.00 0.00 ? 6  ILE A HG12 3  
ATOM   484  H HG13 . ILE A 1 6  ? -0.379 -0.035 5.508   1.00 0.00 ? 6  ILE A HG13 3  
ATOM   485  H HG21 . ILE A 1 6  ? 1.459  2.486  3.554   1.00 0.00 ? 6  ILE A HG21 3  
ATOM   486  H HG22 . ILE A 1 6  ? 2.696  1.397  2.925   1.00 0.00 ? 6  ILE A HG22 3  
ATOM   487  H HG23 . ILE A 1 6  ? 2.701  1.847  4.628   1.00 0.00 ? 6  ILE A HG23 3  
ATOM   488  H HD11 . ILE A 1 6  ? 1.868  -0.192 6.615   1.00 0.00 ? 6  ILE A HD11 3  
ATOM   489  H HD12 . ILE A 1 6  ? 0.719  0.821  7.488   1.00 0.00 ? 6  ILE A HD12 3  
ATOM   490  H HD13 . ILE A 1 6  ? 1.988  1.565  6.513   1.00 0.00 ? 6  ILE A HD13 3  
ATOM   491  N N    . LYS A 1 7  ? 1.568  -1.028 1.375   1.00 0.00 ? 7  LYS A N    3  
ATOM   492  C CA   . LYS A 1 7  ? 2.307  -1.220 0.135   1.00 0.00 ? 7  LYS A CA   3  
ATOM   493  C C    . LYS A 1 7  ? 1.375  -1.191 -1.069  1.00 0.00 ? 7  LYS A C    3  
ATOM   494  O O    . LYS A 1 7  ? 1.692  -0.596 -2.103  1.00 0.00 ? 7  LYS A O    3  
ATOM   495  C CB   . LYS A 1 7  ? 3.017  -2.568 0.202   1.00 0.00 ? 7  LYS A CB   3  
ATOM   496  C CG   . LYS A 1 7  ? 4.106  -2.540 1.282   1.00 0.00 ? 7  LYS A CG   3  
ATOM   497  C CD   . LYS A 1 7  ? 5.397  -1.957 0.717   1.00 0.00 ? 7  LYS A CD   3  
ATOM   498  C CE   . LYS A 1 7  ? 6.476  -2.014 1.797   1.00 0.00 ? 7  LYS A CE   3  
ATOM   499  N NZ   . LYS A 1 7  ? 6.763  -3.439 2.128   1.00 0.00 ? 7  LYS A NZ   3  
ATOM   500  H H    . LYS A 1 7  ? 1.569  -1.741 2.043   1.00 0.00 ? 7  LYS A H    3  
ATOM   501  H HA   . LYS A 1 7  ? 3.038  -0.444 0.035   1.00 0.00 ? 7  LYS A HA   3  
ATOM   502  H HB2  . LYS A 1 7  ? 2.295  -3.324 0.447   1.00 0.00 ? 7  LYS A HB2  3  
ATOM   503  H HB3  . LYS A 1 7  ? 3.461  -2.790 -0.753  1.00 0.00 ? 7  LYS A HB3  3  
ATOM   504  H HG2  . LYS A 1 7  ? 3.782  -1.927 2.105   1.00 0.00 ? 7  LYS A HG2  3  
ATOM   505  H HG3  . LYS A 1 7  ? 4.293  -3.544 1.637   1.00 0.00 ? 7  LYS A HG3  3  
ATOM   506  H HD2  . LYS A 1 7  ? 5.705  -2.534 -0.137  1.00 0.00 ? 7  LYS A HD2  3  
ATOM   507  H HD3  . LYS A 1 7  ? 5.241  -0.933 0.422   1.00 0.00 ? 7  LYS A HD3  3  
ATOM   508  H HE2  . LYS A 1 7  ? 7.376  -1.536 1.436   1.00 0.00 ? 7  LYS A HE2  3  
ATOM   509  H HE3  . LYS A 1 7  ? 6.124  -1.502 2.679   1.00 0.00 ? 7  LYS A HE3  3  
ATOM   510  H HZ1  . LYS A 1 7  ? 6.516  -4.039 1.316   1.00 0.00 ? 7  LYS A HZ1  3  
ATOM   511  H HZ2  . LYS A 1 7  ? 6.195  -3.721 2.954   1.00 0.00 ? 7  LYS A HZ2  3  
ATOM   512  H HZ3  . LYS A 1 7  ? 7.772  -3.552 2.346   1.00 0.00 ? 7  LYS A HZ3  3  
ATOM   513  N N    . ALA A 1 8  ? 0.231  -1.841 -0.929  1.00 0.00 ? 8  ALA A N    3  
ATOM   514  C CA   . ALA A 1 8  ? -0.750 -1.899 -2.011  1.00 0.00 ? 8  ALA A CA   3  
ATOM   515  C C    . ALA A 1 8  ? -1.272 -0.502 -2.345  1.00 0.00 ? 8  ALA A C    3  
ATOM   516  O O    . ALA A 1 8  ? -1.433 -0.151 -3.515  1.00 0.00 ? 8  ALA A O    3  
ATOM   517  C CB   . ALA A 1 8  ? -1.920 -2.787 -1.585  1.00 0.00 ? 8  ALA A CB   3  
ATOM   518  H H    . ALA A 1 8  ? 0.042  -2.298 -0.083  1.00 0.00 ? 8  ALA A H    3  
ATOM   519  H HA   . ALA A 1 8  ? -0.285 -2.325 -2.888  1.00 0.00 ? 8  ALA A HA   3  
ATOM   520  H HB1  . ALA A 1 8  ? -1.541 -3.704 -1.152  1.00 0.00 ? 8  ALA A HB1  3  
ATOM   521  H HB2  . ALA A 1 8  ? -2.532 -3.020 -2.444  1.00 0.00 ? 8  ALA A HB2  3  
ATOM   522  H HB3  . ALA A 1 8  ? -2.513 -2.261 -0.853  1.00 0.00 ? 8  ALA A HB3  3  
ATOM   523  N N    . ILE A 1 9  ? -1.532 0.278  -1.306  1.00 0.00 ? 9  ILE A N    3  
ATOM   524  C CA   . ILE A 1 9  ? -2.040 1.641  -1.471  1.00 0.00 ? 9  ILE A CA   3  
ATOM   525  C C    . ILE A 1 9  ? -1.026 2.523  -2.191  1.00 0.00 ? 9  ILE A C    3  
ATOM   526  O O    . ILE A 1 9  ? -1.378 3.306  -3.075  1.00 0.00 ? 9  ILE A O    3  
ATOM   527  C CB   . ILE A 1 9  ? -2.346 2.218  -0.086  1.00 0.00 ? 9  ILE A CB   3  
ATOM   528  C CG1  . ILE A 1 9  ? -3.534 1.471  0.508   1.00 0.00 ? 9  ILE A CG1  3  
ATOM   529  C CG2  . ILE A 1 9  ? -2.672 3.714  -0.182  1.00 0.00 ? 9  ILE A CG2  3  
ATOM   530  C CD1  . ILE A 1 9  ? -3.650 1.784  1.999   1.00 0.00 ? 9  ILE A CD1  3  
ATOM   531  H H    . ILE A 1 9  ? -1.381 -0.070 -0.403  1.00 0.00 ? 9  ILE A H    3  
ATOM   532  H HA   . ILE A 1 9  ? -2.954 1.611  -2.045  1.00 0.00 ? 9  ILE A HA   3  
ATOM   533  H HB   . ILE A 1 9  ? -1.492 2.082  0.549   1.00 0.00 ? 9  ILE A HB   3  
ATOM   534  H HG12 . ILE A 1 9  ? -4.431 1.787  0.006   1.00 0.00 ? 9  ILE A HG12 3  
ATOM   535  H HG13 . ILE A 1 9  ? -3.400 0.410  0.375   1.00 0.00 ? 9  ILE A HG13 3  
ATOM   536  H HG21 . ILE A 1 9  ? -3.340 3.885  -1.012  1.00 0.00 ? 9  ILE A HG21 3  
ATOM   537  H HG22 . ILE A 1 9  ? -1.760 4.274  -0.329  1.00 0.00 ? 9  ILE A HG22 3  
ATOM   538  H HG23 . ILE A 1 9  ? -3.148 4.039  0.733   1.00 0.00 ? 9  ILE A HG23 3  
ATOM   539  H HD11 . ILE A 1 9  ? -3.543 2.848  2.156   1.00 0.00 ? 9  ILE A HD11 3  
ATOM   540  H HD12 . ILE A 1 9  ? -2.874 1.261  2.538   1.00 0.00 ? 9  ILE A HD12 3  
ATOM   541  H HD13 . ILE A 1 9  ? -4.617 1.464  2.359   1.00 0.00 ? 9  ILE A HD13 3  
ATOM   542  N N    . ALA A 1 10 ? 0.232  2.393  -1.793  1.00 0.00 ? 10 ALA A N    3  
ATOM   543  C CA   . ALA A 1 10 ? 1.310  3.182  -2.387  1.00 0.00 ? 10 ALA A CA   3  
ATOM   544  C C    . ALA A 1 10 ? 1.485  2.853  -3.865  1.00 0.00 ? 10 ALA A C    3  
ATOM   545  O O    . ALA A 1 10 ? 1.708  3.736  -4.693  1.00 0.00 ? 10 ALA A O    3  
ATOM   546  C CB   . ALA A 1 10 ? 2.620  2.891  -1.649  1.00 0.00 ? 10 ALA A CB   3  
ATOM   547  H H    . ALA A 1 10 ? 0.440  1.757  -1.079  1.00 0.00 ? 10 ALA A H    3  
ATOM   548  H HA   . ALA A 1 10 ? 1.077  4.228  -2.284  1.00 0.00 ? 10 ALA A HA   3  
ATOM   549  H HB1  . ALA A 1 10 ? 2.826  1.834  -1.700  1.00 0.00 ? 10 ALA A HB1  3  
ATOM   550  H HB2  . ALA A 1 10 ? 2.529  3.190  -0.615  1.00 0.00 ? 10 ALA A HB2  3  
ATOM   551  H HB3  . ALA A 1 10 ? 3.426  3.438  -2.114  1.00 0.00 ? 10 ALA A HB3  3  
ATOM   552  N N    . LYS A 1 11 ? 1.392  1.573  -4.175  1.00 0.00 ? 11 LYS A N    3  
ATOM   553  C CA   . LYS A 1 11 ? 1.549  1.101  -5.546  1.00 0.00 ? 11 LYS A CA   3  
ATOM   554  C C    . LYS A 1 11 ? 0.486  1.733  -6.451  1.00 0.00 ? 11 LYS A C    3  
ATOM   555  O O    . LYS A 1 11 ? 0.783  2.231  -7.538  1.00 0.00 ? 11 LYS A O    3  
ATOM   556  C CB   . LYS A 1 11 ? 1.400  -0.427 -5.543  1.00 0.00 ? 11 LYS A CB   3  
ATOM   557  C CG   . LYS A 1 11 ? 2.131  -1.055 -6.731  1.00 0.00 ? 11 LYS A CG   3  
ATOM   558  C CD   . LYS A 1 11 ? 1.476  -0.630 -8.042  1.00 0.00 ? 11 LYS A CD   3  
ATOM   559  C CE   . LYS A 1 11 ? 1.930  -1.564 -9.162  1.00 0.00 ? 11 LYS A CE   3  
ATOM   560  N NZ   . LYS A 1 11 ? 3.407  -1.448 -9.325  1.00 0.00 ? 11 LYS A NZ   3  
ATOM   561  H H    . LYS A 1 11 ? 1.221  0.927  -3.463  1.00 0.00 ? 11 LYS A H    3  
ATOM   562  H HA   . LYS A 1 11 ? 2.531  1.359  -5.909  1.00 0.00 ? 11 LYS A HA   3  
ATOM   563  H HB2  . LYS A 1 11 ? 1.816  -0.820 -4.627  1.00 0.00 ? 11 LYS A HB2  3  
ATOM   564  H HB3  . LYS A 1 11 ? 0.352  -0.687 -5.594  1.00 0.00 ? 11 LYS A HB3  3  
ATOM   565  H HG2  . LYS A 1 11 ? 3.162  -0.740 -6.728  1.00 0.00 ? 11 LYS A HG2  3  
ATOM   566  H HG3  . LYS A 1 11 ? 2.087  -2.121 -6.644  1.00 0.00 ? 11 LYS A HG3  3  
ATOM   567  H HD2  . LYS A 1 11 ? 0.400  -0.666 -7.946  1.00 0.00 ? 11 LYS A HD2  3  
ATOM   568  H HD3  . LYS A 1 11 ? 1.785  0.367  -8.278  1.00 0.00 ? 11 LYS A HD3  3  
ATOM   569  H HE2  . LYS A 1 11 ? 1.671  -2.581 -8.909  1.00 0.00 ? 11 LYS A HE2  3  
ATOM   570  H HE3  . LYS A 1 11 ? 1.440  -1.287 -10.085 1.00 0.00 ? 11 LYS A HE3  3  
ATOM   571  H HZ1  . LYS A 1 11 ? 3.872  -1.698 -8.431  1.00 0.00 ? 11 LYS A HZ1  3  
ATOM   572  H HZ2  . LYS A 1 11 ? 3.649  -0.468 -9.580  1.00 0.00 ? 11 LYS A HZ2  3  
ATOM   573  H HZ3  . LYS A 1 11 ? 3.727  -2.091 -10.074 1.00 0.00 ? 11 LYS A HZ3  3  
ATOM   574  N N    . ALA A 1 12 ? -0.754 1.719  -5.983  1.00 0.00 ? 12 ALA A N    3  
ATOM   575  C CA   . ALA A 1 12 ? -1.864 2.288  -6.745  1.00 0.00 ? 12 ALA A CA   3  
ATOM   576  C C    . ALA A 1 12 ? -1.673 3.789  -6.957  1.00 0.00 ? 12 ALA A C    3  
ATOM   577  O O    . ALA A 1 12 ? -1.956 4.318  -8.034  1.00 0.00 ? 12 ALA A O    3  
ATOM   578  C CB   . ALA A 1 12 ? -3.175 2.039  -5.991  1.00 0.00 ? 12 ALA A CB   3  
ATOM   579  H H    . ALA A 1 12 ? -0.927 1.318  -5.105  1.00 0.00 ? 12 ALA A H    3  
ATOM   580  H HA   . ALA A 1 12 ? -1.919 1.798  -7.707  1.00 0.00 ? 12 ALA A HA   3  
ATOM   581  H HB1  . ALA A 1 12 ? -3.014 2.208  -4.937  1.00 0.00 ? 12 ALA A HB1  3  
ATOM   582  H HB2  . ALA A 1 12 ? -3.496 1.020  -6.147  1.00 0.00 ? 12 ALA A HB2  3  
ATOM   583  H HB3  . ALA A 1 12 ? -3.940 2.715  -6.351  1.00 0.00 ? 12 ALA A HB3  3  
ATOM   584  N N    . ALA A 1 13 ? -1.203 4.462  -5.917  1.00 0.00 ? 13 ALA A N    3  
ATOM   585  C CA   . ALA A 1 13 ? -0.986 5.906  -5.975  1.00 0.00 ? 13 ALA A CA   3  
ATOM   586  C C    . ALA A 1 13 ? 0.070  6.265  -7.017  1.00 0.00 ? 13 ALA A C    3  
ATOM   587  O O    . ALA A 1 13 ? -0.046 7.274  -7.714  1.00 0.00 ? 13 ALA A O    3  
ATOM   588  C CB   . ALA A 1 13 ? -0.545 6.412  -4.599  1.00 0.00 ? 13 ALA A CB   3  
ATOM   589  H H    . ALA A 1 13 ? -1.008 3.982  -5.088  1.00 0.00 ? 13 ALA A H    3  
ATOM   590  H HA   . ALA A 1 13 ? -1.912 6.389  -6.241  1.00 0.00 ? 13 ALA A HA   3  
ATOM   591  H HB1  . ALA A 1 13 ? 0.356  5.897  -4.302  1.00 0.00 ? 13 ALA A HB1  3  
ATOM   592  H HB2  . ALA A 1 13 ? -1.325 6.219  -3.876  1.00 0.00 ? 13 ALA A HB2  3  
ATOM   593  H HB3  . ALA A 1 13 ? -0.355 7.475  -4.647  1.00 0.00 ? 13 ALA A HB3  3  
ATOM   594  N N    . GLY A 1 14 ? 1.098  5.437  -7.112  1.00 0.00 ? 14 GLY A N    3  
ATOM   595  C CA   . GLY A 1 14 ? 2.176  5.676  -8.070  1.00 0.00 ? 14 GLY A CA   3  
ATOM   596  C C    . GLY A 1 14 ? 3.115  4.478  -8.141  1.00 0.00 ? 14 GLY A C    3  
ATOM   597  O O    . GLY A 1 14 ? 2.781  3.455  -8.743  1.00 0.00 ? 14 GLY A O    3  
ATOM   598  H H    . GLY A 1 14 ? 1.132  4.654  -6.529  1.00 0.00 ? 14 GLY A H    3  
ATOM   599  H HA2  . GLY A 1 14 ? 1.751  5.853  -9.051  1.00 0.00 ? 14 GLY A HA2  3  
ATOM   600  H HA3  . GLY A 1 14 ? 2.739  6.547  -7.767  1.00 0.00 ? 14 GLY A HA3  3  
HETATM 601  N N    . NH2 A 1 15 ? 4.281  4.538  -7.555  1.00 0.00 ? 15 NH2 A N    3  
HETATM 602  H HN1  . NH2 A 1 15 ? 4.546  5.347  -7.074  1.00 0.00 ? 15 NH2 A HN1  3  
HETATM 603  H HN2  . NH2 A 1 15 ? 4.890  3.770  -7.596  1.00 0.00 ? 15 NH2 A HN2  3  
ATOM   604  N N    . GLY A 1 1  ? -3.252 -1.625 10.295  1.00 0.00 ? 1  GLY A N    4  
ATOM   605  C CA   . GLY A 1 1  ? -2.040 -0.983 9.708   1.00 0.00 ? 1  GLY A CA   4  
ATOM   606  C C    . GLY A 1 1  ? -1.034 -2.053 9.294   1.00 0.00 ? 1  GLY A C    4  
ATOM   607  O O    . GLY A 1 1  ? 0.117  -2.041 9.729   1.00 0.00 ? 1  GLY A O    4  
ATOM   608  H H1   . GLY A 1 1  ? -3.478 -1.174 11.204  1.00 0.00 ? 1  GLY A H1   4  
ATOM   609  H H2   . GLY A 1 1  ? -3.069 -2.637 10.445  1.00 0.00 ? 1  GLY A H2   4  
ATOM   610  H H3   . GLY A 1 1  ? -4.057 -1.510 9.644   1.00 0.00 ? 1  GLY A H3   4  
ATOM   611  H HA2  . GLY A 1 1  ? -2.327 -0.406 8.839   1.00 0.00 ? 1  GLY A HA2  4  
ATOM   612  H HA3  . GLY A 1 1  ? -1.589 -0.329 10.438  1.00 0.00 ? 1  GLY A HA3  4  
ATOM   613  N N    . ILE A 1 2  ? -1.482 -2.974 8.444   1.00 0.00 ? 2  ILE A N    4  
ATOM   614  C CA   . ILE A 1 2  ? -0.637 -4.046 7.954   1.00 0.00 ? 2  ILE A CA   4  
ATOM   615  C C    . ILE A 1 2  ? 0.230  -3.526 6.812   1.00 0.00 ? 2  ILE A C    4  
ATOM   616  O O    . ILE A 1 2  ? -0.241 -2.780 5.951   1.00 0.00 ? 2  ILE A O    4  
ATOM   617  C CB   . ILE A 1 2  ? -1.519 -5.206 7.485   1.00 0.00 ? 2  ILE A CB   4  
ATOM   618  C CG1  . ILE A 1 2  ? -2.610 -5.457 8.536   1.00 0.00 ? 2  ILE A CG1  4  
ATOM   619  C CG2  . ILE A 1 2  ? -0.680 -6.475 7.303   1.00 0.00 ? 2  ILE A CG2  4  
ATOM   620  C CD1  . ILE A 1 2  ? -1.983 -5.649 9.924   1.00 0.00 ? 2  ILE A CD1  4  
ATOM   621  H H    . ILE A 1 2  ? -2.404 -2.924 8.126   1.00 0.00 ? 2  ILE A H    4  
ATOM   622  H HA   . ILE A 1 2  ? 0.003  -4.389 8.755   1.00 0.00 ? 2  ILE A HA   4  
ATOM   623  H HB   . ILE A 1 2  ? -1.982 -4.946 6.544   1.00 0.00 ? 2  ILE A HB   4  
ATOM   624  H HG12 . ILE A 1 2  ? -3.278 -4.609 8.563   1.00 0.00 ? 2  ILE A HG12 4  
ATOM   625  H HG13 . ILE A 1 2  ? -3.167 -6.342 8.272   1.00 0.00 ? 2  ILE A HG13 4  
ATOM   626  H HG21 . ILE A 1 2  ? 0.154  -6.267 6.650   1.00 0.00 ? 2  ILE A HG21 4  
ATOM   627  H HG22 . ILE A 1 2  ? -1.293 -7.250 6.864   1.00 0.00 ? 2  ILE A HG22 4  
ATOM   628  H HG23 . ILE A 1 2  ? -0.313 -6.808 8.263   1.00 0.00 ? 2  ILE A HG23 4  
ATOM   629  H HD11 . ILE A 1 2  ? -1.098 -6.261 9.845   1.00 0.00 ? 2  ILE A HD11 4  
ATOM   630  H HD12 . ILE A 1 2  ? -2.698 -6.133 10.576  1.00 0.00 ? 2  ILE A HD12 4  
ATOM   631  H HD13 . ILE A 1 2  ? -1.720 -4.686 10.337  1.00 0.00 ? 2  ILE A HD13 4  
ATOM   632  N N    . LEU A 1 3  ? 1.500  -3.899 6.828   1.00 0.00 ? 3  LEU A N    4  
ATOM   633  C CA   . LEU A 1 3  ? 2.440  -3.449 5.806   1.00 0.00 ? 3  LEU A CA   4  
ATOM   634  C C    . LEU A 1 3  ? 1.947  -3.840 4.418   1.00 0.00 ? 3  LEU A C    4  
ATOM   635  O O    . LEU A 1 3  ? 2.242  -3.167 3.430   1.00 0.00 ? 3  LEU A O    4  
ATOM   636  C CB   . LEU A 1 3  ? 3.818  -4.084 6.066   1.00 0.00 ? 3  LEU A CB   4  
ATOM   637  C CG   . LEU A 1 3  ? 4.581  -3.264 7.110   1.00 0.00 ? 3  LEU A CG   4  
ATOM   638  C CD1  . LEU A 1 3  ? 3.773  -3.214 8.407   1.00 0.00 ? 3  LEU A CD1  4  
ATOM   639  C CD2  . LEU A 1 3  ? 5.942  -3.913 7.381   1.00 0.00 ? 3  LEU A CD2  4  
ATOM   640  H H    . LEU A 1 3  ? 1.820  -4.477 7.552   1.00 0.00 ? 3  LEU A H    4  
ATOM   641  H HA   . LEU A 1 3  ? 2.529  -2.375 5.857   1.00 0.00 ? 3  LEU A HA   4  
ATOM   642  H HB2  . LEU A 1 3  ? 3.683  -5.092 6.432   1.00 0.00 ? 3  LEU A HB2  4  
ATOM   643  H HB3  . LEU A 1 3  ? 4.383  -4.110 5.148   1.00 0.00 ? 3  LEU A HB3  4  
ATOM   644  H HG   . LEU A 1 3  ? 4.729  -2.259 6.738   1.00 0.00 ? 3  LEU A HG   4  
ATOM   645  H HD11 . LEU A 1 3  ? 2.943  -2.534 8.286   1.00 0.00 ? 3  LEU A HD11 4  
ATOM   646  H HD12 . LEU A 1 3  ? 4.405  -2.871 9.212   1.00 0.00 ? 3  LEU A HD12 4  
ATOM   647  H HD13 . LEU A 1 3  ? 3.399  -4.200 8.638   1.00 0.00 ? 3  LEU A HD13 4  
ATOM   648  H HD21 . LEU A 1 3  ? 6.413  -4.169 6.443   1.00 0.00 ? 3  LEU A HD21 4  
ATOM   649  H HD22 . LEU A 1 3  ? 5.804  -4.808 7.970   1.00 0.00 ? 3  LEU A HD22 4  
ATOM   650  H HD23 . LEU A 1 3  ? 6.569  -3.219 7.922   1.00 0.00 ? 3  LEU A HD23 4  
ATOM   651  N N    . ASP A 1 4  ? 1.214  -4.937 4.366   1.00 0.00 ? 4  ASP A N    4  
ATOM   652  C CA   . ASP A 1 4  ? 0.683  -5.449 3.102   1.00 0.00 ? 4  ASP A CA   4  
ATOM   653  C C    . ASP A 1 4  ? -0.269 -4.438 2.449   1.00 0.00 ? 4  ASP A C    4  
ATOM   654  O O    . ASP A 1 4  ? -0.147 -4.122 1.259   1.00 0.00 ? 4  ASP A O    4  
ATOM   655  C CB   . ASP A 1 4  ? -0.067 -6.760 3.378   1.00 0.00 ? 4  ASP A CB   4  
ATOM   656  C CG   . ASP A 1 4  ? -0.775 -7.261 2.122   1.00 0.00 ? 4  ASP A CG   4  
ATOM   657  O OD1  . ASP A 1 4  ? -0.494 -6.741 1.055   1.00 0.00 ? 4  ASP A OD1  4  
ATOM   658  O OD2  . ASP A 1 4  ? -1.590 -8.162 2.248   1.00 0.00 ? 4  ASP A OD2  4  
ATOM   659  H H    . ASP A 1 4  ? 1.030  -5.421 5.198   1.00 0.00 ? 4  ASP A H    4  
ATOM   660  H HA   . ASP A 1 4  ? 1.502  -5.651 2.429   1.00 0.00 ? 4  ASP A HA   4  
ATOM   661  H HB2  . ASP A 1 4  ? 0.639  -7.508 3.712   1.00 0.00 ? 4  ASP A HB2  4  
ATOM   662  H HB3  . ASP A 1 4  ? -0.798 -6.593 4.154   1.00 0.00 ? 4  ASP A HB3  4  
ATOM   663  N N    . ALA A 1 5  ? -1.219 -3.956 3.237   1.00 0.00 ? 5  ALA A N    4  
ATOM   664  C CA   . ALA A 1 5  ? -2.217 -3.003 2.752   1.00 0.00 ? 5  ALA A CA   4  
ATOM   665  C C    . ALA A 1 5  ? -1.595 -1.658 2.377   1.00 0.00 ? 5  ALA A C    4  
ATOM   666  O O    . ALA A 1 5  ? -1.997 -1.033 1.393   1.00 0.00 ? 5  ALA A O    4  
ATOM   667  C CB   . ALA A 1 5  ? -3.277 -2.788 3.834   1.00 0.00 ? 5  ALA A CB   4  
ATOM   668  H H    . ALA A 1 5  ? -1.265 -4.261 4.166   1.00 0.00 ? 5  ALA A H    4  
ATOM   669  H HA   . ALA A 1 5  ? -2.700 -3.420 1.878   1.00 0.00 ? 5  ALA A HA   4  
ATOM   670  H HB1  . ALA A 1 5  ? -2.805 -2.394 4.721   1.00 0.00 ? 5  ALA A HB1  4  
ATOM   671  H HB2  . ALA A 1 5  ? -3.752 -3.731 4.066   1.00 0.00 ? 5  ALA A HB2  4  
ATOM   672  H HB3  . ALA A 1 5  ? -4.019 -2.089 3.479   1.00 0.00 ? 5  ALA A HB3  4  
ATOM   673  N N    . ILE A 1 6  ? -0.637 -1.209 3.176   1.00 0.00 ? 6  ILE A N    4  
ATOM   674  C CA   . ILE A 1 6  ? 0.019  0.078  2.940   1.00 0.00 ? 6  ILE A CA   4  
ATOM   675  C C    . ILE A 1 6  ? 0.766  0.083  1.611   1.00 0.00 ? 6  ILE A C    4  
ATOM   676  O O    . ILE A 1 6  ? 0.708  1.055  0.855   1.00 0.00 ? 6  ILE A O    4  
ATOM   677  C CB   . ILE A 1 6  ? 0.996  0.362  4.085   1.00 0.00 ? 6  ILE A CB   4  
ATOM   678  C CG1  . ILE A 1 6  ? 0.202  0.619  5.367   1.00 0.00 ? 6  ILE A CG1  4  
ATOM   679  C CG2  . ILE A 1 6  ? 1.856  1.592  3.766   1.00 0.00 ? 6  ILE A CG2  4  
ATOM   680  C CD1  . ILE A 1 6  ? 1.147  0.584  6.569   1.00 0.00 ? 6  ILE A CD1  4  
ATOM   681  H H    . ILE A 1 6  ? -0.375 -1.746 3.954   1.00 0.00 ? 6  ILE A H    4  
ATOM   682  H HA   . ILE A 1 6  ? -0.730 0.857  2.925   1.00 0.00 ? 6  ILE A HA   4  
ATOM   683  H HB   . ILE A 1 6  ? 1.638  -0.494 4.228   1.00 0.00 ? 6  ILE A HB   4  
ATOM   684  H HG12 . ILE A 1 6  ? -0.268 1.590  5.307   1.00 0.00 ? 6  ILE A HG12 4  
ATOM   685  H HG13 . ILE A 1 6  ? -0.552 -0.143 5.482   1.00 0.00 ? 6  ILE A HG13 4  
ATOM   686  H HG21 . ILE A 1 6  ? 2.368  1.915  4.661   1.00 0.00 ? 6  ILE A HG21 4  
ATOM   687  H HG22 . ILE A 1 6  ? 1.224  2.391  3.405   1.00 0.00 ? 6  ILE A HG22 4  
ATOM   688  H HG23 . ILE A 1 6  ? 2.582  1.336  3.009   1.00 0.00 ? 6  ILE A HG23 4  
ATOM   689  H HD11 . ILE A 1 6  ? 0.634  0.967  7.439   1.00 0.00 ? 6  ILE A HD11 4  
ATOM   690  H HD12 . ILE A 1 6  ? 2.015  1.193  6.364   1.00 0.00 ? 6  ILE A HD12 4  
ATOM   691  H HD13 . ILE A 1 6  ? 1.457  -0.434 6.753   1.00 0.00 ? 6  ILE A HD13 4  
ATOM   692  N N    . LYS A 1 7  ? 1.476  -1.002 1.345   1.00 0.00 ? 7  LYS A N    4  
ATOM   693  C CA   . LYS A 1 7  ? 2.251  -1.127 0.123   1.00 0.00 ? 7  LYS A CA   4  
ATOM   694  C C    . LYS A 1 7  ? 1.348  -1.113 -1.101  1.00 0.00 ? 7  LYS A C    4  
ATOM   695  O O    . LYS A 1 7  ? 1.657  -0.471 -2.105  1.00 0.00 ? 7  LYS A O    4  
ATOM   696  C CB   . LYS A 1 7  ? 3.035  -2.434 0.182   1.00 0.00 ? 7  LYS A CB   4  
ATOM   697  C CG   . LYS A 1 7  ? 4.104  -2.364 1.288   1.00 0.00 ? 7  LYS A CG   4  
ATOM   698  C CD   . LYS A 1 7  ? 5.351  -1.655 0.760   1.00 0.00 ? 7  LYS A CD   4  
ATOM   699  C CE   . LYS A 1 7  ? 6.424  -1.596 1.843   1.00 0.00 ? 7  LYS A CE   4  
ATOM   700  N NZ   . LYS A 1 7  ? 7.622  -0.907 1.290   1.00 0.00 ? 7  LYS A NZ   4  
ATOM   701  H H    . LYS A 1 7  ? 1.491  -1.736 1.993   1.00 0.00 ? 7  LYS A H    4  
ATOM   702  H HA   . LYS A 1 7  ? 2.938  -0.309 0.058   1.00 0.00 ? 7  LYS A HA   4  
ATOM   703  H HB2  . LYS A 1 7  ? 2.354  -3.239 0.396   1.00 0.00 ? 7  LYS A HB2  4  
ATOM   704  H HB3  . LYS A 1 7  ? 3.510  -2.611 -0.768  1.00 0.00 ? 7  LYS A HB3  4  
ATOM   705  H HG2  . LYS A 1 7  ? 3.716  -1.815 2.129   1.00 0.00 ? 7  LYS A HG2  4  
ATOM   706  H HG3  . LYS A 1 7  ? 4.366  -3.364 1.601   1.00 0.00 ? 7  LYS A HG3  4  
ATOM   707  H HD2  . LYS A 1 7  ? 5.730  -2.201 -0.084  1.00 0.00 ? 7  LYS A HD2  4  
ATOM   708  H HD3  . LYS A 1 7  ? 5.103  -0.654 0.457   1.00 0.00 ? 7  LYS A HD3  4  
ATOM   709  H HE2  . LYS A 1 7  ? 6.050  -1.047 2.694   1.00 0.00 ? 7  LYS A HE2  4  
ATOM   710  H HE3  . LYS A 1 7  ? 6.690  -2.598 2.147   1.00 0.00 ? 7  LYS A HE3  4  
ATOM   711  H HZ1  . LYS A 1 7  ? 7.375  0.070  1.039   1.00 0.00 ? 7  LYS A HZ1  4  
ATOM   712  H HZ2  . LYS A 1 7  ? 7.948  -1.412 0.440   1.00 0.00 ? 7  LYS A HZ2  4  
ATOM   713  H HZ3  . LYS A 1 7  ? 8.381  -0.898 2.000   1.00 0.00 ? 7  LYS A HZ3  4  
ATOM   714  N N    . ALA A 1 8  ? 0.242  -1.833 -1.009  1.00 0.00 ? 8  ALA A N    4  
ATOM   715  C CA   . ALA A 1 8  ? -0.705 -1.909 -2.116  1.00 0.00 ? 8  ALA A CA   4  
ATOM   716  C C    . ALA A 1 8  ? -1.267 -0.528 -2.457  1.00 0.00 ? 8  ALA A C    4  
ATOM   717  O O    . ALA A 1 8  ? -1.382 -0.164 -3.628  1.00 0.00 ? 8  ALA A O    4  
ATOM   718  C CB   . ALA A 1 8  ? -1.850 -2.847 -1.730  1.00 0.00 ? 8  ALA A CB   4  
ATOM   719  H H    . ALA A 1 8  ? 0.059  -2.331 -0.180  1.00 0.00 ? 8  ALA A H    4  
ATOM   720  H HA   . ALA A 1 8  ? -0.203 -2.312 -2.983  1.00 0.00 ? 8  ALA A HA   4  
ATOM   721  H HB1  . ALA A 1 8  ? -2.632 -2.786 -2.470  1.00 0.00 ? 8  ALA A HB1  4  
ATOM   722  H HB2  . ALA A 1 8  ? -2.241 -2.554 -0.766  1.00 0.00 ? 8  ALA A HB2  4  
ATOM   723  H HB3  . ALA A 1 8  ? -1.482 -3.862 -1.676  1.00 0.00 ? 8  ALA A HB3  4  
ATOM   724  N N    . ILE A 1 9  ? -1.620 0.223  -1.422  1.00 0.00 ? 9  ILE A N    4  
ATOM   725  C CA   . ILE A 1 9  ? -2.185 1.561  -1.594  1.00 0.00 ? 9  ILE A CA   4  
ATOM   726  C C    . ILE A 1 9  ? -1.178 2.506  -2.248  1.00 0.00 ? 9  ILE A C    4  
ATOM   727  O O    . ILE A 1 9  ? -1.523 3.278  -3.145  1.00 0.00 ? 9  ILE A O    4  
ATOM   728  C CB   . ILE A 1 9  ? -2.591 2.096  -0.218  1.00 0.00 ? 9  ILE A CB   4  
ATOM   729  C CG1  . ILE A 1 9  ? -3.770 1.276  0.297   1.00 0.00 ? 9  ILE A CG1  4  
ATOM   730  C CG2  . ILE A 1 9  ? -2.992 3.572  -0.307  1.00 0.00 ? 9  ILE A CG2  4  
ATOM   731  C CD1  . ILE A 1 9  ? -3.976 1.546  1.787   1.00 0.00 ? 9  ILE A CD1  4  
ATOM   732  H H    . ILE A 1 9  ? -1.509 -0.133 -0.516  1.00 0.00 ? 9  ILE A H    4  
ATOM   733  H HA   . ILE A 1 9  ? -3.065 1.499  -2.215  1.00 0.00 ? 9  ILE A HA   4  
ATOM   734  H HB   . ILE A 1 9  ? -1.766 1.991  0.463   1.00 0.00 ? 9  ILE A HB   4  
ATOM   735  H HG12 . ILE A 1 9  ? -4.656 1.555  -0.244  1.00 0.00 ? 9  ILE A HG12 4  
ATOM   736  H HG13 . ILE A 1 9  ? -3.573 0.224  0.150   1.00 0.00 ? 9  ILE A HG13 4  
ATOM   737  H HG21 . ILE A 1 9  ? -3.659 3.716  -1.144  1.00 0.00 ? 9  ILE A HG21 4  
ATOM   738  H HG22 . ILE A 1 9  ? -2.108 4.178  -0.441  1.00 0.00 ? 9  ILE A HG22 4  
ATOM   739  H HG23 . ILE A 1 9  ? -3.492 3.863  0.606   1.00 0.00 ? 9  ILE A HG23 4  
ATOM   740  H HD11 . ILE A 1 9  ? -4.903 1.093  2.108   1.00 0.00 ? 9  ILE A HD11 4  
ATOM   741  H HD12 . ILE A 1 9  ? -4.018 2.612  1.957   1.00 0.00 ? 9  ILE A HD12 4  
ATOM   742  H HD13 . ILE A 1 9  ? -3.156 1.123  2.347   1.00 0.00 ? 9  ILE A HD13 4  
ATOM   743  N N    . ALA A 1 10 ? 0.063  2.437  -1.784  1.00 0.00 ? 10 ALA A N    4  
ATOM   744  C CA   . ALA A 1 10 ? 1.126  3.287  -2.311  1.00 0.00 ? 10 ALA A CA   4  
ATOM   745  C C    . ALA A 1 10 ? 1.414  2.955  -3.771  1.00 0.00 ? 10 ALA A C    4  
ATOM   746  O O    . ALA A 1 10 ? 1.664  3.843  -4.588  1.00 0.00 ? 10 ALA A O    4  
ATOM   747  C CB   . ALA A 1 10 ? 2.398  3.085  -1.484  1.00 0.00 ? 10 ALA A CB   4  
ATOM   748  H H    . ALA A 1 10 ? 0.268  1.806  -1.065  1.00 0.00 ? 10 ALA A H    4  
ATOM   749  H HA   . ALA A 1 10 ? 0.823  4.318  -2.237  1.00 0.00 ? 10 ALA A HA   4  
ATOM   750  H HB1  . ALA A 1 10 ? 2.831  2.125  -1.722  1.00 0.00 ? 10 ALA A HB1  4  
ATOM   751  H HB2  . ALA A 1 10 ? 2.154  3.118  -0.432  1.00 0.00 ? 10 ALA A HB2  4  
ATOM   752  H HB3  . ALA A 1 10 ? 3.108  3.865  -1.715  1.00 0.00 ? 10 ALA A HB3  4  
ATOM   753  N N    . LYS A 1 11 ? 1.397  1.668  -4.073  1.00 0.00 ? 11 LYS A N    4  
ATOM   754  C CA   . LYS A 1 11 ? 1.676  1.186  -5.420  1.00 0.00 ? 11 LYS A CA   4  
ATOM   755  C C    . LYS A 1 11 ? 0.665  1.747  -6.416  1.00 0.00 ? 11 LYS A C    4  
ATOM   756  O O    . LYS A 1 11 ? 1.026  2.185  -7.511  1.00 0.00 ? 11 LYS A O    4  
ATOM   757  C CB   . LYS A 1 11 ? 1.601  -0.347 -5.416  1.00 0.00 ? 11 LYS A CB   4  
ATOM   758  C CG   . LYS A 1 11 ? 2.009  -0.932 -6.779  1.00 0.00 ? 11 LYS A CG   4  
ATOM   759  C CD   . LYS A 1 11 ? 3.517  -0.769 -6.987  1.00 0.00 ? 11 LYS A CD   4  
ATOM   760  C CE   . LYS A 1 11 ? 3.992  -1.691 -8.105  1.00 0.00 ? 11 LYS A CE   4  
ATOM   761  N NZ   . LYS A 1 11 ? 5.464  -1.536 -8.259  1.00 0.00 ? 11 LYS A NZ   4  
ATOM   762  H H    . LYS A 1 11 ? 1.210  1.021  -3.365  1.00 0.00 ? 11 LYS A H    4  
ATOM   763  H HA   . LYS A 1 11 ? 2.668  1.495  -5.705  1.00 0.00 ? 11 LYS A HA   4  
ATOM   764  H HB2  . LYS A 1 11 ? 2.256  -0.732 -4.648  1.00 0.00 ? 11 LYS A HB2  4  
ATOM   765  H HB3  . LYS A 1 11 ? 0.588  -0.646 -5.195  1.00 0.00 ? 11 LYS A HB3  4  
ATOM   766  H HG2  . LYS A 1 11 ? 1.756  -1.983 -6.805  1.00 0.00 ? 11 LYS A HG2  4  
ATOM   767  H HG3  . LYS A 1 11 ? 1.487  -0.419 -7.566  1.00 0.00 ? 11 LYS A HG3  4  
ATOM   768  H HD2  . LYS A 1 11 ? 3.735  0.252  -7.260  1.00 0.00 ? 11 LYS A HD2  4  
ATOM   769  H HD3  . LYS A 1 11 ? 4.034  -1.019 -6.080  1.00 0.00 ? 11 LYS A HD3  4  
ATOM   770  H HE2  . LYS A 1 11 ? 3.759  -2.716 -7.855  1.00 0.00 ? 11 LYS A HE2  4  
ATOM   771  H HE3  . LYS A 1 11 ? 3.502  -1.424 -9.028  1.00 0.00 ? 11 LYS A HE3  4  
ATOM   772  H HZ1  . LYS A 1 11 ? 5.694  -0.531 -8.392  1.00 0.00 ? 11 LYS A HZ1  4  
ATOM   773  H HZ2  . LYS A 1 11 ? 5.787  -2.079 -9.085  1.00 0.00 ? 11 LYS A HZ2  4  
ATOM   774  H HZ3  . LYS A 1 11 ? 5.941  -1.887 -7.405  1.00 0.00 ? 11 LYS A HZ3  4  
ATOM   775  N N    . ALA A 1 12 ? -0.603 1.712  -6.029  1.00 0.00 ? 12 ALA A N    4  
ATOM   776  C CA   . ALA A 1 12 ? -1.680 2.198  -6.884  1.00 0.00 ? 12 ALA A CA   4  
ATOM   777  C C    . ALA A 1 12 ? -1.550 3.701  -7.123  1.00 0.00 ? 12 ALA A C    4  
ATOM   778  O O    . ALA A 1 12 ? -1.782 4.188  -8.230  1.00 0.00 ? 12 ALA A O    4  
ATOM   779  C CB   . ALA A 1 12 ? -3.026 1.903  -6.219  1.00 0.00 ? 12 ALA A CB   4  
ATOM   780  H H    . ALA A 1 12 ? -0.823 1.340  -5.150  1.00 0.00 ? 12 ALA A H    4  
ATOM   781  H HA   . ALA A 1 12 ? -1.640 1.684  -7.833  1.00 0.00 ? 12 ALA A HA   4  
ATOM   782  H HB1  . ALA A 1 12 ? -3.063 2.388  -5.256  1.00 0.00 ? 12 ALA A HB1  4  
ATOM   783  H HB2  . ALA A 1 12 ? -3.137 0.835  -6.088  1.00 0.00 ? 12 ALA A HB2  4  
ATOM   784  H HB3  . ALA A 1 12 ? -3.827 2.273  -6.841  1.00 0.00 ? 12 ALA A HB3  4  
ATOM   785  N N    . ALA A 1 13 ? -1.193 4.423  -6.068  1.00 0.00 ? 13 ALA A N    4  
ATOM   786  C CA   . ALA A 1 13 ? -1.045 5.873  -6.145  1.00 0.00 ? 13 ALA A CA   4  
ATOM   787  C C    . ALA A 1 13 ? 0.089  6.269  -7.085  1.00 0.00 ? 13 ALA A C    4  
ATOM   788  O O    . ALA A 1 13 ? -0.012 7.260  -7.809  1.00 0.00 ? 13 ALA A O    4  
ATOM   789  C CB   . ALA A 1 13 ? -0.772 6.435  -4.748  1.00 0.00 ? 13 ALA A CB   4  
ATOM   790  H H    . ALA A 1 13 ? -1.035 3.971  -5.213  1.00 0.00 ? 13 ALA A H    4  
ATOM   791  H HA   . ALA A 1 13 ? -1.964 6.295  -6.513  1.00 0.00 ? 13 ALA A HA   4  
ATOM   792  H HB1  . ALA A 1 13 ? -1.484 6.021  -4.049  1.00 0.00 ? 13 ALA A HB1  4  
ATOM   793  H HB2  . ALA A 1 13 ? -0.867 7.509  -4.767  1.00 0.00 ? 13 ALA A HB2  4  
ATOM   794  H HB3  . ALA A 1 13 ? 0.231  6.169  -4.443  1.00 0.00 ? 13 ALA A HB3  4  
ATOM   795  N N    . GLY A 1 14 ? 1.165  5.495  -7.063  1.00 0.00 ? 14 GLY A N    4  
ATOM   796  C CA   . GLY A 1 14 ? 2.315  5.781  -7.915  1.00 0.00 ? 14 GLY A CA   4  
ATOM   797  C C    . GLY A 1 14 ? 2.849  7.186  -7.652  1.00 0.00 ? 14 GLY A C    4  
ATOM   798  O O    . GLY A 1 14 ? 2.582  8.111  -8.420  1.00 0.00 ? 14 GLY A O    4  
ATOM   799  H H    . GLY A 1 14 ? 1.187  4.725  -6.464  1.00 0.00 ? 14 GLY A H    4  
ATOM   800  H HA2  . GLY A 1 14 ? 3.094  5.061  -7.714  1.00 0.00 ? 14 GLY A HA2  4  
ATOM   801  H HA3  . GLY A 1 14 ? 2.019  5.705  -8.951  1.00 0.00 ? 14 GLY A HA3  4  
HETATM 802  N N    . NH2 A 1 15 ? 3.588  7.404  -6.600  1.00 0.00 ? 15 NH2 A N    4  
HETATM 803  H HN1  . NH2 A 1 15 ? 3.800  6.667  -5.989  1.00 0.00 ? 15 NH2 A HN1  4  
HETATM 804  H HN2  . NH2 A 1 15 ? 3.929  8.305  -6.417  1.00 0.00 ? 15 NH2 A HN2  4  
ATOM   805  N N    . GLY A 1 1  ? -2.027 0.207  8.790   1.00 0.00 ? 1  GLY A N    5  
ATOM   806  C CA   . GLY A 1 1  ? -2.429 -1.117 9.344   1.00 0.00 ? 1  GLY A CA   5  
ATOM   807  C C    . GLY A 1 1  ? -1.346 -2.145 9.042   1.00 0.00 ? 1  GLY A C    5  
ATOM   808  O O    . GLY A 1 1  ? -0.235 -2.068 9.568   1.00 0.00 ? 1  GLY A O    5  
ATOM   809  H H1   . GLY A 1 1  ? -2.088 0.182  7.753   1.00 0.00 ? 1  GLY A H1   5  
ATOM   810  H H2   . GLY A 1 1  ? -1.048 0.419  9.075   1.00 0.00 ? 1  GLY A H2   5  
ATOM   811  H H3   . GLY A 1 1  ? -2.662 0.945  9.154   1.00 0.00 ? 1  GLY A H3   5  
ATOM   812  H HA2  . GLY A 1 1  ? -2.561 -1.032 10.414  1.00 0.00 ? 1  GLY A HA2  5  
ATOM   813  H HA3  . GLY A 1 1  ? -3.355 -1.431 8.890   1.00 0.00 ? 1  GLY A HA3  5  
ATOM   814  N N    . ILE A 1 2  ? -1.682 -3.109 8.189   1.00 0.00 ? 2  ILE A N    5  
ATOM   815  C CA   . ILE A 1 2  ? -0.746 -4.147 7.816   1.00 0.00 ? 2  ILE A CA   5  
ATOM   816  C C    . ILE A 1 2  ? 0.192  -3.619 6.737   1.00 0.00 ? 2  ILE A C    5  
ATOM   817  O O    . ILE A 1 2  ? -0.245 -2.951 5.800   1.00 0.00 ? 2  ILE A O    5  
ATOM   818  C CB   . ILE A 1 2  ? -1.529 -5.366 7.312   1.00 0.00 ? 2  ILE A CB   5  
ATOM   819  C CG1  . ILE A 1 2  ? -2.464 -5.847 8.427   1.00 0.00 ? 2  ILE A CG1  5  
ATOM   820  C CG2  . ILE A 1 2  ? -0.558 -6.496 6.941   1.00 0.00 ? 2  ILE A CG2  5  
ATOM   821  C CD1  . ILE A 1 2  ? -3.444 -6.881 7.868   1.00 0.00 ? 2  ILE A CD1  5  
ATOM   822  H H    . ILE A 1 2  ? -2.576 -3.121 7.799   1.00 0.00 ? 2  ILE A H    5  
ATOM   823  H HA   . ILE A 1 2  ? -0.169 -4.432 8.685   1.00 0.00 ? 2  ILE A HA   5  
ATOM   824  H HB   . ILE A 1 2  ? -2.111 -5.091 6.445   1.00 0.00 ? 2  ILE A HB   5  
ATOM   825  H HG12 . ILE A 1 2  ? -1.881 -6.294 9.219   1.00 0.00 ? 2  ILE A HG12 5  
ATOM   826  H HG13 . ILE A 1 2  ? -3.019 -5.007 8.821   1.00 0.00 ? 2  ILE A HG13 5  
ATOM   827  H HG21 . ILE A 1 2  ? 0.227  -6.556 7.681   1.00 0.00 ? 2  ILE A HG21 5  
ATOM   828  H HG22 . ILE A 1 2  ? -0.126 -6.296 5.975   1.00 0.00 ? 2  ILE A HG22 5  
ATOM   829  H HG23 . ILE A 1 2  ? -1.090 -7.435 6.907   1.00 0.00 ? 2  ILE A HG23 5  
ATOM   830  H HD11 . ILE A 1 2  ? -4.076 -6.413 7.127   1.00 0.00 ? 2  ILE A HD11 5  
ATOM   831  H HD12 . ILE A 1 2  ? -4.054 -7.269 8.670   1.00 0.00 ? 2  ILE A HD12 5  
ATOM   832  H HD13 . ILE A 1 2  ? -2.891 -7.689 7.412   1.00 0.00 ? 2  ILE A HD13 5  
ATOM   833  N N    . LEU A 1 3  ? 1.475  -3.918 6.881   1.00 0.00 ? 3  LEU A N    5  
ATOM   834  C CA   . LEU A 1 3  ? 2.473  -3.466 5.922   1.00 0.00 ? 3  LEU A CA   5  
ATOM   835  C C    . LEU A 1 3  ? 2.025  -3.771 4.500   1.00 0.00 ? 3  LEU A C    5  
ATOM   836  O O    . LEU A 1 3  ? 2.299  -3.013 3.570   1.00 0.00 ? 3  LEU A O    5  
ATOM   837  C CB   . LEU A 1 3  ? 3.792  -4.180 6.204   1.00 0.00 ? 3  LEU A CB   5  
ATOM   838  C CG   . LEU A 1 3  ? 4.396  -3.673 7.526   1.00 0.00 ? 3  LEU A CG   5  
ATOM   839  C CD1  . LEU A 1 3  ? 5.504  -4.631 7.980   1.00 0.00 ? 3  LEU A CD1  5  
ATOM   840  C CD2  . LEU A 1 3  ? 4.985  -2.260 7.346   1.00 0.00 ? 3  LEU A CD2  5  
ATOM   841  H H    . LEU A 1 3  ? 1.761  -4.447 7.654   1.00 0.00 ? 3  LEU A H    5  
ATOM   842  H HA   . LEU A 1 3  ? 2.614  -2.403 6.029   1.00 0.00 ? 3  LEU A HA   5  
ATOM   843  H HB2  . LEU A 1 3  ? 3.610  -5.243 6.279   1.00 0.00 ? 3  LEU A HB2  5  
ATOM   844  H HB3  . LEU A 1 3  ? 4.472  -3.998 5.395   1.00 0.00 ? 3  LEU A HB3  5  
ATOM   845  H HG   . LEU A 1 3  ? 3.621  -3.643 8.281   1.00 0.00 ? 3  LEU A HG   5  
ATOM   846  H HD11 . LEU A 1 3  ? 6.008  -4.215 8.839   1.00 0.00 ? 3  LEU A HD11 5  
ATOM   847  H HD12 . LEU A 1 3  ? 6.212  -4.767 7.176   1.00 0.00 ? 3  LEU A HD12 5  
ATOM   848  H HD13 . LEU A 1 3  ? 5.071  -5.585 8.243   1.00 0.00 ? 3  LEU A HD13 5  
ATOM   849  H HD21 . LEU A 1 3  ? 5.731  -2.078 8.104   1.00 0.00 ? 3  LEU A HD21 5  
ATOM   850  H HD22 . LEU A 1 3  ? 4.199  -1.526 7.443   1.00 0.00 ? 3  LEU A HD22 5  
ATOM   851  H HD23 . LEU A 1 3  ? 5.438  -2.170 6.369   1.00 0.00 ? 3  LEU A HD23 5  
ATOM   852  N N    . ASP A 1 4  ? 1.338  -4.886 4.349   1.00 0.00 ? 4  ASP A N    5  
ATOM   853  C CA   . ASP A 1 4  ? 0.845  -5.313 3.042   1.00 0.00 ? 4  ASP A CA   5  
ATOM   854  C C    . ASP A 1 4  ? -0.155 -4.304 2.474   1.00 0.00 ? 4  ASP A C    5  
ATOM   855  O O    . ASP A 1 4  ? -0.122 -3.981 1.287   1.00 0.00 ? 4  ASP A O    5  
ATOM   856  C CB   . ASP A 1 4  ? 0.164  -6.672 3.184   1.00 0.00 ? 4  ASP A CB   5  
ATOM   857  C CG   . ASP A 1 4  ? -0.098 -7.284 1.813   1.00 0.00 ? 4  ASP A CG   5  
ATOM   858  O OD1  . ASP A 1 4  ? 0.865  -7.587 1.125   1.00 0.00 ? 4  ASP A OD1  5  
ATOM   859  O OD2  . ASP A 1 4  ? -1.256 -7.444 1.472   1.00 0.00 ? 4  ASP A OD2  5  
ATOM   860  H H    . ASP A 1 4  ? 1.157  -5.437 5.135   1.00 0.00 ? 4  ASP A H    5  
ATOM   861  H HA   . ASP A 1 4  ? 1.678  -5.407 2.361   1.00 0.00 ? 4  ASP A HA   5  
ATOM   862  H HB2  . ASP A 1 4  ? 0.801  -7.331 3.754   1.00 0.00 ? 4  ASP A HB2  5  
ATOM   863  H HB3  . ASP A 1 4  ? -0.776 -6.546 3.700   1.00 0.00 ? 4  ASP A HB3  5  
ATOM   864  N N    . ALA A 1 5  ? -1.045 -3.818 3.335   1.00 0.00 ? 5  ALA A N    5  
ATOM   865  C CA   . ALA A 1 5  ? -2.062 -2.854 2.924   1.00 0.00 ? 5  ALA A CA   5  
ATOM   866  C C    . ALA A 1 5  ? -1.434 -1.522 2.517   1.00 0.00 ? 5  ALA A C    5  
ATOM   867  O O    . ALA A 1 5  ? -1.853 -0.899 1.540   1.00 0.00 ? 5  ALA A O    5  
ATOM   868  C CB   . ALA A 1 5  ? -3.035 -2.616 4.078   1.00 0.00 ? 5  ALA A CB   5  
ATOM   869  H H    . ALA A 1 5  ? -1.021 -4.118 4.267   1.00 0.00 ? 5  ALA A H    5  
ATOM   870  H HA   . ALA A 1 5  ? -2.612 -3.257 2.086   1.00 0.00 ? 5  ALA A HA   5  
ATOM   871  H HB1  . ALA A 1 5  ? -3.339 -3.566 4.490   1.00 0.00 ? 5  ALA A HB1  5  
ATOM   872  H HB2  . ALA A 1 5  ? -3.899 -2.085 3.715   1.00 0.00 ? 5  ALA A HB2  5  
ATOM   873  H HB3  . ALA A 1 5  ? -2.547 -2.031 4.846   1.00 0.00 ? 5  ALA A HB3  5  
ATOM   874  N N    . ILE A 1 6  ? -0.434 -1.098 3.277   1.00 0.00 ? 6  ILE A N    5  
ATOM   875  C CA   . ILE A 1 6  ? 0.255  0.159  3.014   1.00 0.00 ? 6  ILE A CA   5  
ATOM   876  C C    . ILE A 1 6  ? 0.958  0.123  1.661   1.00 0.00 ? 6  ILE A C    5  
ATOM   877  O O    . ILE A 1 6  ? 0.918  1.087  0.896   1.00 0.00 ? 6  ILE A O    5  
ATOM   878  C CB   . ILE A 1 6  ? 1.270  0.404  4.134   1.00 0.00 ? 6  ILE A CB   5  
ATOM   879  C CG1  . ILE A 1 6  ? 0.510  0.680  5.434   1.00 0.00 ? 6  ILE A CG1  5  
ATOM   880  C CG2  . ILE A 1 6  ? 2.163  1.599  3.796   1.00 0.00 ? 6  ILE A CG2  5  
ATOM   881  C CD1  . ILE A 1 6  ? 1.469  0.597  6.624   1.00 0.00 ? 6  ILE A CD1  5  
ATOM   882  H H    . ILE A 1 6  ? -0.152 -1.644 4.041   1.00 0.00 ? 6  ILE A H    5  
ATOM   883  H HA   . ILE A 1 6  ? -0.464 0.964  3.016   1.00 0.00 ? 6  ILE A HA   5  
ATOM   884  H HB   . ILE A 1 6  ? 1.883  -0.478 4.259   1.00 0.00 ? 6  ILE A HB   5  
ATOM   885  H HG12 . ILE A 1 6  ? 0.074  1.668  5.392   1.00 0.00 ? 6  ILE A HG12 5  
ATOM   886  H HG13 . ILE A 1 6  ? -0.275 -0.051 5.557   1.00 0.00 ? 6  ILE A HG13 5  
ATOM   887  H HG21 . ILE A 1 6  ? 2.738  1.873  4.667   1.00 0.00 ? 6  ILE A HG21 5  
ATOM   888  H HG22 . ILE A 1 6  ? 1.550  2.435  3.490   1.00 0.00 ? 6  ILE A HG22 5  
ATOM   889  H HG23 . ILE A 1 6  ? 2.835  1.332  2.993   1.00 0.00 ? 6  ILE A HG23 5  
ATOM   890  H HD11 . ILE A 1 6  ? 1.665  -0.439 6.854   1.00 0.00 ? 6  ILE A HD11 5  
ATOM   891  H HD12 . ILE A 1 6  ? 1.019  1.076  7.482   1.00 0.00 ? 6  ILE A HD12 5  
ATOM   892  H HD13 . ILE A 1 6  ? 2.394  1.095  6.378   1.00 0.00 ? 6  ILE A HD13 5  
ATOM   893  N N    . LYS A 1 7  ? 1.605  -0.999 1.383   1.00 0.00 ? 7  LYS A N    5  
ATOM   894  C CA   . LYS A 1 7  ? 2.326  -1.181 0.137   1.00 0.00 ? 7  LYS A CA   5  
ATOM   895  C C    . LYS A 1 7  ? 1.382  -1.142 -1.060  1.00 0.00 ? 7  LYS A C    5  
ATOM   896  O O    . LYS A 1 7  ? 1.691  -0.534 -2.086  1.00 0.00 ? 7  LYS A O    5  
ATOM   897  C CB   . LYS A 1 7  ? 3.034  -2.529 0.188   1.00 0.00 ? 7  LYS A CB   5  
ATOM   898  C CG   . LYS A 1 7  ? 4.129  -2.521 1.273   1.00 0.00 ? 7  LYS A CG   5  
ATOM   899  C CD   . LYS A 1 7  ? 5.412  -1.901 0.725   1.00 0.00 ? 7  LYS A CD   5  
ATOM   900  C CE   . LYS A 1 7  ? 6.491  -1.910 1.802   1.00 0.00 ? 7  LYS A CE   5  
ATOM   901  N NZ   . LYS A 1 7  ? 7.735  -1.311 1.245   1.00 0.00 ? 7  LYS A NZ   5  
ATOM   902  H H    . LYS A 1 7  ? 1.603  -1.730 2.034   1.00 0.00 ? 7  LYS A H    5  
ATOM   903  H HA   . LYS A 1 7  ? 3.054  -0.405 0.037   1.00 0.00 ? 7  LYS A HA   5  
ATOM   904  H HB2  . LYS A 1 7  ? 2.311  -3.292 0.419   1.00 0.00 ? 7  LYS A HB2  5  
ATOM   905  H HB3  . LYS A 1 7  ? 3.476  -2.735 -0.770  1.00 0.00 ? 7  LYS A HB3  5  
ATOM   906  H HG2  . LYS A 1 7  ? 3.798  -1.945 2.120   1.00 0.00 ? 7  LYS A HG2  5  
ATOM   907  H HG3  . LYS A 1 7  ? 4.329  -3.534 1.587   1.00 0.00 ? 7  LYS A HG3  5  
ATOM   908  H HD2  . LYS A 1 7  ? 5.745  -2.478 -0.117  1.00 0.00 ? 7  LYS A HD2  5  
ATOM   909  H HD3  . LYS A 1 7  ? 5.229  -0.887 0.416   1.00 0.00 ? 7  LYS A HD3  5  
ATOM   910  H HE2  . LYS A 1 7  ? 6.160  -1.329 2.652   1.00 0.00 ? 7  LYS A HE2  5  
ATOM   911  H HE3  . LYS A 1 7  ? 6.686  -2.926 2.112   1.00 0.00 ? 7  LYS A HE3  5  
ATOM   912  H HZ1  . LYS A 1 7  ? 7.492  -0.465 0.691   1.00 0.00 ? 7  LYS A HZ1  5  
ATOM   913  H HZ2  . LYS A 1 7  ? 8.207  -2.005 0.629   1.00 0.00 ? 7  LYS A HZ2  5  
ATOM   914  H HZ3  . LYS A 1 7  ? 8.371  -1.045 2.020   1.00 0.00 ? 7  LYS A HZ3  5  
ATOM   915  N N    . ALA A 1 8  ? 0.236  -1.799 -0.924  1.00 0.00 ? 8  ALA A N    5  
ATOM   916  C CA   . ALA A 1 8  ? -0.746 -1.845 -1.998  1.00 0.00 ? 8  ALA A CA   5  
ATOM   917  C C    . ALA A 1 8  ? -1.272 -0.449 -2.325  1.00 0.00 ? 8  ALA A C    5  
ATOM   918  O O    . ALA A 1 8  ? -1.442 -0.096 -3.493  1.00 0.00 ? 8  ALA A O    5  
ATOM   919  C CB   . ALA A 1 8  ? -1.912 -2.738 -1.575  1.00 0.00 ? 8  ALA A CB   5  
ATOM   920  H H    . ALA A 1 8  ? 0.050  -2.269 -0.085  1.00 0.00 ? 8  ALA A H    5  
ATOM   921  H HA   . ALA A 1 8  ? -0.288 -2.269 -2.879  1.00 0.00 ? 8  ALA A HA   5  
ATOM   922  H HB1  . ALA A 1 8  ? -2.614 -2.821 -2.388  1.00 0.00 ? 8  ALA A HB1  5  
ATOM   923  H HB2  . ALA A 1 8  ? -2.403 -2.304 -0.714  1.00 0.00 ? 8  ALA A HB2  5  
ATOM   924  H HB3  . ALA A 1 8  ? -1.537 -3.716 -1.319  1.00 0.00 ? 8  ALA A HB3  5  
ATOM   925  N N    . ILE A 1 9  ? -1.526 0.334  -1.282  1.00 0.00 ? 9  ILE A N    5  
ATOM   926  C CA   . ILE A 1 9  ? -2.040 1.690  -1.443  1.00 0.00 ? 9  ILE A CA   5  
ATOM   927  C C    . ILE A 1 9  ? -1.028 2.573  -2.175  1.00 0.00 ? 9  ILE A C    5  
ATOM   928  O O    . ILE A 1 9  ? -1.388 3.343  -3.065  1.00 0.00 ? 9  ILE A O    5  
ATOM   929  C CB   . ILE A 1 9  ? -2.335 2.269  -0.058  1.00 0.00 ? 9  ILE A CB   5  
ATOM   930  C CG1  . ILE A 1 9  ? -3.521 1.520  0.547   1.00 0.00 ? 9  ILE A CG1  5  
ATOM   931  C CG2  . ILE A 1 9  ? -2.669 3.760  -0.158  1.00 0.00 ? 9  ILE A CG2  5  
ATOM   932  C CD1  . ILE A 1 9  ? -3.605 1.818  2.046   1.00 0.00 ? 9  ILE A CD1  5  
ATOM   933  H H    . ILE A 1 9  ? -1.371 -0.009 -0.377  1.00 0.00 ? 9  ILE A H    5  
ATOM   934  H HA   . ILE A 1 9  ? -2.955 1.656  -2.011  1.00 0.00 ? 9  ILE A HA   5  
ATOM   935  H HB   . ILE A 1 9  ? -1.475 2.138  0.575   1.00 0.00 ? 9  ILE A HB   5  
ATOM   936  H HG12 . ILE A 1 9  ? -4.428 1.844  0.068   1.00 0.00 ? 9  ILE A HG12 5  
ATOM   937  H HG13 . ILE A 1 9  ? -3.396 0.458  0.402   1.00 0.00 ? 9  ILE A HG13 5  
ATOM   938  H HG21 . ILE A 1 9  ? -1.774 4.314  -0.402  1.00 0.00 ? 9  ILE A HG21 5  
ATOM   939  H HG22 . ILE A 1 9  ? -3.056 4.103  0.789   1.00 0.00 ? 9  ILE A HG22 5  
ATOM   940  H HG23 . ILE A 1 9  ? -3.411 3.916  -0.928  1.00 0.00 ? 9  ILE A HG23 5  
ATOM   941  H HD11 . ILE A 1 9  ? -3.562 2.886  2.204   1.00 0.00 ? 9  ILE A HD11 5  
ATOM   942  H HD12 . ILE A 1 9  ? -2.776 1.347  2.554   1.00 0.00 ? 9  ILE A HD12 5  
ATOM   943  H HD13 . ILE A 1 9  ? -4.534 1.432  2.439   1.00 0.00 ? 9  ILE A HD13 5  
ATOM   944  N N    . ALA A 1 10 ? 0.236  2.453  -1.788  1.00 0.00 ? 10 ALA A N    5  
ATOM   945  C CA   . ALA A 1 10 ? 1.297  3.242  -2.400  1.00 0.00 ? 10 ALA A CA   5  
ATOM   946  C C    . ALA A 1 10 ? 1.473  2.870  -3.868  1.00 0.00 ? 10 ALA A C    5  
ATOM   947  O O    . ALA A 1 10 ? 1.704  3.730  -4.718  1.00 0.00 ? 10 ALA A O    5  
ATOM   948  C CB   . ALA A 1 10 ? 2.606  2.999  -1.656  1.00 0.00 ? 10 ALA A CB   5  
ATOM   949  H H    . ALA A 1 10 ? 0.463  1.825  -1.071  1.00 0.00 ? 10 ALA A H    5  
ATOM   950  H HA   . ALA A 1 10 ? 1.045  4.286  -2.328  1.00 0.00 ? 10 ALA A HA   5  
ATOM   951  H HB1  . ALA A 1 10 ? 2.936  1.983  -1.830  1.00 0.00 ? 10 ALA A HB1  5  
ATOM   952  H HB2  . ALA A 1 10 ? 2.450  3.152  -0.600  1.00 0.00 ? 10 ALA A HB2  5  
ATOM   953  H HB3  . ALA A 1 10 ? 3.356  3.686  -2.015  1.00 0.00 ? 10 ALA A HB3  5  
ATOM   954  N N    . LYS A 1 11 ? 1.370  1.579  -4.143  1.00 0.00 ? 11 LYS A N    5  
ATOM   955  C CA   . LYS A 1 11 ? 1.522  1.063  -5.496  1.00 0.00 ? 11 LYS A CA   5  
ATOM   956  C C    . LYS A 1 11 ? 0.478  1.666  -6.433  1.00 0.00 ? 11 LYS A C    5  
ATOM   957  O O    . LYS A 1 11 ? 0.794  2.086  -7.545  1.00 0.00 ? 11 LYS A O    5  
ATOM   958  C CB   . LYS A 1 11 ? 1.358  -0.456 -5.452  1.00 0.00 ? 11 LYS A CB   5  
ATOM   959  C CG   . LYS A 1 11 ? 1.551  -1.078 -6.843  1.00 0.00 ? 11 LYS A CG   5  
ATOM   960  C CD   . LYS A 1 11 ? 2.991  -0.872 -7.329  1.00 0.00 ? 11 LYS A CD   5  
ATOM   961  C CE   . LYS A 1 11 ? 3.327  -1.926 -8.387  1.00 0.00 ? 11 LYS A CE   5  
ATOM   962  N NZ   . LYS A 1 11 ? 3.326  -3.273 -7.745  1.00 0.00 ? 11 LYS A NZ   5  
ATOM   963  H H    . LYS A 1 11 ? 1.190  0.953  -3.412  1.00 0.00 ? 11 LYS A H    5  
ATOM   964  H HA   . LYS A 1 11 ? 2.510  1.302  -5.856  1.00 0.00 ? 11 LYS A HA   5  
ATOM   965  H HB2  . LYS A 1 11 ? 2.087  -0.870 -4.775  1.00 0.00 ? 11 LYS A HB2  5  
ATOM   966  H HB3  . LYS A 1 11 ? 0.366  -0.694 -5.094  1.00 0.00 ? 11 LYS A HB3  5  
ATOM   967  H HG2  . LYS A 1 11 ? 1.336  -2.136 -6.784  1.00 0.00 ? 11 LYS A HG2  5  
ATOM   968  H HG3  . LYS A 1 11 ? 0.874  -0.621 -7.541  1.00 0.00 ? 11 LYS A HG3  5  
ATOM   969  H HD2  . LYS A 1 11 ? 3.089  0.110  -7.764  1.00 0.00 ? 11 LYS A HD2  5  
ATOM   970  H HD3  . LYS A 1 11 ? 3.670  -0.970 -6.501  1.00 0.00 ? 11 LYS A HD3  5  
ATOM   971  H HE2  . LYS A 1 11 ? 2.588  -1.899 -9.173  1.00 0.00 ? 11 LYS A HE2  5  
ATOM   972  H HE3  . LYS A 1 11 ? 4.304  -1.724 -8.800  1.00 0.00 ? 11 LYS A HE3  5  
ATOM   973  H HZ1  . LYS A 1 11 ? 4.246  -3.731 -7.899  1.00 0.00 ? 11 LYS A HZ1  5  
ATOM   974  H HZ2  . LYS A 1 11 ? 2.572  -3.854 -8.165  1.00 0.00 ? 11 LYS A HZ2  5  
ATOM   975  H HZ3  . LYS A 1 11 ? 3.158  -3.167 -6.725  1.00 0.00 ? 11 LYS A HZ3  5  
ATOM   976  N N    . ALA A 1 12 ? -0.768 1.695  -5.972  1.00 0.00 ? 12 ALA A N    5  
ATOM   977  C CA   . ALA A 1 12 ? -1.860 2.238  -6.770  1.00 0.00 ? 12 ALA A CA   5  
ATOM   978  C C    . ALA A 1 12 ? -1.678 3.735  -7.007  1.00 0.00 ? 12 ALA A C    5  
ATOM   979  O O    . ALA A 1 12 ? -1.943 4.237  -8.098  1.00 0.00 ? 12 ALA A O    5  
ATOM   980  C CB   . ALA A 1 12 ? -3.183 1.999  -6.046  1.00 0.00 ? 12 ALA A CB   5  
ATOM   981  H H    . ALA A 1 12 ? -0.961 1.340  -5.078  1.00 0.00 ? 12 ALA A H    5  
ATOM   982  H HA   . ALA A 1 12 ? -1.888 1.727  -7.721  1.00 0.00 ? 12 ALA A HA   5  
ATOM   983  H HB1  . ALA A 1 12 ? -3.993 2.384  -6.645  1.00 0.00 ? 12 ALA A HB1  5  
ATOM   984  H HB2  . ALA A 1 12 ? -3.168 2.507  -5.092  1.00 0.00 ? 12 ALA A HB2  5  
ATOM   985  H HB3  . ALA A 1 12 ? -3.322 0.941  -5.890  1.00 0.00 ? 12 ALA A HB3  5  
ATOM   986  N N    . ALA A 1 13 ? -1.236 4.441  -5.970  1.00 0.00 ? 13 ALA A N    5  
ATOM   987  C CA   . ALA A 1 13 ? -1.035 5.881  -6.062  1.00 0.00 ? 13 ALA A CA   5  
ATOM   988  C C    . ALA A 1 13 ? 0.049  6.225  -7.078  1.00 0.00 ? 13 ALA A C    5  
ATOM   989  O O    . ALA A 1 13 ? -0.064 7.209  -7.813  1.00 0.00 ? 13 ALA A O    5  
ATOM   990  C CB   . ALA A 1 13 ? -0.645 6.431  -4.691  1.00 0.00 ? 13 ALA A CB   5  
ATOM   991  H H    . ALA A 1 13 ? -1.055 3.986  -5.121  1.00 0.00 ? 13 ALA A H    5  
ATOM   992  H HA   . ALA A 1 13 ? -1.959 6.340  -6.370  1.00 0.00 ? 13 ALA A HA   5  
ATOM   993  H HB1  . ALA A 1 13 ? -0.732 7.506  -4.697  1.00 0.00 ? 13 ALA A HB1  5  
ATOM   994  H HB2  . ALA A 1 13 ? 0.375  6.152  -4.468  1.00 0.00 ? 13 ALA A HB2  5  
ATOM   995  H HB3  . ALA A 1 13 ? -1.303 6.021  -3.941  1.00 0.00 ? 13 ALA A HB3  5  
ATOM   996  N N    . GLY A 1 14 ? 1.101  5.417  -7.108  1.00 0.00 ? 14 GLY A N    5  
ATOM   997  C CA   . GLY A 1 14 ? 2.203  5.649  -8.031  1.00 0.00 ? 14 GLY A CA   5  
ATOM   998  C C    . GLY A 1 14 ? 3.116  4.432  -8.107  1.00 0.00 ? 14 GLY A C    5  
ATOM   999  O O    . GLY A 1 14 ? 2.669  3.337  -8.453  1.00 0.00 ? 14 GLY A O    5  
ATOM   1000 H H    . GLY A 1 14 ? 1.136  4.656  -6.497  1.00 0.00 ? 14 GLY A H    5  
ATOM   1001 H HA2  . GLY A 1 14 ? 1.804  5.856  -9.013  1.00 0.00 ? 14 GLY A HA2  5  
ATOM   1002 H HA3  . GLY A 1 14 ? 2.776  6.497  -7.693  1.00 0.00 ? 14 GLY A HA3  5  
HETATM 1003 N N    . NH2 A 1 15 ? 4.378  4.555  -7.801  1.00 0.00 ? 15 NH2 A N    5  
HETATM 1004 H HN1  . NH2 A 1 15 ? 4.734  5.424  -7.524  1.00 0.00 ? 15 NH2 A HN1  5  
HETATM 1005 H HN2  . NH2 A 1 15 ? 4.970  3.775  -7.844  1.00 0.00 ? 15 NH2 A HN2  5  
ATOM   1006 N N    . GLY A 1 1  ? -2.605 -2.122 11.651  1.00 0.00 ? 1  GLY A N    6  
ATOM   1007 C CA   . GLY A 1 1  ? -2.527 -1.963 10.172  1.00 0.00 ? 1  GLY A CA   6  
ATOM   1008 C C    . GLY A 1 1  ? -1.413 -2.844 9.628   1.00 0.00 ? 1  GLY A C    6  
ATOM   1009 O O    . GLY A 1 1  ? -0.278 -2.798 10.102  1.00 0.00 ? 1  GLY A O    6  
ATOM   1010 H H1   . GLY A 1 1  ? -3.576 -1.932 11.970  1.00 0.00 ? 1  GLY A H1   6  
ATOM   1011 H H2   . GLY A 1 1  ? -1.951 -1.453 12.107  1.00 0.00 ? 1  GLY A H2   6  
ATOM   1012 H H3   . GLY A 1 1  ? -2.342 -3.094 11.910  1.00 0.00 ? 1  GLY A H3   6  
ATOM   1013 H HA2  . GLY A 1 1  ? -3.467 -2.259 9.730   1.00 0.00 ? 1  GLY A HA2  6  
ATOM   1014 H HA3  . GLY A 1 1  ? -2.320 -0.932 9.929   1.00 0.00 ? 1  GLY A HA3  6  
ATOM   1015 N N    . ILE A 1 2  ? -1.754 -3.653 8.631   1.00 0.00 ? 2  ILE A N    6  
ATOM   1016 C CA   . ILE A 1 2  ? -0.797 -4.560 8.013   1.00 0.00 ? 2  ILE A CA   6  
ATOM   1017 C C    . ILE A 1 2  ? 0.057  -3.793 7.010   1.00 0.00 ? 2  ILE A C    6  
ATOM   1018 O O    . ILE A 1 2  ? -0.456 -2.989 6.234   1.00 0.00 ? 2  ILE A O    6  
ATOM   1019 C CB   . ILE A 1 2  ? -1.564 -5.688 7.313   1.00 0.00 ? 2  ILE A CB   6  
ATOM   1020 C CG1  . ILE A 1 2  ? -2.586 -6.285 8.287   1.00 0.00 ? 2  ILE A CG1  6  
ATOM   1021 C CG2  . ILE A 1 2  ? -0.597 -6.785 6.861   1.00 0.00 ? 2  ILE A CG2  6  
ATOM   1022 C CD1  . ILE A 1 2  ? -3.396 -7.367 7.574   1.00 0.00 ? 2  ILE A CD1  6  
ATOM   1023 H H    . ILE A 1 2  ? -2.673 -3.642 8.302   1.00 0.00 ? 2  ILE A H    6  
ATOM   1024 H HA   . ILE A 1 2  ? -0.156 -4.985 8.770   1.00 0.00 ? 2  ILE A HA   6  
ATOM   1025 H HB   . ILE A 1 2  ? -2.081 -5.291 6.452   1.00 0.00 ? 2  ILE A HB   6  
ATOM   1026 H HG12 . ILE A 1 2  ? -2.070 -6.717 9.132   1.00 0.00 ? 2  ILE A HG12 6  
ATOM   1027 H HG13 . ILE A 1 2  ? -3.254 -5.510 8.630   1.00 0.00 ? 2  ILE A HG13 6  
ATOM   1028 H HG21 . ILE A 1 2  ? 0.267  -6.335 6.401   1.00 0.00 ? 2  ILE A HG21 6  
ATOM   1029 H HG22 . ILE A 1 2  ? -1.091 -7.429 6.149   1.00 0.00 ? 2  ILE A HG22 6  
ATOM   1030 H HG23 . ILE A 1 2  ? -0.286 -7.368 7.716   1.00 0.00 ? 2  ILE A HG23 6  
ATOM   1031 H HD11 . ILE A 1 2  ? -3.707 -7.004 6.605   1.00 0.00 ? 2  ILE A HD11 6  
ATOM   1032 H HD12 . ILE A 1 2  ? -4.266 -7.613 8.163   1.00 0.00 ? 2  ILE A HD12 6  
ATOM   1033 H HD13 . ILE A 1 2  ? -2.785 -8.248 7.448   1.00 0.00 ? 2  ILE A HD13 6  
ATOM   1034 N N    . LEU A 1 3  ? 1.357  -4.043 7.040   1.00 0.00 ? 3  LEU A N    6  
ATOM   1035 C CA   . LEU A 1 3  ? 2.293  -3.360 6.145   1.00 0.00 ? 3  LEU A CA   6  
ATOM   1036 C C    . LEU A 1 3  ? 1.902  -3.579 4.685   1.00 0.00 ? 3  LEU A C    6  
ATOM   1037 O O    . LEU A 1 3  ? 2.200  -2.760 3.815   1.00 0.00 ? 3  LEU A O    6  
ATOM   1038 C CB   . LEU A 1 3  ? 3.713  -3.904 6.385   1.00 0.00 ? 3  LEU A CB   6  
ATOM   1039 C CG   . LEU A 1 3  ? 4.362  -3.166 7.560   1.00 0.00 ? 3  LEU A CG   6  
ATOM   1040 C CD1  . LEU A 1 3  ? 3.489  -3.323 8.807   1.00 0.00 ? 3  LEU A CD1  6  
ATOM   1041 C CD2  . LEU A 1 3  ? 5.746  -3.756 7.831   1.00 0.00 ? 3  LEU A CD2  6  
ATOM   1042 H H    . LEU A 1 3  ? 1.702  -4.692 7.686   1.00 0.00 ? 3  LEU A H    6  
ATOM   1043 H HA   . LEU A 1 3  ? 2.276  -2.300 6.356   1.00 0.00 ? 3  LEU A HA   6  
ATOM   1044 H HB2  . LEU A 1 3  ? 3.659  -4.960 6.613   1.00 0.00 ? 3  LEU A HB2  6  
ATOM   1045 H HB3  . LEU A 1 3  ? 4.313  -3.766 5.499   1.00 0.00 ? 3  LEU A HB3  6  
ATOM   1046 H HG   . LEU A 1 3  ? 4.455  -2.118 7.315   1.00 0.00 ? 3  LEU A HG   6  
ATOM   1047 H HD11 . LEU A 1 3  ? 2.605  -2.709 8.708   1.00 0.00 ? 3  LEU A HD11 6  
ATOM   1048 H HD12 . LEU A 1 3  ? 4.047  -3.012 9.679   1.00 0.00 ? 3  LEU A HD12 6  
ATOM   1049 H HD13 . LEU A 1 3  ? 3.198  -4.357 8.915   1.00 0.00 ? 3  LEU A HD13 6  
ATOM   1050 H HD21 . LEU A 1 3  ? 6.235  -3.186 8.610   1.00 0.00 ? 3  LEU A HD21 6  
ATOM   1051 H HD22 . LEU A 1 3  ? 6.338  -3.715 6.930   1.00 0.00 ? 3  LEU A HD22 6  
ATOM   1052 H HD23 . LEU A 1 3  ? 5.642  -4.782 8.150   1.00 0.00 ? 3  LEU A HD23 6  
ATOM   1053 N N    . ASP A 1 4  ? 1.243  -4.695 4.438   1.00 0.00 ? 4  ASP A N    6  
ATOM   1054 C CA   . ASP A 1 4  ? 0.808  -5.061 3.092   1.00 0.00 ? 4  ASP A CA   6  
ATOM   1055 C C    . ASP A 1 4  ? -0.177 -4.034 2.530   1.00 0.00 ? 4  ASP A C    6  
ATOM   1056 O O    . ASP A 1 4  ? -0.148 -3.716 1.342   1.00 0.00 ? 4  ASP A O    6  
ATOM   1057 C CB   . ASP A 1 4  ? 0.140  -6.442 3.145   1.00 0.00 ? 4  ASP A CB   6  
ATOM   1058 C CG   . ASP A 1 4  ? -0.367 -6.858 1.767   1.00 0.00 ? 4  ASP A CG   6  
ATOM   1059 O OD1  . ASP A 1 4  ? -0.804 -7.989 1.638   1.00 0.00 ? 4  ASP A OD1  6  
ATOM   1060 O OD2  . ASP A 1 4  ? -0.307 -6.043 0.863   1.00 0.00 ? 4  ASP A OD2  6  
ATOM   1061 H H    . ASP A 1 4  ? 1.043  -5.293 5.185   1.00 0.00 ? 4  ASP A H    6  
ATOM   1062 H HA   . ASP A 1 4  ? 1.668  -5.111 2.442   1.00 0.00 ? 4  ASP A HA   6  
ATOM   1063 H HB2  . ASP A 1 4  ? 0.860  -7.167 3.492   1.00 0.00 ? 4  ASP A HB2  6  
ATOM   1064 H HB3  . ASP A 1 4  ? -0.694 -6.412 3.838   1.00 0.00 ? 4  ASP A HB3  6  
ATOM   1065 N N    . ALA A 1 5  ? -1.046 -3.528 3.395   1.00 0.00 ? 5  ALA A N    6  
ATOM   1066 C CA   . ALA A 1 5  ? -2.052 -2.548 2.993   1.00 0.00 ? 5  ALA A CA   6  
ATOM   1067 C C    . ALA A 1 5  ? -1.403 -1.248 2.518   1.00 0.00 ? 5  ALA A C    6  
ATOM   1068 O O    . ALA A 1 5  ? -1.814 -0.668 1.513   1.00 0.00 ? 5  ALA A O    6  
ATOM   1069 C CB   . ALA A 1 5  ? -2.970 -2.254 4.184   1.00 0.00 ? 5  ALA A CB   6  
ATOM   1070 H H    . ALA A 1 5  ? -1.016 -3.825 4.327   1.00 0.00 ? 5  ALA A H    6  
ATOM   1071 H HA   . ALA A 1 5  ? -2.644 -2.959 2.187   1.00 0.00 ? 5  ALA A HA   6  
ATOM   1072 H HB1  . ALA A 1 5  ? -3.229 -3.181 4.672   1.00 0.00 ? 5  ALA A HB1  6  
ATOM   1073 H HB2  . ALA A 1 5  ? -3.866 -1.764 3.839   1.00 0.00 ? 5  ALA A HB2  6  
ATOM   1074 H HB3  . ALA A 1 5  ? -2.456 -1.613 4.889   1.00 0.00 ? 5  ALA A HB3  6  
ATOM   1075 N N    . ILE A 1 6  ? -0.391 -0.802 3.251   1.00 0.00 ? 6  ILE A N    6  
ATOM   1076 C CA   . ILE A 1 6  ? 0.320  0.431  2.918   1.00 0.00 ? 6  ILE A CA   6  
ATOM   1077 C C    . ILE A 1 6  ? 1.009  0.315  1.559   1.00 0.00 ? 6  ILE A C    6  
ATOM   1078 O O    . ILE A 1 6  ? 0.973  1.242  0.751   1.00 0.00 ? 6  ILE A O    6  
ATOM   1079 C CB   . ILE A 1 6  ? 1.359  0.713  4.011   1.00 0.00 ? 6  ILE A CB   6  
ATOM   1080 C CG1  . ILE A 1 6  ? 0.632  1.067  5.309   1.00 0.00 ? 6  ILE A CG1  6  
ATOM   1081 C CG2  . ILE A 1 6  ? 2.262  1.879  3.599   1.00 0.00 ? 6  ILE A CG2  6  
ATOM   1082 C CD1  . ILE A 1 6  ? 1.620  1.038  6.475   1.00 0.00 ? 6  ILE A CD1  6  
ATOM   1083 H H    . ILE A 1 6  ? -0.112 -1.311 4.038   1.00 0.00 ? 6  ILE A H    6  
ATOM   1084 H HA   . ILE A 1 6  ? -0.387 1.247  2.883   1.00 0.00 ? 6  ILE A HA   6  
ATOM   1085 H HB   . ILE A 1 6  ? 1.964  -0.171 4.166   1.00 0.00 ? 6  ILE A HB   6  
ATOM   1086 H HG12 . ILE A 1 6  ? 0.203  2.054  5.222   1.00 0.00 ? 6  ILE A HG12 6  
ATOM   1087 H HG13 . ILE A 1 6  ? -0.154 0.349  5.487   1.00 0.00 ? 6  ILE A HG13 6  
ATOM   1088 H HG21 . ILE A 1 6  ? 2.946  1.551  2.830   1.00 0.00 ? 6  ILE A HG21 6  
ATOM   1089 H HG22 . ILE A 1 6  ? 2.823  2.221  4.458   1.00 0.00 ? 6  ILE A HG22 6  
ATOM   1090 H HG23 . ILE A 1 6  ? 1.655  2.688  3.221   1.00 0.00 ? 6  ILE A HG23 6  
ATOM   1091 H HD11 . ILE A 1 6  ? 1.850  0.012  6.725   1.00 0.00 ? 6  ILE A HD11 6  
ATOM   1092 H HD12 . ILE A 1 6  ? 1.180  1.527  7.331   1.00 0.00 ? 6  ILE A HD12 6  
ATOM   1093 H HD13 . ILE A 1 6  ? 2.526  1.552  6.192   1.00 0.00 ? 6  ILE A HD13 6  
ATOM   1094 N N    . LYS A 1 7  ? 1.638  -0.827 1.326   1.00 0.00 ? 7  LYS A N    6  
ATOM   1095 C CA   . LYS A 1 7  ? 2.348  -1.075 0.078   1.00 0.00 ? 7  LYS A CA   6  
ATOM   1096 C C    . LYS A 1 7  ? 1.402  -1.049 -1.113  1.00 0.00 ? 7  LYS A C    6  
ATOM   1097 O O    . LYS A 1 7  ? 1.716  -0.481 -2.158  1.00 0.00 ? 7  LYS A O    6  
ATOM   1098 C CB   . LYS A 1 7  ? 3.022  -2.442 0.178   1.00 0.00 ? 7  LYS A CB   6  
ATOM   1099 C CG   . LYS A 1 7  ? 4.096  -2.409 1.276   1.00 0.00 ? 7  LYS A CG   6  
ATOM   1100 C CD   . LYS A 1 7  ? 5.414  -1.877 0.715   1.00 0.00 ? 7  LYS A CD   6  
ATOM   1101 C CE   . LYS A 1 7  ? 6.454  -1.883 1.829   1.00 0.00 ? 7  LYS A CE   6  
ATOM   1102 N NZ   . LYS A 1 7  ? 6.686  -3.286 2.269   1.00 0.00 ? 7  LYS A NZ   6  
ATOM   1103 H H    . LYS A 1 7  ? 1.629  -1.525 2.011   1.00 0.00 ? 7  LYS A H    6  
ATOM   1104 H HA   . LYS A 1 7  ? 3.101  -0.325 -0.055  1.00 0.00 ? 7  LYS A HA   6  
ATOM   1105 H HB2  . LYS A 1 7  ? 2.279  -3.182 0.427   1.00 0.00 ? 7  LYS A HB2  6  
ATOM   1106 H HB3  . LYS A 1 7  ? 3.472  -2.696 -0.765  1.00 0.00 ? 7  LYS A HB3  6  
ATOM   1107 H HG2  . LYS A 1 7  ? 3.777  -1.764 2.077   1.00 0.00 ? 7  LYS A HG2  6  
ATOM   1108 H HG3  . LYS A 1 7  ? 4.249  -3.404 1.663   1.00 0.00 ? 7  LYS A HG3  6  
ATOM   1109 H HD2  . LYS A 1 7  ? 5.739  -2.513 -0.088  1.00 0.00 ? 7  LYS A HD2  6  
ATOM   1110 H HD3  . LYS A 1 7  ? 5.283  -0.872 0.352   1.00 0.00 ? 7  LYS A HD3  6  
ATOM   1111 H HE2  . LYS A 1 7  ? 7.379  -1.458 1.463   1.00 0.00 ? 7  LYS A HE2  6  
ATOM   1112 H HE3  . LYS A 1 7  ? 6.093  -1.298 2.664   1.00 0.00 ? 7  LYS A HE3  6  
ATOM   1113 H HZ1  . LYS A 1 7  ? 6.345  -3.405 3.242   1.00 0.00 ? 7  LYS A HZ1  6  
ATOM   1114 H HZ2  . LYS A 1 7  ? 7.702  -3.497 2.226   1.00 0.00 ? 7  LYS A HZ2  6  
ATOM   1115 H HZ3  . LYS A 1 7  ? 6.169  -3.936 1.639   1.00 0.00 ? 7  LYS A HZ3  6  
ATOM   1116 N N    . ALA A 1 8  ? 0.243  -1.665 -0.945  1.00 0.00 ? 8  ALA A N    6  
ATOM   1117 C CA   . ALA A 1 8  ? -0.756 -1.721 -2.006  1.00 0.00 ? 8  ALA A CA   6  
ATOM   1118 C C    . ALA A 1 8  ? -1.241 -0.320 -2.376  1.00 0.00 ? 8  ALA A C    6  
ATOM   1119 O O    . ALA A 1 8  ? -1.394 0.004  -3.553  1.00 0.00 ? 8  ALA A O    6  
ATOM   1120 C CB   . ALA A 1 8  ? -1.940 -2.567 -1.529  1.00 0.00 ? 8  ALA A CB   6  
ATOM   1121 H H    . ALA A 1 8  ? 0.052  -2.095 -0.086  1.00 0.00 ? 8  ALA A H    6  
ATOM   1122 H HA   . ALA A 1 8  ? -0.319 -2.185 -2.879  1.00 0.00 ? 8  ALA A HA   6  
ATOM   1123 H HB1  . ALA A 1 8  ? -2.477 -2.034 -0.755  1.00 0.00 ? 8  ALA A HB1  6  
ATOM   1124 H HB2  . ALA A 1 8  ? -1.575 -3.501 -1.132  1.00 0.00 ? 8  ALA A HB2  6  
ATOM   1125 H HB3  . ALA A 1 8  ? -2.603 -2.763 -2.358  1.00 0.00 ? 8  ALA A HB3  6  
ATOM   1126 N N    . ILE A 1 9  ? -1.478 0.498  -1.360  1.00 0.00 ? 9  ILE A N    6  
ATOM   1127 C CA   . ILE A 1 9  ? -1.951 1.866  -1.561  1.00 0.00 ? 9  ILE A CA   6  
ATOM   1128 C C    . ILE A 1 9  ? -0.915 2.695  -2.316  1.00 0.00 ? 9  ILE A C    6  
ATOM   1129 O O    . ILE A 1 9  ? -1.251 3.449  -3.229  1.00 0.00 ? 9  ILE A O    6  
ATOM   1130 C CB   . ILE A 1 9  ? -2.227 2.489  -0.187  1.00 0.00 ? 9  ILE A CB   6  
ATOM   1131 C CG1  . ILE A 1 9  ? -3.430 1.783  0.435   1.00 0.00 ? 9  ILE A CG1  6  
ATOM   1132 C CG2  . ILE A 1 9  ? -2.520 3.985  -0.322  1.00 0.00 ? 9  ILE A CG2  6  
ATOM   1133 C CD1  . ILE A 1 9  ? -3.529 2.138  1.918   1.00 0.00 ? 9  ILE A CD1  6  
ATOM   1134 H H    . ILE A 1 9  ? -1.333 0.177  -0.446  1.00 0.00 ? 9  ILE A H    6  
ATOM   1135 H HA   . ILE A 1 9  ? -2.869 1.845  -2.129  1.00 0.00 ? 9  ILE A HA   6  
ATOM   1136 H HB   . ILE A 1 9  ? -1.366 2.350  0.445   1.00 0.00 ? 9  ILE A HB   6  
ATOM   1137 H HG12 . ILE A 1 9  ? -4.322 2.103  -0.071  1.00 0.00 ? 9  ILE A HG12 6  
ATOM   1138 H HG13 . ILE A 1 9  ? -3.317 0.715  0.326   1.00 0.00 ? 9  ILE A HG13 6  
ATOM   1139 H HG21 . ILE A 1 9  ? -2.955 4.351  0.598   1.00 0.00 ? 9  ILE A HG21 6  
ATOM   1140 H HG22 . ILE A 1 9  ? -3.209 4.145  -1.136  1.00 0.00 ? 9  ILE A HG22 6  
ATOM   1141 H HG23 . ILE A 1 9  ? -1.600 4.517  -0.520  1.00 0.00 ? 9  ILE A HG23 6  
ATOM   1142 H HD11 . ILE A 1 9  ? -2.581 1.949  2.399   1.00 0.00 ? 9  ILE A HD11 6  
ATOM   1143 H HD12 . ILE A 1 9  ? -4.292 1.528  2.380   1.00 0.00 ? 9  ILE A HD12 6  
ATOM   1144 H HD13 . ILE A 1 9  ? -3.789 3.179  2.025   1.00 0.00 ? 9  ILE A HD13 6  
ATOM   1145 N N    . ALA A 1 10 ? 0.343  2.545  -1.925  1.00 0.00 ? 10 ALA A N    6  
ATOM   1146 C CA   . ALA A 1 10 ? 1.438  3.278  -2.553  1.00 0.00 ? 10 ALA A CA   6  
ATOM   1147 C C    . ALA A 1 10 ? 1.586  2.894  -4.021  1.00 0.00 ? 10 ALA A C    6  
ATOM   1148 O O    . ALA A 1 10 ? 1.808  3.742  -4.881  1.00 0.00 ? 10 ALA A O    6  
ATOM   1149 C CB   . ALA A 1 10 ? 2.743  2.967  -1.809  1.00 0.00 ? 10 ALA A CB   6  
ATOM   1150 H H    . ALA A 1 10 ? 0.541  1.926  -1.193  1.00 0.00 ? 10 ALA A H    6  
ATOM   1151 H HA   . ALA A 1 10 ? 1.239  4.334  -2.487  1.00 0.00 ? 10 ALA A HA   6  
ATOM   1152 H HB1  . ALA A 1 10 ? 3.503  3.676  -2.096  1.00 0.00 ? 10 ALA A HB1  6  
ATOM   1153 H HB2  . ALA A 1 10 ? 3.073  1.966  -2.056  1.00 0.00 ? 10 ALA A HB2  6  
ATOM   1154 H HB3  . ALA A 1 10 ? 2.571  3.032  -0.744  1.00 0.00 ? 10 ALA A HB3  6  
ATOM   1155 N N    . LYS A 1 11 ? 1.459  1.608  -4.291  1.00 0.00 ? 11 LYS A N    6  
ATOM   1156 C CA   . LYS A 1 11 ? 1.580  1.087  -5.644  1.00 0.00 ? 11 LYS A CA   6  
ATOM   1157 C C    . LYS A 1 11 ? 0.505  1.653  -6.561  1.00 0.00 ? 11 LYS A C    6  
ATOM   1158 O O    . LYS A 1 11 ? 0.777  2.037  -7.700  1.00 0.00 ? 11 LYS A O    6  
ATOM   1159 C CB   . LYS A 1 11 ? 1.464  -0.427 -5.577  1.00 0.00 ? 11 LYS A CB   6  
ATOM   1160 C CG   . LYS A 1 11 ? 2.707  -1.011 -4.886  1.00 0.00 ? 11 LYS A CG   6  
ATOM   1161 C CD   . LYS A 1 11 ? 3.832  -1.183 -5.903  1.00 0.00 ? 11 LYS A CD   6  
ATOM   1162 C CE   . LYS A 1 11 ? 5.058  -1.799 -5.235  1.00 0.00 ? 11 LYS A CE   6  
ATOM   1163 N NZ   . LYS A 1 11 ? 6.116  -1.962 -6.268  1.00 0.00 ? 11 LYS A NZ   6  
ATOM   1164 H H    . LYS A 1 11 ? 1.280  0.986  -3.560  1.00 0.00 ? 11 LYS A H    6  
ATOM   1165 H HA   . LYS A 1 11 ? 2.540  1.338  -6.029  1.00 0.00 ? 11 LYS A HA   6  
ATOM   1166 H HB2  . LYS A 1 11 ? 0.587  -0.680 -5.016  1.00 0.00 ? 11 LYS A HB2  6  
ATOM   1167 H HB3  . LYS A 1 11 ? 1.376  -0.829 -6.571  1.00 0.00 ? 11 LYS A HB3  6  
ATOM   1168 H HG2  . LYS A 1 11 ? 3.033  -0.346 -4.097  1.00 0.00 ? 11 LYS A HG2  6  
ATOM   1169 H HG3  . LYS A 1 11 ? 2.466  -1.961 -4.462  1.00 0.00 ? 11 LYS A HG3  6  
ATOM   1170 H HD2  . LYS A 1 11 ? 3.496  -1.829 -6.701  1.00 0.00 ? 11 LYS A HD2  6  
ATOM   1171 H HD3  . LYS A 1 11 ? 4.099  -0.230 -6.310  1.00 0.00 ? 11 LYS A HD3  6  
ATOM   1172 H HE2  . LYS A 1 11 ? 5.412  -1.148 -4.447  1.00 0.00 ? 11 LYS A HE2  6  
ATOM   1173 H HE3  . LYS A 1 11 ? 4.803  -2.765 -4.822  1.00 0.00 ? 11 LYS A HE3  6  
ATOM   1174 H HZ1  . LYS A 1 11 ? 6.993  -2.292 -5.824  1.00 0.00 ? 11 LYS A HZ1  6  
ATOM   1175 H HZ2  . LYS A 1 11 ? 6.284  -1.045 -6.734  1.00 0.00 ? 11 LYS A HZ2  6  
ATOM   1176 H HZ3  . LYS A 1 11 ? 5.803  -2.657 -6.976  1.00 0.00 ? 11 LYS A HZ3  6  
ATOM   1177 N N    . ALA A 1 12 ? -0.716 1.699  -6.051  1.00 0.00 ? 12 ALA A N    6  
ATOM   1178 C CA   . ALA A 1 12 ? -1.849 2.212  -6.814  1.00 0.00 ? 12 ALA A CA   6  
ATOM   1179 C C    . ALA A 1 12 ? -1.676 3.698  -7.113  1.00 0.00 ? 12 ALA A C    6  
ATOM   1180 O O    . ALA A 1 12 ? -2.013 4.168  -8.200  1.00 0.00 ? 12 ALA A O    6  
ATOM   1181 C CB   . ALA A 1 12 ? -3.132 1.995  -6.004  1.00 0.00 ? 12 ALA A CB   6  
ATOM   1182 H H    . ALA A 1 12 ? -0.861 1.379  -5.138  1.00 0.00 ? 12 ALA A H    6  
ATOM   1183 H HA   . ALA A 1 12 ? -1.924 1.669  -7.747  1.00 0.00 ? 12 ALA A HA   6  
ATOM   1184 H HB1  . ALA A 1 12 ? -3.991 2.204  -6.622  1.00 0.00 ? 12 ALA A HB1  6  
ATOM   1185 H HB2  . ALA A 1 12 ? -3.134 2.654  -5.147  1.00 0.00 ? 12 ALA A HB2  6  
ATOM   1186 H HB3  . ALA A 1 12 ? -3.170 0.970  -5.667  1.00 0.00 ? 12 ALA A HB3  6  
ATOM   1187 N N    . ALA A 1 13 ? -1.154 4.428  -6.135  1.00 0.00 ? 13 ALA A N    6  
ATOM   1188 C CA   . ALA A 1 13 ? -0.941 5.868  -6.274  1.00 0.00 ? 13 ALA A CA   6  
ATOM   1189 C C    . ALA A 1 13 ? 0.042  6.179  -7.398  1.00 0.00 ? 13 ALA A C    6  
ATOM   1190 O O    . ALA A 1 13 ? -0.134 7.143  -8.138  1.00 0.00 ? 13 ALA A O    6  
ATOM   1191 C CB   . ALA A 1 13 ? -0.409 6.429  -4.952  1.00 0.00 ? 13 ALA A CB   6  
ATOM   1192 H H    . ALA A 1 13 ? -0.912 3.991  -5.294  1.00 0.00 ? 13 ALA A H    6  
ATOM   1193 H HA   . ALA A 1 13 ? -1.881 6.342  -6.498  1.00 0.00 ? 13 ALA A HA   6  
ATOM   1194 H HB1  . ALA A 1 13 ? -0.206 7.483  -5.061  1.00 0.00 ? 13 ALA A HB1  6  
ATOM   1195 H HB2  . ALA A 1 13 ? 0.500  5.911  -4.681  1.00 0.00 ? 13 ALA A HB2  6  
ATOM   1196 H HB3  . ALA A 1 13 ? -1.149 6.281  -4.178  1.00 0.00 ? 13 ALA A HB3  6  
ATOM   1197 N N    . GLY A 1 14 ? 1.075  5.356  -7.518  1.00 0.00 ? 14 GLY A N    6  
ATOM   1198 C CA   . GLY A 1 14 ? 2.085  5.547  -8.559  1.00 0.00 ? 14 GLY A CA   6  
ATOM   1199 C C    . GLY A 1 14 ? 2.970  4.309  -8.693  1.00 0.00 ? 14 GLY A C    6  
ATOM   1200 O O    . GLY A 1 14 ? 3.304  3.667  -7.697  1.00 0.00 ? 14 GLY A O    6  
ATOM   1201 H H    . GLY A 1 14 ? 1.159  4.606  -6.896  1.00 0.00 ? 14 GLY A H    6  
ATOM   1202 H HA2  . GLY A 1 14 ? 1.592  5.737  -9.503  1.00 0.00 ? 14 GLY A HA2  6  
ATOM   1203 H HA3  . GLY A 1 14 ? 2.704  6.397  -8.305  1.00 0.00 ? 14 GLY A HA3  6  
HETATM 1204 N N    . NH2 A 1 15 ? 3.372  3.932  -9.876  1.00 0.00 ? 15 NH2 A N    6  
HETATM 1205 H HN1  . NH2 A 1 15 ? 3.104  4.445  -10.668 1.00 0.00 ? 15 NH2 A HN1  6  
HETATM 1206 H HN2  . NH2 A 1 15 ? 3.936  3.138  -9.975  1.00 0.00 ? 15 NH2 A HN2  6  
ATOM   1207 N N    . GLY A 1 1  ? -1.939 0.214  9.476   1.00 0.00 ? 1  GLY A N    7  
ATOM   1208 C CA   . GLY A 1 1  ? -2.486 -1.167 9.412   1.00 0.00 ? 1  GLY A CA   7  
ATOM   1209 C C    . GLY A 1 1  ? -1.353 -2.141 9.130   1.00 0.00 ? 1  GLY A C    7  
ATOM   1210 O O    . GLY A 1 1  ? -0.244 -1.980 9.649   1.00 0.00 ? 1  GLY A O    7  
ATOM   1211 H H1   . GLY A 1 1  ? -0.972 0.184  9.855   1.00 0.00 ? 1  GLY A H1   7  
ATOM   1212 H H2   . GLY A 1 1  ? -2.539 0.797  10.095  1.00 0.00 ? 1  GLY A H2   7  
ATOM   1213 H H3   . GLY A 1 1  ? -1.920 0.624  8.522   1.00 0.00 ? 1  GLY A H3   7  
ATOM   1214 H HA2  . GLY A 1 1  ? -2.953 -1.415 10.357  1.00 0.00 ? 1  GLY A HA2  7  
ATOM   1215 H HA3  . GLY A 1 1  ? -3.216 -1.235 8.619   1.00 0.00 ? 1  GLY A HA3  7  
ATOM   1216 N N    . ILE A 1 2  ? -1.638 -3.149 8.310   1.00 0.00 ? 2  ILE A N    7  
ATOM   1217 C CA   . ILE A 1 2  ? -0.655 -4.152 7.952   1.00 0.00 ? 2  ILE A CA   7  
ATOM   1218 C C    . ILE A 1 2  ? 0.242  -3.610 6.844   1.00 0.00 ? 2  ILE A C    7  
ATOM   1219 O O    . ILE A 1 2  ? -0.246 -3.008 5.888   1.00 0.00 ? 2  ILE A O    7  
ATOM   1220 C CB   . ILE A 1 2  ? -1.387 -5.408 7.479   1.00 0.00 ? 2  ILE A CB   7  
ATOM   1221 C CG1  . ILE A 1 2  ? -2.355 -5.873 8.572   1.00 0.00 ? 2  ILE A CG1  7  
ATOM   1222 C CG2  . ILE A 1 2  ? -0.390 -6.535 7.187   1.00 0.00 ? 2  ILE A CG2  7  
ATOM   1223 C CD1  . ILE A 1 2  ? -3.244 -6.990 8.029   1.00 0.00 ? 2  ILE A CD1  7  
ATOM   1224 H H    . ILE A 1 2  ? -2.535 -3.218 7.929   1.00 0.00 ? 2  ILE A H    7  
ATOM   1225 H HA   . ILE A 1 2  ? -0.058 -4.388 8.823   1.00 0.00 ? 2  ILE A HA   7  
ATOM   1226 H HB   . ILE A 1 2  ? -1.943 -5.179 6.581   1.00 0.00 ? 2  ILE A HB   7  
ATOM   1227 H HG12 . ILE A 1 2  ? -1.791 -6.239 9.420   1.00 0.00 ? 2  ILE A HG12 7  
ATOM   1228 H HG13 . ILE A 1 2  ? -2.973 -5.044 8.884   1.00 0.00 ? 2  ILE A HG13 7  
ATOM   1229 H HG21 . ILE A 1 2  ? 0.052  -6.877 8.112   1.00 0.00 ? 2  ILE A HG21 7  
ATOM   1230 H HG22 . ILE A 1 2  ? 0.386  -6.176 6.531   1.00 0.00 ? 2  ILE A HG22 7  
ATOM   1231 H HG23 . ILE A 1 2  ? -0.908 -7.356 6.713   1.00 0.00 ? 2  ILE A HG23 7  
ATOM   1232 H HD11 . ILE A 1 2  ? -2.670 -7.903 7.954   1.00 0.00 ? 2  ILE A HD11 7  
ATOM   1233 H HD12 . ILE A 1 2  ? -3.613 -6.715 7.052   1.00 0.00 ? 2  ILE A HD12 7  
ATOM   1234 H HD13 . ILE A 1 2  ? -4.076 -7.143 8.697   1.00 0.00 ? 2  ILE A HD13 7  
ATOM   1235 N N    . LEU A 1 3  ? 1.545  -3.827 6.981   1.00 0.00 ? 3  LEU A N    7  
ATOM   1236 C CA   . LEU A 1 3  ? 2.513  -3.344 5.997   1.00 0.00 ? 3  LEU A CA   7  
ATOM   1237 C C    . LEU A 1 3  ? 2.074  -3.697 4.579   1.00 0.00 ? 3  LEU A C    7  
ATOM   1238 O O    . LEU A 1 3  ? 2.347  -2.958 3.635   1.00 0.00 ? 3  LEU A O    7  
ATOM   1239 C CB   . LEU A 1 3  ? 3.888  -3.970 6.297   1.00 0.00 ? 3  LEU A CB   7  
ATOM   1240 C CG   . LEU A 1 3  ? 4.950  -3.459 5.314   1.00 0.00 ? 3  LEU A CG   7  
ATOM   1241 C CD1  . LEU A 1 3  ? 5.131  -1.936 5.459   1.00 0.00 ? 3  LEU A CD1  7  
ATOM   1242 C CD2  . LEU A 1 3  ? 6.274  -4.174 5.617   1.00 0.00 ? 3  LEU A CD2  7  
ATOM   1243 H H    . LEU A 1 3  ? 1.873  -4.306 7.771   1.00 0.00 ? 3  LEU A H    7  
ATOM   1244 H HA   . LEU A 1 3  ? 2.597  -2.272 6.084   1.00 0.00 ? 3  LEU A HA   7  
ATOM   1245 H HB2  . LEU A 1 3  ? 4.183  -3.703 7.301   1.00 0.00 ? 3  LEU A HB2  7  
ATOM   1246 H HB3  . LEU A 1 3  ? 3.821  -5.047 6.221   1.00 0.00 ? 3  LEU A HB3  7  
ATOM   1247 H HG   . LEU A 1 3  ? 4.647  -3.688 4.303   1.00 0.00 ? 3  LEU A HG   7  
ATOM   1248 H HD11 . LEU A 1 3  ? 4.995  -1.646 6.492   1.00 0.00 ? 3  LEU A HD11 7  
ATOM   1249 H HD12 . LEU A 1 3  ? 4.401  -1.428 4.847   1.00 0.00 ? 3  LEU A HD12 7  
ATOM   1250 H HD13 . LEU A 1 3  ? 6.125  -1.652 5.135   1.00 0.00 ? 3  LEU A HD13 7  
ATOM   1251 H HD21 . LEU A 1 3  ? 6.141  -5.239 5.506   1.00 0.00 ? 3  LEU A HD21 7  
ATOM   1252 H HD22 . LEU A 1 3  ? 6.578  -3.951 6.628   1.00 0.00 ? 3  LEU A HD22 7  
ATOM   1253 H HD23 . LEU A 1 3  ? 7.033  -3.832 4.929   1.00 0.00 ? 3  LEU A HD23 7  
ATOM   1254 N N    . ASP A 1 4  ? 1.412  -4.839 4.443   1.00 0.00 ? 4  ASP A N    7  
ATOM   1255 C CA   . ASP A 1 4  ? 0.963  -5.317 3.138   1.00 0.00 ? 4  ASP A CA   7  
ATOM   1256 C C    . ASP A 1 4  ? -0.080 -4.375 2.540   1.00 0.00 ? 4  ASP A C    7  
ATOM   1257 O O    . ASP A 1 4  ? -0.052 -4.086 1.341   1.00 0.00 ? 4  ASP A O    7  
ATOM   1258 C CB   . ASP A 1 4  ? 0.376  -6.732 3.323   1.00 0.00 ? 4  ASP A CB   7  
ATOM   1259 C CG   . ASP A 1 4  ? 1.490  -7.788 3.280   1.00 0.00 ? 4  ASP A CG   7  
ATOM   1260 O OD1  . ASP A 1 4  ? 2.624  -7.427 3.008   1.00 0.00 ? 4  ASP A OD1  7  
ATOM   1261 O OD2  . ASP A 1 4  ? 1.190  -8.941 3.540   1.00 0.00 ? 4  ASP A OD2  7  
ATOM   1262 H H    . ASP A 1 4  ? 1.236  -5.379 5.232   1.00 0.00 ? 4  ASP A H    7  
ATOM   1263 H HA   . ASP A 1 4  ? 1.806  -5.361 2.470   1.00 0.00 ? 4  ASP A HA   7  
ATOM   1264 H HB2  . ASP A 1 4  ? -0.126 -6.790 4.277   1.00 0.00 ? 4  ASP A HB2  7  
ATOM   1265 H HB3  . ASP A 1 4  ? -0.334 -6.939 2.534   1.00 0.00 ? 4  ASP A HB3  7  
ATOM   1266 N N    . ALA A 1 5  ? -0.988 -3.913 3.385   1.00 0.00 ? 5  ALA A N    7  
ATOM   1267 C CA   . ALA A 1 5  ? -2.052 -3.015 2.954   1.00 0.00 ? 5  ALA A CA   7  
ATOM   1268 C C    . ALA A 1 5  ? -1.486 -1.670 2.511   1.00 0.00 ? 5  ALA A C    7  
ATOM   1269 O O    . ALA A 1 5  ? -1.925 -1.105 1.506   1.00 0.00 ? 5  ALA A O    7  
ATOM   1270 C CB   . ALA A 1 5  ? -3.029 -2.817 4.115   1.00 0.00 ? 5  ALA A CB   7  
ATOM   1271 H H    . ALA A 1 5  ? -0.950 -4.186 4.320   1.00 0.00 ? 5  ALA A H    7  
ATOM   1272 H HA   . ALA A 1 5  ? -2.579 -3.464 2.131   1.00 0.00 ? 5  ALA A HA   7  
ATOM   1273 H HB1  . ALA A 1 5  ? -3.532 -3.752 4.314   1.00 0.00 ? 5  ALA A HB1  7  
ATOM   1274 H HB2  . ALA A 1 5  ? -3.757 -2.067 3.851   1.00 0.00 ? 5  ALA A HB2  7  
ATOM   1275 H HB3  . ALA A 1 5  ? -2.491 -2.505 5.000   1.00 0.00 ? 5  ALA A HB3  7  
ATOM   1276 N N    . ILE A 1 6  ? -0.513 -1.170 3.265   1.00 0.00 ? 6  ILE A N    7  
ATOM   1277 C CA   . ILE A 1 6  ? 0.118  0.110  2.968   1.00 0.00 ? 6  ILE A CA   7  
ATOM   1278 C C    . ILE A 1 6  ? 0.818  0.070  1.614   1.00 0.00 ? 6  ILE A C    7  
ATOM   1279 O O    . ILE A 1 6  ? 0.720  1.015  0.828   1.00 0.00 ? 6  ILE A O    7  
ATOM   1280 C CB   . ILE A 1 6  ? 1.117  0.419  4.087   1.00 0.00 ? 6  ILE A CB   7  
ATOM   1281 C CG1  . ILE A 1 6  ? 0.343  0.709  5.376   1.00 0.00 ? 6  ILE A CG1  7  
ATOM   1282 C CG2  . ILE A 1 6  ? 1.975  1.630  3.720   1.00 0.00 ? 6  ILE A CG2  7  
ATOM   1283 C CD1  . ILE A 1 6  ? 1.305  0.697  6.565   1.00 0.00 ? 6  ILE A CD1  7  
ATOM   1284 H H    . ILE A 1 6  ? -0.214 -1.670 4.050   1.00 0.00 ? 6  ILE A H    7  
ATOM   1285 H HA   . ILE A 1 6  ? -0.639 0.881  2.954   1.00 0.00 ? 6  ILE A HA   7  
ATOM   1286 H HB   . ILE A 1 6  ? 1.759  -0.436 4.243   1.00 0.00 ? 6  ILE A HB   7  
ATOM   1287 H HG12 . ILE A 1 6  ? -0.131 1.679  5.303   1.00 0.00 ? 6  ILE A HG12 7  
ATOM   1288 H HG13 . ILE A 1 6  ? -0.412 -0.049 5.519   1.00 0.00 ? 6  ILE A HG13 7  
ATOM   1289 H HG21 . ILE A 1 6  ? 2.673  1.352  2.945   1.00 0.00 ? 6  ILE A HG21 7  
ATOM   1290 H HG22 . ILE A 1 6  ? 2.522  1.957  4.594   1.00 0.00 ? 6  ILE A HG22 7  
ATOM   1291 H HG23 . ILE A 1 6  ? 1.344  2.429  3.369   1.00 0.00 ? 6  ILE A HG23 7  
ATOM   1292 H HD11 . ILE A 1 6  ? 2.216  1.215  6.300   1.00 0.00 ? 6  ILE A HD11 7  
ATOM   1293 H HD12 . ILE A 1 6  ? 1.536  -0.325 6.826   1.00 0.00 ? 6  ILE A HD12 7  
ATOM   1294 H HD13 . ILE A 1 6  ? 0.841  1.188  7.408   1.00 0.00 ? 6  ILE A HD13 7  
ATOM   1295 N N    . LYS A 1 7  ? 1.524  -1.025 1.361   1.00 0.00 ? 7  LYS A N    7  
ATOM   1296 C CA   . LYS A 1 7  ? 2.252  -1.200 0.117   1.00 0.00 ? 7  LYS A CA   7  
ATOM   1297 C C    . LYS A 1 7  ? 1.311  -1.173 -1.079  1.00 0.00 ? 7  LYS A C    7  
ATOM   1298 O O    . LYS A 1 7  ? 1.621  -0.572 -2.107  1.00 0.00 ? 7  LYS A O    7  
ATOM   1299 C CB   . LYS A 1 7  ? 2.989  -2.534 0.194   1.00 0.00 ? 7  LYS A CB   7  
ATOM   1300 C CG   . LYS A 1 7  ? 4.079  -2.468 1.285   1.00 0.00 ? 7  LYS A CG   7  
ATOM   1301 C CD   . LYS A 1 7  ? 5.339  -1.833 0.713   1.00 0.00 ? 7  LYS A CD   7  
ATOM   1302 C CE   . LYS A 1 7  ? 6.437  -1.789 1.769   1.00 0.00 ? 7  LYS A CE   7  
ATOM   1303 N NZ   . LYS A 1 7  ? 7.646  -1.190 1.148   1.00 0.00 ? 7  LYS A NZ   7  
ATOM   1304 H H    . LYS A 1 7  ? 1.562  -1.736 2.028   1.00 0.00 ? 7  LYS A H    7  
ATOM   1305 H HA   . LYS A 1 7  ? 2.966  -0.409 0.013   1.00 0.00 ? 7  LYS A HA   7  
ATOM   1306 H HB2  . LYS A 1 7  ? 2.284  -3.313 0.434   1.00 0.00 ? 7  LYS A HB2  7  
ATOM   1307 H HB3  . LYS A 1 7  ? 3.444  -2.747 -0.760  1.00 0.00 ? 7  LYS A HB3  7  
ATOM   1308 H HG2  . LYS A 1 7  ? 3.733  -1.871 2.112   1.00 0.00 ? 7  LYS A HG2  7  
ATOM   1309 H HG3  . LYS A 1 7  ? 4.307  -3.465 1.634   1.00 0.00 ? 7  LYS A HG3  7  
ATOM   1310 H HD2  . LYS A 1 7  ? 5.676  -2.419 -0.120  1.00 0.00 ? 7  LYS A HD2  7  
ATOM   1311 H HD3  . LYS A 1 7  ? 5.128  -0.831 0.386   1.00 0.00 ? 7  LYS A HD3  7  
ATOM   1312 H HE2  . LYS A 1 7  ? 6.117  -1.180 2.603   1.00 0.00 ? 7  LYS A HE2  7  
ATOM   1313 H HE3  . LYS A 1 7  ? 6.659  -2.787 2.109   1.00 0.00 ? 7  LYS A HE3  7  
ATOM   1314 H HZ1  . LYS A 1 7  ? 7.361  -0.578 0.357   1.00 0.00 ? 7  LYS A HZ1  7  
ATOM   1315 H HZ2  . LYS A 1 7  ? 8.263  -1.949 0.793   1.00 0.00 ? 7  LYS A HZ2  7  
ATOM   1316 H HZ3  . LYS A 1 7  ? 8.156  -0.625 1.853   1.00 0.00 ? 7  LYS A HZ3  7  
ATOM   1317 N N    . ALA A 1 8  ? 0.169  -1.827 -0.930  1.00 0.00 ? 8  ALA A N    7  
ATOM   1318 C CA   . ALA A 1 8  ? -0.819 -1.887 -1.996  1.00 0.00 ? 8  ALA A CA   7  
ATOM   1319 C C    . ALA A 1 8  ? -1.310 -0.488 -2.366  1.00 0.00 ? 8  ALA A C    7  
ATOM   1320 O O    . ALA A 1 8  ? -1.439 -0.154 -3.551  1.00 0.00 ? 8  ALA A O    7  
ATOM   1321 C CB   . ALA A 1 8  ? -1.990 -2.756 -1.523  1.00 0.00 ? 8  ALA A CB   7  
ATOM   1322 H H    . ALA A 1 8  ? -0.015 -2.285 -0.088  1.00 0.00 ? 8  ALA A H    7  
ATOM   1323 H HA   . ALA A 1 8  ? -0.377 -2.347 -2.864  1.00 0.00 ? 8  ALA A HA   7  
ATOM   1324 H HB1  . ALA A 1 8  ? -2.250 -2.494 -0.505  1.00 0.00 ? 8  ALA A HB1  7  
ATOM   1325 H HB2  . ALA A 1 8  ? -1.696 -3.794 -1.560  1.00 0.00 ? 8  ALA A HB2  7  
ATOM   1326 H HB3  . ALA A 1 8  ? -2.842 -2.600 -2.166  1.00 0.00 ? 8  ALA A HB3  7  
ATOM   1327 N N    . ILE A 1 9  ? -1.584 0.319  -1.345  1.00 0.00 ? 9  ILE A N    7  
ATOM   1328 C CA   . ILE A 1 9  ? -2.073 1.680  -1.545  1.00 0.00 ? 9  ILE A CA   7  
ATOM   1329 C C    . ILE A 1 9  ? -1.039 2.528  -2.272  1.00 0.00 ? 9  ILE A C    7  
ATOM   1330 O O    . ILE A 1 9  ? -1.375 3.285  -3.185  1.00 0.00 ? 9  ILE A O    7  
ATOM   1331 C CB   . ILE A 1 9  ? -2.397 2.281  -0.173  1.00 0.00 ? 9  ILE A CB   7  
ATOM   1332 C CG1  . ILE A 1 9  ? -3.590 1.527  0.439   1.00 0.00 ? 9  ILE A CG1  7  
ATOM   1333 C CG2  . ILE A 1 9  ? -2.732 3.768  -0.294  1.00 0.00 ? 9  ILE A CG2  7  
ATOM   1334 C CD1  . ILE A 1 9  ? -4.862 1.652  -0.426  1.00 0.00 ? 9  ILE A CD1  7  
ATOM   1335 H H    . ILE A 1 9  ? -1.460 -0.009 -0.433  1.00 0.00 ? 9  ILE A H    7  
ATOM   1336 H HA   . ILE A 1 9  ? -2.971 1.647  -2.137  1.00 0.00 ? 9  ILE A HA   7  
ATOM   1337 H HB   . ILE A 1 9  ? -1.539 2.169  0.477   1.00 0.00 ? 9  ILE A HB   7  
ATOM   1338 H HG12 . ILE A 1 9  ? -3.332 0.485  0.521   1.00 0.00 ? 9  ILE A HG12 7  
ATOM   1339 H HG13 . ILE A 1 9  ? -3.790 1.919  1.425   1.00 0.00 ? 9  ILE A HG13 7  
ATOM   1340 H HG21 . ILE A 1 9  ? -1.834 4.326  -0.509  1.00 0.00 ? 9  ILE A HG21 7  
ATOM   1341 H HG22 . ILE A 1 9  ? -3.157 4.112  0.638   1.00 0.00 ? 9  ILE A HG22 7  
ATOM   1342 H HG23 . ILE A 1 9  ? -3.446 3.909  -1.088  1.00 0.00 ? 9  ILE A HG23 7  
ATOM   1343 H HD11 . ILE A 1 9  ? -4.856 2.581  -0.980  1.00 0.00 ? 9  ILE A HD11 7  
ATOM   1344 H HD12 . ILE A 1 9  ? -5.734 1.623  0.214   1.00 0.00 ? 9  ILE A HD12 7  
ATOM   1345 H HD13 . ILE A 1 9  ? -4.905 0.823  -1.118  1.00 0.00 ? 9  ILE A HD13 7  
ATOM   1346 N N    . ALA A 1 10 ? 0.209  2.392  -1.854  1.00 0.00 ? 10 ALA A N    7  
ATOM   1347 C CA   . ALA A 1 10 ? 1.302  3.145  -2.449  1.00 0.00 ? 10 ALA A CA   7  
ATOM   1348 C C    . ALA A 1 10 ? 1.451  2.816  -3.929  1.00 0.00 ? 10 ALA A C    7  
ATOM   1349 O O    . ALA A 1 10 ? 1.693  3.702  -4.752  1.00 0.00 ? 10 ALA A O    7  
ATOM   1350 C CB   . ALA A 1 10 ? 2.593  2.812  -1.699  1.00 0.00 ? 10 ALA A CB   7  
ATOM   1351 H H    . ALA A 1 10 ? 0.405  1.772  -1.124  1.00 0.00 ? 10 ALA A H    7  
ATOM   1352 H HA   . ALA A 1 10 ? 1.102  4.196  -2.344  1.00 0.00 ? 10 ALA A HA   7  
ATOM   1353 H HB1  . ALA A 1 10 ? 2.837  1.766  -1.835  1.00 0.00 ? 10 ALA A HB1  7  
ATOM   1354 H HB2  . ALA A 1 10 ? 2.451  3.014  -0.648  1.00 0.00 ? 10 ALA A HB2  7  
ATOM   1355 H HB3  . ALA A 1 10 ? 3.398  3.422  -2.077  1.00 0.00 ? 10 ALA A HB3  7  
ATOM   1356 N N    . LYS A 1 11 ? 1.308  1.540  -4.252  1.00 0.00 ? 11 LYS A N    7  
ATOM   1357 C CA   . LYS A 1 11 ? 1.437  1.076  -5.620  1.00 0.00 ? 11 LYS A CA   7  
ATOM   1358 C C    . LYS A 1 11 ? 0.409  1.730  -6.530  1.00 0.00 ? 11 LYS A C    7  
ATOM   1359 O O    . LYS A 1 11 ? 0.730  2.150  -7.643  1.00 0.00 ? 11 LYS A O    7  
ATOM   1360 C CB   . LYS A 1 11 ? 1.258  -0.434 -5.615  1.00 0.00 ? 11 LYS A CB   7  
ATOM   1361 C CG   . LYS A 1 11 ? 2.472  -1.095 -4.933  1.00 0.00 ? 11 LYS A CG   7  
ATOM   1362 C CD   . LYS A 1 11 ? 3.601  -1.268 -5.941  1.00 0.00 ? 11 LYS A CD   7  
ATOM   1363 C CE   . LYS A 1 11 ? 4.794  -1.955 -5.291  1.00 0.00 ? 11 LYS A CE   7  
ATOM   1364 N NZ   . LYS A 1 11 ? 5.851  -2.104 -6.324  1.00 0.00 ? 11 LYS A NZ   7  
ATOM   1365 H H    . LYS A 1 11 ? 1.121  0.888  -3.551  1.00 0.00 ? 11 LYS A H    7  
ATOM   1366 H HA   . LYS A 1 11 ? 2.414  1.299  -5.976  1.00 0.00 ? 11 LYS A HA   7  
ATOM   1367 H HB2  . LYS A 1 11 ? 0.361  -0.676 -5.070  1.00 0.00 ? 11 LYS A HB2  7  
ATOM   1368 H HB3  . LYS A 1 11 ? 1.171  -0.792 -6.627  1.00 0.00 ? 11 LYS A HB3  7  
ATOM   1369 H HG2  . LYS A 1 11 ? 2.818  -0.478 -4.115  1.00 0.00 ? 11 LYS A HG2  7  
ATOM   1370 H HG3  . LYS A 1 11 ? 2.189  -2.056 -4.555  1.00 0.00 ? 11 LYS A HG3  7  
ATOM   1371 H HD2  . LYS A 1 11 ? 3.252  -1.869 -6.764  1.00 0.00 ? 11 LYS A HD2  7  
ATOM   1372 H HD3  . LYS A 1 11 ? 3.908  -0.308 -6.306  1.00 0.00 ? 11 LYS A HD3  7  
ATOM   1373 H HE2  . LYS A 1 11 ? 5.164  -1.351 -4.475  1.00 0.00 ? 11 LYS A HE2  7  
ATOM   1374 H HE3  . LYS A 1 11 ? 4.504  -2.927 -4.926  1.00 0.00 ? 11 LYS A HE3  7  
ATOM   1375 H HZ1  . LYS A 1 11 ? 5.584  -1.559 -7.171  1.00 0.00 ? 11 LYS A HZ1  7  
ATOM   1376 H HZ2  . LYS A 1 11 ? 5.952  -3.108 -6.574  1.00 0.00 ? 11 LYS A HZ2  7  
ATOM   1377 H HZ3  . LYS A 1 11 ? 6.752  -1.742 -5.955  1.00 0.00 ? 11 LYS A HZ3  7  
ATOM   1378 N N    . ALA A 1 12 ? -0.820 1.812  -6.040  1.00 0.00 ? 12 ALA A N    7  
ATOM   1379 C CA   . ALA A 1 12 ? -1.907 2.415  -6.799  1.00 0.00 ? 12 ALA A CA   7  
ATOM   1380 C C    . ALA A 1 12 ? -1.658 3.906  -7.018  1.00 0.00 ? 12 ALA A C    7  
ATOM   1381 O O    . ALA A 1 12 ? -1.918 4.434  -8.102  1.00 0.00 ? 12 ALA A O    7  
ATOM   1382 C CB   . ALA A 1 12 ? -3.213 2.205  -6.032  1.00 0.00 ? 12 ALA A CB   7  
ATOM   1383 H H    . ALA A 1 12 ? -1.006 1.454  -5.146  1.00 0.00 ? 12 ALA A H    7  
ATOM   1384 H HA   . ALA A 1 12 ? -1.985 1.925  -7.755  1.00 0.00 ? 12 ALA A HA   7  
ATOM   1385 H HB1  . ALA A 1 12 ? -3.300 1.161  -5.762  1.00 0.00 ? 12 ALA A HB1  7  
ATOM   1386 H HB2  . ALA A 1 12 ? -4.045 2.486  -6.654  1.00 0.00 ? 12 ALA A HB2  7  
ATOM   1387 H HB3  . ALA A 1 12 ? -3.212 2.807  -5.133  1.00 0.00 ? 12 ALA A HB3  7  
ATOM   1388 N N    . ALA A 1 13 ? -1.162 4.567  -5.975  1.00 0.00 ? 13 ALA A N    7  
ATOM   1389 C CA   . ALA A 1 13 ? -0.884 5.997  -6.030  1.00 0.00 ? 13 ALA A CA   7  
ATOM   1390 C C    . ALA A 1 13 ? 0.184  6.317  -7.068  1.00 0.00 ? 13 ALA A C    7  
ATOM   1391 O O    . ALA A 1 13 ? 0.081  7.314  -7.786  1.00 0.00 ? 13 ALA A O    7  
ATOM   1392 C CB   . ALA A 1 13 ? -0.429 6.465  -4.648  1.00 0.00 ? 13 ALA A CB   7  
ATOM   1393 H H    . ALA A 1 13 ? -0.988 4.084  -5.146  1.00 0.00 ? 13 ALA A H    7  
ATOM   1394 H HA   . ALA A 1 13 ? -1.789 6.518  -6.289  1.00 0.00 ? 13 ALA A HA   7  
ATOM   1395 H HB1  . ALA A 1 13 ? 0.475  5.944  -4.366  1.00 0.00 ? 13 ALA A HB1  7  
ATOM   1396 H HB2  . ALA A 1 13 ? -1.207 6.250  -3.928  1.00 0.00 ? 13 ALA A HB2  7  
ATOM   1397 H HB3  . ALA A 1 13 ? -0.244 7.527  -4.669  1.00 0.00 ? 13 ALA A HB3  7  
ATOM   1398 N N    . GLY A 1 14 ? 1.203  5.466  -7.142  1.00 0.00 ? 14 GLY A N    7  
ATOM   1399 C CA   . GLY A 1 14 ? 2.291  5.659  -8.096  1.00 0.00 ? 14 GLY A CA   7  
ATOM   1400 C C    . GLY A 1 14 ? 3.026  4.350  -8.344  1.00 0.00 ? 14 GLY A C    7  
ATOM   1401 O O    . GLY A 1 14 ? 3.800  4.237  -9.295  1.00 0.00 ? 14 GLY A O    7  
ATOM   1402 H H    . GLY A 1 14 ? 1.225  4.696  -6.543  1.00 0.00 ? 14 GLY A H    7  
ATOM   1403 H HA2  . GLY A 1 14 ? 1.886  6.020  -9.029  1.00 0.00 ? 14 GLY A HA2  7  
ATOM   1404 H HA3  . GLY A 1 14 ? 2.987  6.384  -7.705  1.00 0.00 ? 14 GLY A HA3  7  
HETATM 1405 N N    . NH2 A 1 15 ? 2.826  3.347  -7.537  1.00 0.00 ? 15 NH2 A N    7  
HETATM 1406 H HN1  . NH2 A 1 15 ? 2.211  3.444  -6.781  1.00 0.00 ? 15 NH2 A HN1  7  
HETATM 1407 H HN2  . NH2 A 1 15 ? 3.289  2.495  -7.685  1.00 0.00 ? 15 NH2 A HN2  7  
ATOM   1408 N N    . GLY A 1 1  ? -3.135 -0.792 8.233   1.00 0.00 ? 1  GLY A N    8  
ATOM   1409 C CA   . GLY A 1 1  ? -2.382 -1.152 9.470   1.00 0.00 ? 1  GLY A CA   8  
ATOM   1410 C C    . GLY A 1 1  ? -1.280 -2.151 9.133   1.00 0.00 ? 1  GLY A C    8  
ATOM   1411 O O    . GLY A 1 1  ? -0.152 -2.032 9.611   1.00 0.00 ? 1  GLY A O    8  
ATOM   1412 H H1   . GLY A 1 1  ? -2.485 -0.376 7.537   1.00 0.00 ? 1  GLY A H1   8  
ATOM   1413 H H2   . GLY A 1 1  ? -3.879 -0.103 8.470   1.00 0.00 ? 1  GLY A H2   8  
ATOM   1414 H H3   . GLY A 1 1  ? -3.570 -1.646 7.830   1.00 0.00 ? 1  GLY A H3   8  
ATOM   1415 H HA2  . GLY A 1 1  ? -1.948 -0.263 9.900   1.00 0.00 ? 1  GLY A HA2  8  
ATOM   1416 H HA3  . GLY A 1 1  ? -3.060 -1.602 10.180  1.00 0.00 ? 1  GLY A HA3  8  
ATOM   1417 N N    . ILE A 1 2  ? -1.623 -3.139 8.317   1.00 0.00 ? 2  ILE A N    8  
ATOM   1418 C CA   . ILE A 1 2  ? -0.677 -4.170 7.916   1.00 0.00 ? 2  ILE A CA   8  
ATOM   1419 C C    . ILE A 1 2  ? 0.209  -3.636 6.799   1.00 0.00 ? 2  ILE A C    8  
ATOM   1420 O O    . ILE A 1 2  ? -0.277 -3.006 5.864   1.00 0.00 ? 2  ILE A O    8  
ATOM   1421 C CB   . ILE A 1 2  ? -1.458 -5.404 7.444   1.00 0.00 ? 2  ILE A CB   8  
ATOM   1422 C CG1  . ILE A 1 2  ? -2.408 -5.857 8.554   1.00 0.00 ? 2  ILE A CG1  8  
ATOM   1423 C CG2  . ILE A 1 2  ? -0.496 -6.549 7.120   1.00 0.00 ? 2  ILE A CG2  8  
ATOM   1424 C CD1  . ILE A 1 2  ? -3.348 -6.934 8.008   1.00 0.00 ? 2  ILE A CD1  8  
ATOM   1425 H H    . ILE A 1 2  ? -2.538 -3.178 7.974   1.00 0.00 ? 2  ILE A H    8  
ATOM   1426 H HA   . ILE A 1 2  ? -0.058 -4.445 8.759   1.00 0.00 ? 2  ILE A HA   8  
ATOM   1427 H HB   . ILE A 1 2  ? -2.028 -5.152 6.562   1.00 0.00 ? 2  ILE A HB   8  
ATOM   1428 H HG12 . ILE A 1 2  ? -1.838 -6.259 9.379   1.00 0.00 ? 2  ILE A HG12 8  
ATOM   1429 H HG13 . ILE A 1 2  ? -2.993 -5.015 8.895   1.00 0.00 ? 2  ILE A HG13 8  
ATOM   1430 H HG21 . ILE A 1 2  ? 0.221  -6.221 6.391   1.00 0.00 ? 2  ILE A HG21 8  
ATOM   1431 H HG22 . ILE A 1 2  ? -1.053 -7.387 6.724   1.00 0.00 ? 2  ILE A HG22 8  
ATOM   1432 H HG23 . ILE A 1 2  ? 0.019  -6.852 8.019   1.00 0.00 ? 2  ILE A HG23 8  
ATOM   1433 H HD11 . ILE A 1 2  ? -2.765 -7.761 7.631   1.00 0.00 ? 2  ILE A HD11 8  
ATOM   1434 H HD12 . ILE A 1 2  ? -3.944 -6.520 7.208   1.00 0.00 ? 2  ILE A HD12 8  
ATOM   1435 H HD13 . ILE A 1 2  ? -3.998 -7.280 8.798   1.00 0.00 ? 2  ILE A HD13 8  
ATOM   1436 N N    . LEU A 1 3  ? 1.509  -3.889 6.913   1.00 0.00 ? 3  LEU A N    8  
ATOM   1437 C CA   . LEU A 1 3  ? 2.477  -3.421 5.918   1.00 0.00 ? 3  LEU A CA   8  
ATOM   1438 C C    . LEU A 1 3  ? 2.003  -3.752 4.508   1.00 0.00 ? 3  LEU A C    8  
ATOM   1439 O O    . LEU A 1 3  ? 2.274  -3.016 3.560   1.00 0.00 ? 3  LEU A O    8  
ATOM   1440 C CB   . LEU A 1 3  ? 3.840  -4.083 6.179   1.00 0.00 ? 3  LEU A CB   8  
ATOM   1441 C CG   . LEU A 1 3  ? 4.859  -3.690 5.096   1.00 0.00 ? 3  LEU A CG   8  
ATOM   1442 C CD1  . LEU A 1 3  ? 4.999  -2.160 5.027   1.00 0.00 ? 3  LEU A CD1  8  
ATOM   1443 C CD2  . LEU A 1 3  ? 6.211  -4.323 5.448   1.00 0.00 ? 3  LEU A CD2  8  
ATOM   1444 H H    . LEU A 1 3  ? 1.827  -4.395 7.689   1.00 0.00 ? 3  LEU A H    8  
ATOM   1445 H HA   . LEU A 1 3  ? 2.585  -2.351 6.010   1.00 0.00 ? 3  LEU A HA   8  
ATOM   1446 H HB2  . LEU A 1 3  ? 4.211  -3.768 7.141   1.00 0.00 ? 3  LEU A HB2  8  
ATOM   1447 H HB3  . LEU A 1 3  ? 3.721  -5.158 6.178   1.00 0.00 ? 3  LEU A HB3  8  
ATOM   1448 H HG   . LEU A 1 3  ? 4.531  -4.063 4.136   1.00 0.00 ? 3  LEU A HG   8  
ATOM   1449 H HD11 . LEU A 1 3  ? 5.954  -1.901 4.593   1.00 0.00 ? 3  LEU A HD11 8  
ATOM   1450 H HD12 . LEU A 1 3  ? 4.934  -1.744 6.022   1.00 0.00 ? 3  LEU A HD12 8  
ATOM   1451 H HD13 . LEU A 1 3  ? 4.207  -1.755 4.415   1.00 0.00 ? 3  LEU A HD13 8  
ATOM   1452 H HD21 . LEU A 1 3  ? 6.887  -4.226 4.612   1.00 0.00 ? 3  LEU A HD21 8  
ATOM   1453 H HD22 . LEU A 1 3  ? 6.067  -5.368 5.676   1.00 0.00 ? 3  LEU A HD22 8  
ATOM   1454 H HD23 . LEU A 1 3  ? 6.628  -3.823 6.311   1.00 0.00 ? 3  LEU A HD23 8  
ATOM   1455 N N    . ASP A 1 4  ? 1.303  -4.865 4.389   1.00 0.00 ? 4  ASP A N    8  
ATOM   1456 C CA   . ASP A 1 4  ? 0.795  -5.324 3.100   1.00 0.00 ? 4  ASP A CA   8  
ATOM   1457 C C    . ASP A 1 4  ? -0.205 -4.334 2.511   1.00 0.00 ? 4  ASP A C    8  
ATOM   1458 O O    . ASP A 1 4  ? -0.160 -4.024 1.320   1.00 0.00 ? 4  ASP A O    8  
ATOM   1459 C CB   . ASP A 1 4  ? 0.119  -6.689 3.290   1.00 0.00 ? 4  ASP A CB   8  
ATOM   1460 C CG   . ASP A 1 4  ? 1.182  -7.750 3.555   1.00 0.00 ? 4  ASP A CG   8  
ATOM   1461 O OD1  . ASP A 1 4  ? 2.347  -7.453 3.354   1.00 0.00 ? 4  ASP A OD1  8  
ATOM   1462 O OD2  . ASP A 1 4  ? 0.817  -8.843 3.955   1.00 0.00 ? 4  ASP A OD2  8  
ATOM   1463 H H    . ASP A 1 4  ? 1.123  -5.399 5.189   1.00 0.00 ? 4  ASP A H    8  
ATOM   1464 H HA   . ASP A 1 4  ? 1.619  -5.436 2.415   1.00 0.00 ? 4  ASP A HA   8  
ATOM   1465 H HB2  . ASP A 1 4  ? -0.558 -6.638 4.131   1.00 0.00 ? 4  ASP A HB2  8  
ATOM   1466 H HB3  . ASP A 1 4  ? -0.434 -6.950 2.399   1.00 0.00 ? 4  ASP A HB3  8  
ATOM   1467 N N    . ALA A 1 5  ? -1.101 -3.849 3.355   1.00 0.00 ? 5  ALA A N    8  
ATOM   1468 C CA   . ALA A 1 5  ? -2.126 -2.898 2.928   1.00 0.00 ? 5  ALA A CA   8  
ATOM   1469 C C    . ALA A 1 5  ? -1.507 -1.564 2.511   1.00 0.00 ? 5  ALA A C    8  
ATOM   1470 O O    . ALA A 1 5  ? -1.925 -0.955 1.527   1.00 0.00 ? 5  ALA A O    8  
ATOM   1471 C CB   . ALA A 1 5  ? -3.106 -2.658 4.084   1.00 0.00 ? 5  ALA A CB   8  
ATOM   1472 H H    . ALA A 1 5  ? -1.078 -4.139 4.290   1.00 0.00 ? 5  ALA A H    8  
ATOM   1473 H HA   . ALA A 1 5  ? -2.667 -3.312 2.092   1.00 0.00 ? 5  ALA A HA   8  
ATOM   1474 H HB1  . ALA A 1 5  ? -3.838 -1.918 3.793   1.00 0.00 ? 5  ALA A HB1  8  
ATOM   1475 H HB2  . ALA A 1 5  ? -2.562 -2.304 4.949   1.00 0.00 ? 5  ALA A HB2  8  
ATOM   1476 H HB3  . ALA A 1 5  ? -3.607 -3.582 4.330   1.00 0.00 ? 5  ALA A HB3  8  
ATOM   1477 N N    . ILE A 1 6  ? -0.513 -1.128 3.268   1.00 0.00 ? 6  ILE A N    8  
ATOM   1478 C CA   . ILE A 1 6  ? 0.173  0.134  2.995   1.00 0.00 ? 6  ILE A CA   8  
ATOM   1479 C C    . ILE A 1 6  ? 0.880  0.096  1.644   1.00 0.00 ? 6  ILE A C    8  
ATOM   1480 O O    . ILE A 1 6  ? 0.838  1.059  0.878   1.00 0.00 ? 6  ILE A O    8  
ATOM   1481 C CB   . ILE A 1 6  ? 1.189  0.386  4.117   1.00 0.00 ? 6  ILE A CB   8  
ATOM   1482 C CG1  . ILE A 1 6  ? 0.425  0.678  5.410   1.00 0.00 ? 6  ILE A CG1  8  
ATOM   1483 C CG2  . ILE A 1 6  ? 2.094  1.572  3.772   1.00 0.00 ? 6  ILE A CG2  8  
ATOM   1484 C CD1  . ILE A 1 6  ? 1.372  0.601  6.608   1.00 0.00 ? 6  ILE A CD1  8  
ATOM   1485 H H    . ILE A 1 6  ? -0.229 -1.667 4.036   1.00 0.00 ? 6  ILE A H    8  
ATOM   1486 H HA   . ILE A 1 6  ? -0.551 0.933  2.992   1.00 0.00 ? 6  ILE A HA   8  
ATOM   1487 H HB   . ILE A 1 6  ? 1.797  -0.498 4.255   1.00 0.00 ? 6  ILE A HB   8  
ATOM   1488 H HG12 . ILE A 1 6  ? -0.004 1.668  5.354   1.00 0.00 ? 6  ILE A HG12 8  
ATOM   1489 H HG13 . ILE A 1 6  ? -0.365 -0.049 5.532   1.00 0.00 ? 6  ILE A HG13 8  
ATOM   1490 H HG21 . ILE A 1 6  ? 1.496  2.380  3.381   1.00 0.00 ? 6  ILE A HG21 8  
ATOM   1491 H HG22 . ILE A 1 6  ? 2.820  1.270  3.032   1.00 0.00 ? 6  ILE A HG22 8  
ATOM   1492 H HG23 . ILE A 1 6  ? 2.609  1.905  4.664   1.00 0.00 ? 6  ILE A HG23 8  
ATOM   1493 H HD11 . ILE A 1 6  ? 2.305  1.086  6.364   1.00 0.00 ? 6  ILE A HD11 8  
ATOM   1494 H HD12 . ILE A 1 6  ? 1.556  -0.434 6.851   1.00 0.00 ? 6  ILE A HD12 8  
ATOM   1495 H HD13 . ILE A 1 6  ? 0.919  1.094  7.454   1.00 0.00 ? 6  ILE A HD13 8  
ATOM   1496 N N    . LYS A 1 7  ? 1.529  -1.018 1.377   1.00 0.00 ? 7  LYS A N    8  
ATOM   1497 C CA   . LYS A 1 7  ? 2.263  -1.210 0.135   1.00 0.00 ? 7  LYS A CA   8  
ATOM   1498 C C    . LYS A 1 7  ? 1.347  -1.161 -1.078  1.00 0.00 ? 7  LYS A C    8  
ATOM   1499 O O    . LYS A 1 7  ? 1.670  -0.547 -2.095  1.00 0.00 ? 7  LYS A O    8  
ATOM   1500 C CB   . LYS A 1 7  ? 2.949  -2.571 0.216   1.00 0.00 ? 7  LYS A CB   8  
ATOM   1501 C CG   . LYS A 1 7  ? 4.086  -2.514 1.249   1.00 0.00 ? 7  LYS A CG   8  
ATOM   1502 C CD   . LYS A 1 7  ? 5.368  -2.063 0.557   1.00 0.00 ? 7  LYS A CD   8  
ATOM   1503 C CE   . LYS A 1 7  ? 6.496  -1.888 1.568   1.00 0.00 ? 7  LYS A CE   8  
ATOM   1504 N NZ   . LYS A 1 7  ? 7.711  -1.489 0.812   1.00 0.00 ? 7  LYS A NZ   8  
ATOM   1505 H H    . LYS A 1 7  ? 1.518  -1.744 2.034   1.00 0.00 ? 7  LYS A H    8  
ATOM   1506 H HA   . LYS A 1 7  ? 3.011  -0.446 0.044   1.00 0.00 ? 7  LYS A HA   8  
ATOM   1507 H HB2  . LYS A 1 7  ? 2.225  -3.306 0.520   1.00 0.00 ? 7  LYS A HB2  8  
ATOM   1508 H HB3  . LYS A 1 7  ? 3.341  -2.838 -0.755  1.00 0.00 ? 7  LYS A HB3  8  
ATOM   1509 H HG2  . LYS A 1 7  ? 3.841  -1.811 2.028   1.00 0.00 ? 7  LYS A HG2  8  
ATOM   1510 H HG3  . LYS A 1 7  ? 4.231  -3.490 1.680   1.00 0.00 ? 7  LYS A HG3  8  
ATOM   1511 H HD2  . LYS A 1 7  ? 5.650  -2.807 -0.163  1.00 0.00 ? 7  LYS A HD2  8  
ATOM   1512 H HD3  . LYS A 1 7  ? 5.199  -1.127 0.050   1.00 0.00 ? 7  LYS A HD3  8  
ATOM   1513 H HE2  . LYS A 1 7  ? 6.237  -1.116 2.283   1.00 0.00 ? 7  LYS A HE2  8  
ATOM   1514 H HE3  . LYS A 1 7  ? 6.677  -2.818 2.085   1.00 0.00 ? 7  LYS A HE3  8  
ATOM   1515 H HZ1  . LYS A 1 7  ? 7.981  -0.520 1.066   1.00 0.00 ? 7  LYS A HZ1  8  
ATOM   1516 H HZ2  . LYS A 1 7  ? 7.501  -1.535 -0.208  1.00 0.00 ? 7  LYS A HZ2  8  
ATOM   1517 H HZ3  . LYS A 1 7  ? 8.489  -2.139 1.035   1.00 0.00 ? 7  LYS A HZ3  8  
ATOM   1518 N N    . ALA A 1 8  ? 0.206  -1.815 -0.961  1.00 0.00 ? 8  ALA A N    8  
ATOM   1519 C CA   . ALA A 1 8  ? -0.761 -1.856 -2.046  1.00 0.00 ? 8  ALA A CA   8  
ATOM   1520 C C    . ALA A 1 8  ? -1.273 -0.457 -2.379  1.00 0.00 ? 8  ALA A C    8  
ATOM   1521 O O    . ALA A 1 8  ? -1.411 -0.098 -3.548  1.00 0.00 ? 8  ALA A O    8  
ATOM   1522 C CB   . ALA A 1 8  ? -1.934 -2.746 -1.631  1.00 0.00 ? 8  ALA A CB   8  
ATOM   1523 H H    . ALA A 1 8  ? 0.006  -2.282 -0.122  1.00 0.00 ? 8  ALA A H    8  
ATOM   1524 H HA   . ALA A 1 8  ? -0.290 -2.278 -2.921  1.00 0.00 ? 8  ALA A HA   8  
ATOM   1525 H HB1  . ALA A 1 8  ? -1.624 -3.780 -1.647  1.00 0.00 ? 8  ALA A HB1  8  
ATOM   1526 H HB2  . ALA A 1 8  ? -2.757 -2.605 -2.316  1.00 0.00 ? 8  ALA A HB2  8  
ATOM   1527 H HB3  . ALA A 1 8  ? -2.247 -2.482 -0.632  1.00 0.00 ? 8  ALA A HB3  8  
ATOM   1528 N N    . ILE A 1 9  ? -1.551 0.318  -1.340  1.00 0.00 ? 9  ILE A N    8  
ATOM   1529 C CA   . ILE A 1 9  ? -2.054 1.680  -1.505  1.00 0.00 ? 9  ILE A CA   8  
ATOM   1530 C C    . ILE A 1 9  ? -1.028 2.565  -2.208  1.00 0.00 ? 9  ILE A C    8  
ATOM   1531 O O    . ILE A 1 9  ? -1.367 3.346  -3.095  1.00 0.00 ? 9  ILE A O    8  
ATOM   1532 C CB   . ILE A 1 9  ? -2.377 2.253  -0.119  1.00 0.00 ? 9  ILE A CB   8  
ATOM   1533 C CG1  . ILE A 1 9  ? -3.571 1.501  0.455   1.00 0.00 ? 9  ILE A CG1  8  
ATOM   1534 C CG2  . ILE A 1 9  ? -2.711 3.746  -0.217  1.00 0.00 ? 9  ILE A CG2  8  
ATOM   1535 C CD1  . ILE A 1 9  ? -3.718 1.822  1.941   1.00 0.00 ? 9  ILE A CD1  8  
ATOM   1536 H H    . ILE A 1 9  ? -1.413 -0.033 -0.435  1.00 0.00 ? 9  ILE A H    8  
ATOM   1537 H HA   . ILE A 1 9  ? -2.959 1.655  -2.091  1.00 0.00 ? 9  ILE A HA   8  
ATOM   1538 H HB   . ILE A 1 9  ? -1.530 2.120  0.529   1.00 0.00 ? 9  ILE A HB   8  
ATOM   1539 H HG12 . ILE A 1 9  ? -4.459 1.801  -0.069  1.00 0.00 ? 9  ILE A HG12 8  
ATOM   1540 H HG13 . ILE A 1 9  ? -3.421 0.438  0.331   1.00 0.00 ? 9  ILE A HG13 8  
ATOM   1541 H HG21 . ILE A 1 9  ? -3.143 4.081  0.717   1.00 0.00 ? 9  ILE A HG21 8  
ATOM   1542 H HG22 . ILE A 1 9  ? -3.416 3.906  -1.017  1.00 0.00 ? 9  ILE A HG22 8  
ATOM   1543 H HG23 . ILE A 1 9  ? -1.809 4.305  -0.415  1.00 0.00 ? 9  ILE A HG23 8  
ATOM   1544 H HD11 . ILE A 1 9  ? -4.613 1.350  2.323   1.00 0.00 ? 9  ILE A HD11 8  
ATOM   1545 H HD12 . ILE A 1 9  ? -3.791 2.891  2.073   1.00 0.00 ? 9  ILE A HD12 8  
ATOM   1546 H HD13 . ILE A 1 9  ? -2.858 1.449  2.475   1.00 0.00 ? 9  ILE A HD13 8  
ATOM   1547 N N    . ALA A 1 10 ? 0.223  2.430  -1.794  1.00 0.00 ? 10 ALA A N    8  
ATOM   1548 C CA   . ALA A 1 10 ? 1.311  3.218  -2.368  1.00 0.00 ? 10 ALA A CA   8  
ATOM   1549 C C    . ALA A 1 10 ? 1.512  2.896  -3.846  1.00 0.00 ? 10 ALA A C    8  
ATOM   1550 O O    . ALA A 1 10 ? 1.743  3.787  -4.664  1.00 0.00 ? 10 ALA A O    8  
ATOM   1551 C CB   . ALA A 1 10 ? 2.609  2.917  -1.608  1.00 0.00 ? 10 ALA A CB   8  
ATOM   1552 H H    . ALA A 1 10 ? 0.422  1.790  -1.082  1.00 0.00 ? 10 ALA A H    8  
ATOM   1553 H HA   . ALA A 1 10 ? 1.081  4.264  -2.265  1.00 0.00 ? 10 ALA A HA   8  
ATOM   1554 H HB1  . ALA A 1 10 ? 2.882  1.882  -1.758  1.00 0.00 ? 10 ALA A HB1  8  
ATOM   1555 H HB2  . ALA A 1 10 ? 2.460  3.097  -0.554  1.00 0.00 ? 10 ALA A HB2  8  
ATOM   1556 H HB3  . ALA A 1 10 ? 3.401  3.554  -1.974  1.00 0.00 ? 10 ALA A HB3  8  
ATOM   1557 N N    . LYS A 1 11 ? 1.433  1.616  -4.168  1.00 0.00 ? 11 LYS A N    8  
ATOM   1558 C CA   . LYS A 1 11 ? 1.618  1.148  -5.539  1.00 0.00 ? 11 LYS A CA   8  
ATOM   1559 C C    . LYS A 1 11 ? 0.550  1.755  -6.463  1.00 0.00 ? 11 LYS A C    8  
ATOM   1560 O O    . LYS A 1 11 ? 0.852  2.266  -7.541  1.00 0.00 ? 11 LYS A O    8  
ATOM   1561 C CB   . LYS A 1 11 ? 1.509  -0.391 -5.534  1.00 0.00 ? 11 LYS A CB   8  
ATOM   1562 C CG   . LYS A 1 11 ? 2.320  -1.002 -6.682  1.00 0.00 ? 11 LYS A CG   8  
ATOM   1563 C CD   . LYS A 1 11 ? 1.765  -0.517 -8.010  1.00 0.00 ? 11 LYS A CD   8  
ATOM   1564 C CE   . LYS A 1 11 ? 2.318  -1.365 -9.150  1.00 0.00 ? 11 LYS A CE   8  
ATOM   1565 N NZ   . LYS A 1 11 ? 1.677  -0.928 -10.421 1.00 0.00 ? 11 LYS A NZ   8  
ATOM   1566 H H    . LYS A 1 11 ? 1.253  0.962  -3.463  1.00 0.00 ? 11 LYS A H    8  
ATOM   1567 H HA   . LYS A 1 11 ? 2.598  1.433  -5.889  1.00 0.00 ? 11 LYS A HA   8  
ATOM   1568 H HB2  . LYS A 1 11 ? 1.885  -0.771 -4.596  1.00 0.00 ? 11 LYS A HB2  8  
ATOM   1569 H HB3  . LYS A 1 11 ? 0.473  -0.680 -5.641  1.00 0.00 ? 11 LYS A HB3  8  
ATOM   1570 H HG2  . LYS A 1 11 ? 3.353  -0.702 -6.591  1.00 0.00 ? 11 LYS A HG2  8  
ATOM   1571 H HG3  . LYS A 1 11 ? 2.256  -2.069 -6.639  1.00 0.00 ? 11 LYS A HG3  8  
ATOM   1572 H HD2  . LYS A 1 11 ? 0.686  -0.578 -8.000  1.00 0.00 ? 11 LYS A HD2  8  
ATOM   1573 H HD3  . LYS A 1 11 ? 2.068  0.496  -8.160  1.00 0.00 ? 11 LYS A HD3  8  
ATOM   1574 H HE2  . LYS A 1 11 ? 3.388  -1.228 -9.214  1.00 0.00 ? 11 LYS A HE2  8  
ATOM   1575 H HE3  . LYS A 1 11 ? 2.095  -2.405 -8.969  1.00 0.00 ? 11 LYS A HE3  8  
ATOM   1576 H HZ1  . LYS A 1 11 ? 1.028  -1.668 -10.756 1.00 0.00 ? 11 LYS A HZ1  8  
ATOM   1577 H HZ2  . LYS A 1 11 ? 2.411  -0.758 -11.138 1.00 0.00 ? 11 LYS A HZ2  8  
ATOM   1578 H HZ3  . LYS A 1 11 ? 1.143  -0.051 -10.254 1.00 0.00 ? 11 LYS A HZ3  8  
ATOM   1579 N N    . ALA A 1 12 ? -0.697 1.709  -6.016  1.00 0.00 ? 12 ALA A N    8  
ATOM   1580 C CA   . ALA A 1 12 ? -1.808 2.247  -6.797  1.00 0.00 ? 12 ALA A CA   8  
ATOM   1581 C C    . ALA A 1 12 ? -1.645 3.746  -7.027  1.00 0.00 ? 12 ALA A C    8  
ATOM   1582 O O    . ALA A 1 12 ? -1.922 4.253  -8.115  1.00 0.00 ? 12 ALA A O    8  
ATOM   1583 C CB   . ALA A 1 12 ? -3.121 1.984  -6.051  1.00 0.00 ? 12 ALA A CB   8  
ATOM   1584 H H    . ALA A 1 12 ? -0.877 1.306  -5.141  1.00 0.00 ? 12 ALA A H    8  
ATOM   1585 H HA   . ALA A 1 12 ? -1.841 1.747  -7.752  1.00 0.00 ? 12 ALA A HA   8  
ATOM   1586 H HB1  . ALA A 1 12 ? -3.188 0.937  -5.800  1.00 0.00 ? 12 ALA A HB1  8  
ATOM   1587 H HB2  . ALA A 1 12 ? -3.957 2.257  -6.680  1.00 0.00 ? 12 ALA A HB2  8  
ATOM   1588 H HB3  . ALA A 1 12 ? -3.148 2.572  -5.145  1.00 0.00 ? 12 ALA A HB3  8  
ATOM   1589 N N    . ALA A 1 13 ? -1.200 4.442  -5.992  1.00 0.00 ? 13 ALA A N    8  
ATOM   1590 C CA   . ALA A 1 13 ? -1.004 5.887  -6.062  1.00 0.00 ? 13 ALA A CA   8  
ATOM   1591 C C    . ALA A 1 13 ? 0.038  6.252  -7.116  1.00 0.00 ? 13 ALA A C    8  
ATOM   1592 O O    . ALA A 1 13 ? -0.128 7.223  -7.853  1.00 0.00 ? 13 ALA A O    8  
ATOM   1593 C CB   . ALA A 1 13 ? -0.553 6.404  -4.695  1.00 0.00 ? 13 ALA A CB   8  
ATOM   1594 H H    . ALA A 1 13 ? -1.003 3.973  -5.155  1.00 0.00 ? 13 ALA A H    8  
ATOM   1595 H HA   . ALA A 1 13 ? -1.937 6.355  -6.320  1.00 0.00 ? 13 ALA A HA   8  
ATOM   1596 H HB1  . ALA A 1 13 ? -0.406 7.473  -4.740  1.00 0.00 ? 13 ALA A HB1  8  
ATOM   1597 H HB2  . ALA A 1 13 ? 0.375  5.925  -4.417  1.00 0.00 ? 13 ALA A HB2  8  
ATOM   1598 H HB3  . ALA A 1 13 ? -1.308 6.176  -3.957  1.00 0.00 ? 13 ALA A HB3  8  
ATOM   1599 N N    . GLY A 1 14 ? 1.105  5.470  -7.179  1.00 0.00 ? 14 GLY A N    8  
ATOM   1600 C CA   . GLY A 1 14 ? 2.175  5.715  -8.146  1.00 0.00 ? 14 GLY A CA   8  
ATOM   1601 C C    . GLY A 1 14 ? 3.330  4.736  -7.944  1.00 0.00 ? 14 GLY A C    8  
ATOM   1602 O O    . GLY A 1 14 ? 3.649  4.369  -6.812  1.00 0.00 ? 14 GLY A O    8  
ATOM   1603 H H    . GLY A 1 14 ? 1.177  4.715  -6.563  1.00 0.00 ? 14 GLY A H    8  
ATOM   1604 H HA2  . GLY A 1 14 ? 1.781  5.599  -9.148  1.00 0.00 ? 14 GLY A HA2  8  
ATOM   1605 H HA3  . GLY A 1 14 ? 2.541  6.721  -8.025  1.00 0.00 ? 14 GLY A HA3  8  
HETATM 1606 N N    . NH2 A 1 15 ? 3.981  4.289  -8.983  1.00 0.00 ? 15 NH2 A N    8  
HETATM 1607 H HN1  . NH2 A 1 15 ? 3.728  4.580  -9.882  1.00 0.00 ? 15 NH2 A HN1  8  
HETATM 1608 H HN2  . NH2 A 1 15 ? 4.724  3.660  -8.863  1.00 0.00 ? 15 NH2 A HN2  8  
ATOM   1609 N N    . GLY A 1 1  ? -3.424 -1.429 10.232  1.00 0.00 ? 1  GLY A N    9  
ATOM   1610 C CA   . GLY A 1 1  ? -2.384 -0.918 9.290   1.00 0.00 ? 1  GLY A CA   9  
ATOM   1611 C C    . GLY A 1 1  ? -1.340 -2.002 9.029   1.00 0.00 ? 1  GLY A C    9  
ATOM   1612 O O    . GLY A 1 1  ? -0.234 -1.948 9.564   1.00 0.00 ? 1  GLY A O    9  
ATOM   1613 H H1   . GLY A 1 1  ? -3.003 -1.565 11.173  1.00 0.00 ? 1  GLY A H1   9  
ATOM   1614 H H2   . GLY A 1 1  ? -3.799 -2.335 9.883   1.00 0.00 ? 1  GLY A H2   9  
ATOM   1615 H H3   . GLY A 1 1  ? -4.197 -0.737 10.300  1.00 0.00 ? 1  GLY A H3   9  
ATOM   1616 H HA2  . GLY A 1 1  ? -2.852 -0.640 8.356   1.00 0.00 ? 1  GLY A HA2  9  
ATOM   1617 H HA3  . GLY A 1 1  ? -1.904 -0.055 9.722   1.00 0.00 ? 1  GLY A HA3  9  
ATOM   1618 N N    . ILE A 1 2  ? -1.702 -2.978 8.199   1.00 0.00 ? 2  ILE A N    9  
ATOM   1619 C CA   . ILE A 1 2  ? -0.810 -4.071 7.861   1.00 0.00 ? 2  ILE A CA   9  
ATOM   1620 C C    . ILE A 1 2  ? 0.162  -3.627 6.768   1.00 0.00 ? 2  ILE A C    9  
ATOM   1621 O O    . ILE A 1 2  ? -0.240 -2.975 5.807   1.00 0.00 ? 2  ILE A O    9  
ATOM   1622 C CB   . ILE A 1 2  ? -1.651 -5.251 7.374   1.00 0.00 ? 2  ILE A CB   9  
ATOM   1623 C CG1  . ILE A 1 2  ? -2.580 -5.705 8.503   1.00 0.00 ? 2  ILE A CG1  9  
ATOM   1624 C CG2  . ILE A 1 2  ? -0.747 -6.411 6.958   1.00 0.00 ? 2  ILE A CG2  9  
ATOM   1625 C CD1  . ILE A 1 2  ? -3.656 -6.625 7.928   1.00 0.00 ? 2  ILE A CD1  9  
ATOM   1626 H H    . ILE A 1 2  ? -2.594 -2.964 7.801   1.00 0.00 ? 2  ILE A H    9  
ATOM   1627 H HA   . ILE A 1 2  ? -0.253 -4.365 8.742   1.00 0.00 ? 2  ILE A HA   9  
ATOM   1628 H HB   . ILE A 1 2  ? -2.245 -4.939 6.527   1.00 0.00 ? 2  ILE A HB   9  
ATOM   1629 H HG12 . ILE A 1 2  ? -2.009 -6.238 9.250   1.00 0.00 ? 2  ILE A HG12 9  
ATOM   1630 H HG13 . ILE A 1 2  ? -3.051 -4.844 8.955   1.00 0.00 ? 2  ILE A HG13 9  
ATOM   1631 H HG21 . ILE A 1 2  ? -0.323 -6.203 5.989   1.00 0.00 ? 2  ILE A HG21 9  
ATOM   1632 H HG22 . ILE A 1 2  ? -1.325 -7.322 6.907   1.00 0.00 ? 2  ILE A HG22 9  
ATOM   1633 H HG23 . ILE A 1 2  ? 0.048  -6.530 7.682   1.00 0.00 ? 2  ILE A HG23 9  
ATOM   1634 H HD11 . ILE A 1 2  ? -4.234 -7.053 8.732   1.00 0.00 ? 2  ILE A HD11 9  
ATOM   1635 H HD12 . ILE A 1 2  ? -3.188 -7.414 7.359   1.00 0.00 ? 2  ILE A HD12 9  
ATOM   1636 H HD13 . ILE A 1 2  ? -4.306 -6.054 7.281   1.00 0.00 ? 2  ILE A HD13 9  
ATOM   1637 N N    . LEU A 1 3  ? 1.433  -3.975 6.927   1.00 0.00 ? 3  LEU A N    9  
ATOM   1638 C CA   . LEU A 1 3  ? 2.461  -3.596 5.958   1.00 0.00 ? 3  LEU A CA   9  
ATOM   1639 C C    . LEU A 1 3  ? 2.001  -3.897 4.531   1.00 0.00 ? 3  LEU A C    9  
ATOM   1640 O O    . LEU A 1 3  ? 2.334  -3.169 3.594   1.00 0.00 ? 3  LEU A O    9  
ATOM   1641 C CB   . LEU A 1 3  ? 3.747  -4.376 6.273   1.00 0.00 ? 3  LEU A CB   9  
ATOM   1642 C CG   . LEU A 1 3  ? 4.852  -4.048 5.261   1.00 0.00 ? 3  LEU A CG   9  
ATOM   1643 C CD1  . LEU A 1 3  ? 5.165  -2.543 5.287   1.00 0.00 ? 3  LEU A CD1  9  
ATOM   1644 C CD2  . LEU A 1 3  ? 6.106  -4.848 5.631   1.00 0.00 ? 3  LEU A CD2  9  
ATOM   1645 H H    . LEU A 1 3  ? 1.693  -4.487 7.721   1.00 0.00 ? 3  LEU A H    9  
ATOM   1646 H HA   . LEU A 1 3  ? 2.666  -2.537 6.049   1.00 0.00 ? 3  LEU A HA   9  
ATOM   1647 H HB2  . LEU A 1 3  ? 4.086  -4.107 7.263   1.00 0.00 ? 3  LEU A HB2  9  
ATOM   1648 H HB3  . LEU A 1 3  ? 3.543  -5.438 6.247   1.00 0.00 ? 3  LEU A HB3  9  
ATOM   1649 H HG   . LEU A 1 3  ? 4.530  -4.329 4.268   1.00 0.00 ? 3  LEU A HG   9  
ATOM   1650 H HD11 . LEU A 1 3  ? 5.069  -2.165 6.295   1.00 0.00 ? 3  LEU A HD11 9  
ATOM   1651 H HD12 . LEU A 1 3  ? 4.471  -2.022 4.644   1.00 0.00 ? 3  LEU A HD12 9  
ATOM   1652 H HD13 . LEU A 1 3  ? 6.177  -2.374 4.935   1.00 0.00 ? 3  LEU A HD13 9  
ATOM   1653 H HD21 . LEU A 1 3  ? 5.888  -5.905 5.572   1.00 0.00 ? 3  LEU A HD21 9  
ATOM   1654 H HD22 . LEU A 1 3  ? 6.409  -4.600 6.638   1.00 0.00 ? 3  LEU A HD22 9  
ATOM   1655 H HD23 . LEU A 1 3  ? 6.905  -4.606 4.945   1.00 0.00 ? 3  LEU A HD23 9  
ATOM   1656 N N    . ASP A 1 4  ? 1.249  -4.976 4.383   1.00 0.00 ? 4  ASP A N    9  
ATOM   1657 C CA   . ASP A 1 4  ? 0.755  -5.403 3.077   1.00 0.00 ? 4  ASP A CA   9  
ATOM   1658 C C    . ASP A 1 4  ? -0.198 -4.369 2.481   1.00 0.00 ? 4  ASP A C    9  
ATOM   1659 O O    . ASP A 1 4  ? -0.137 -4.067 1.288   1.00 0.00 ? 4  ASP A O    9  
ATOM   1660 C CB   . ASP A 1 4  ? 0.040  -6.749 3.244   1.00 0.00 ? 4  ASP A CB   9  
ATOM   1661 C CG   . ASP A 1 4  ? -0.214 -7.401 1.892   1.00 0.00 ? 4  ASP A CG   9  
ATOM   1662 O OD1  . ASP A 1 4  ? -1.373 -7.565 1.546   1.00 0.00 ? 4  ASP A OD1  9  
ATOM   1663 O OD2  . ASP A 1 4  ? 0.750  -7.739 1.226   1.00 0.00 ? 4  ASP A OD2  9  
ATOM   1664 H H    . ASP A 1 4  ? 1.026  -5.510 5.171   1.00 0.00 ? 4  ASP A H    9  
ATOM   1665 H HA   . ASP A 1 4  ? 1.593  -5.535 2.406   1.00 0.00 ? 4  ASP A HA   9  
ATOM   1666 H HB2  . ASP A 1 4  ? 0.660  -7.403 3.839   1.00 0.00 ? 4  ASP A HB2  9  
ATOM   1667 H HB3  . ASP A 1 4  ? -0.903 -6.596 3.750   1.00 0.00 ? 4  ASP A HB3  9  
ATOM   1668 N N    . ALA A 1 5  ? -1.079 -3.846 3.324   1.00 0.00 ? 5  ALA A N    9  
ATOM   1669 C CA   . ALA A 1 5  ? -2.062 -2.858 2.899   1.00 0.00 ? 5  ALA A CA   9  
ATOM   1670 C C    . ALA A 1 5  ? -1.397 -1.550 2.481   1.00 0.00 ? 5  ALA A C    9  
ATOM   1671 O O    . ALA A 1 5  ? -1.779 -0.941 1.485   1.00 0.00 ? 5  ALA A O    9  
ATOM   1672 C CB   . ALA A 1 5  ? -3.031 -2.606 4.056   1.00 0.00 ? 5  ALA A CB   9  
ATOM   1673 H H    . ALA A 1 5  ? -1.074 -4.139 4.257   1.00 0.00 ? 5  ALA A H    9  
ATOM   1674 H HA   . ALA A 1 5  ? -2.621 -3.253 2.063   1.00 0.00 ? 5  ALA A HA   9  
ATOM   1675 H HB1  . ALA A 1 5  ? -2.476 -2.320 4.941   1.00 0.00 ? 5  ALA A HB1  9  
ATOM   1676 H HB2  . ALA A 1 5  ? -3.585 -3.511 4.259   1.00 0.00 ? 5  ALA A HB2  9  
ATOM   1677 H HB3  . ALA A 1 5  ? -3.717 -1.818 3.792   1.00 0.00 ? 5  ALA A HB3  9  
ATOM   1678 N N    . ILE A 1 6  ? -0.408 -1.123 3.253   1.00 0.00 ? 6  ILE A N    9  
ATOM   1679 C CA   . ILE A 1 6  ? 0.304  0.119  2.980   1.00 0.00 ? 6  ILE A CA   9  
ATOM   1680 C C    . ILE A 1 6  ? 1.017  0.057  1.629   1.00 0.00 ? 6  ILE A C    9  
ATOM   1681 O O    . ILE A 1 6  ? 0.982  1.012  0.853   1.00 0.00 ? 6  ILE A O    9  
ATOM   1682 C CB   . ILE A 1 6  ? 1.310  0.344  4.111   1.00 0.00 ? 6  ILE A CB   9  
ATOM   1683 C CG1  . ILE A 1 6  ? 0.539  0.626  5.403   1.00 0.00 ? 6  ILE A CG1  9  
ATOM   1684 C CG2  . ILE A 1 6  ? 2.221  1.527  3.789   1.00 0.00 ? 6  ILE A CG2  9  
ATOM   1685 C CD1  . ILE A 1 6  ? 1.496  0.552  6.592   1.00 0.00 ? 6  ILE A CD1  9  
ATOM   1686 H H    . ILE A 1 6  ? -0.154 -1.651 4.038   1.00 0.00 ? 6  ILE A H    9  
ATOM   1687 H HA   . ILE A 1 6  ? -0.399 0.941  2.971   1.00 0.00 ? 6  ILE A HA   9  
ATOM   1688 H HB   . ILE A 1 6  ? 1.913  -0.545 4.241   1.00 0.00 ? 6  ILE A HB   9  
ATOM   1689 H HG12 . ILE A 1 6  ? 0.095  1.611  5.353   1.00 0.00 ? 6  ILE A HG12 9  
ATOM   1690 H HG13 . ILE A 1 6  ? -0.239 -0.113 5.525   1.00 0.00 ? 6  ILE A HG13 9  
ATOM   1691 H HG21 . ILE A 1 6  ? 2.913  1.246  3.009   1.00 0.00 ? 6  ILE A HG21 9  
ATOM   1692 H HG22 . ILE A 1 6  ? 2.773  1.806  4.677   1.00 0.00 ? 6  ILE A HG22 9  
ATOM   1693 H HG23 . ILE A 1 6  ? 1.624  2.364  3.459   1.00 0.00 ? 6  ILE A HG23 9  
ATOM   1694 H HD11 . ILE A 1 6  ? 0.997  0.915  7.479   1.00 0.00 ? 6  ILE A HD11 9  
ATOM   1695 H HD12 . ILE A 1 6  ? 2.364  1.163  6.392   1.00 0.00 ? 6  ILE A HD12 9  
ATOM   1696 H HD13 . ILE A 1 6  ? 1.802  -0.472 6.743   1.00 0.00 ? 6  ILE A HD13 9  
ATOM   1697 N N    . LYS A 1 7  ? 1.663  -1.070 1.366   1.00 0.00 ? 7  LYS A N    9  
ATOM   1698 C CA   . LYS A 1 7  ? 2.393  -1.266 0.125   1.00 0.00 ? 7  LYS A CA   9  
ATOM   1699 C C    . LYS A 1 7  ? 1.465  -1.202 -1.084  1.00 0.00 ? 7  LYS A C    9  
ATOM   1700 O O    . LYS A 1 7  ? 1.791  -0.585 -2.097  1.00 0.00 ? 7  LYS A O    9  
ATOM   1701 C CB   . LYS A 1 7  ? 3.074  -2.630 0.202   1.00 0.00 ? 7  LYS A CB   9  
ATOM   1702 C CG   . LYS A 1 7  ? 4.166  -2.612 1.291   1.00 0.00 ? 7  LYS A CG   9  
ATOM   1703 C CD   . LYS A 1 7  ? 5.449  -2.020 0.719   1.00 0.00 ? 7  LYS A CD   9  
ATOM   1704 C CE   . LYS A 1 7  ? 6.550  -2.023 1.768   1.00 0.00 ? 7  LYS A CE   9  
ATOM   1705 N NZ   . LYS A 1 7  ? 7.770  -1.447 1.148   1.00 0.00 ? 7  LYS A NZ   9  
ATOM   1706 H H    . LYS A 1 7  ? 1.656  -1.794 2.024   1.00 0.00 ? 7  LYS A H    9  
ATOM   1707 H HA   . LYS A 1 7  ? 3.142  -0.505 0.027   1.00 0.00 ? 7  LYS A HA   9  
ATOM   1708 H HB2  . LYS A 1 7  ? 2.337  -3.380 0.446   1.00 0.00 ? 7  LYS A HB2  9  
ATOM   1709 H HB3  . LYS A 1 7  ? 3.519  -2.866 -0.750  1.00 0.00 ? 7  LYS A HB3  9  
ATOM   1710 H HG2  . LYS A 1 7  ? 3.840  -2.008 2.121   1.00 0.00 ? 7  LYS A HG2  9  
ATOM   1711 H HG3  . LYS A 1 7  ? 4.357  -3.617 1.633   1.00 0.00 ? 7  LYS A HG3  9  
ATOM   1712 H HD2  . LYS A 1 7  ? 5.761  -2.611 -0.121  1.00 0.00 ? 7  LYS A HD2  9  
ATOM   1713 H HD3  . LYS A 1 7  ? 5.274  -1.006 0.397   1.00 0.00 ? 7  LYS A HD3  9  
ATOM   1714 H HE2  . LYS A 1 7  ? 6.250  -1.423 2.615   1.00 0.00 ? 7  LYS A HE2  9  
ATOM   1715 H HE3  . LYS A 1 7  ? 6.748  -3.036 2.090   1.00 0.00 ? 7  LYS A HE3  9  
ATOM   1716 H HZ1  . LYS A 1 7  ? 8.561  -1.505 1.816   1.00 0.00 ? 7  LYS A HZ1  9  
ATOM   1717 H HZ2  . LYS A 1 7  ? 7.592  -0.452 0.899   1.00 0.00 ? 7  LYS A HZ2  9  
ATOM   1718 H HZ3  . LYS A 1 7  ? 8.002  -1.983 0.287   1.00 0.00 ? 7  LYS A HZ3  9  
ATOM   1719 N N    . ALA A 1 8  ? 0.314  -1.848 -0.966  1.00 0.00 ? 8  ALA A N    9  
ATOM   1720 C CA   . ALA A 1 8  ? -0.662 -1.881 -2.046  1.00 0.00 ? 8  ALA A CA   9  
ATOM   1721 C C    . ALA A 1 8  ? -1.206 -0.483 -2.347  1.00 0.00 ? 8  ALA A C    9  
ATOM   1722 O O    . ALA A 1 8  ? -1.378 -0.113 -3.508  1.00 0.00 ? 8  ALA A O    9  
ATOM   1723 C CB   . ALA A 1 8  ? -1.802 -2.813 -1.638  1.00 0.00 ? 8  ALA A CB   9  
ATOM   1724 H H    . ALA A 1 8  ? 0.116  -2.326 -0.134  1.00 0.00 ? 8  ALA A H    9  
ATOM   1725 H HA   . ALA A 1 8  ? -0.193 -2.274 -2.938  1.00 0.00 ? 8  ALA A HA   9  
ATOM   1726 H HB1  . ALA A 1 8  ? -2.095 -2.602 -0.616  1.00 0.00 ? 8  ALA A HB1  9  
ATOM   1727 H HB2  . ALA A 1 8  ? -1.464 -3.837 -1.705  1.00 0.00 ? 8  ALA A HB2  9  
ATOM   1728 H HB3  . ALA A 1 8  ? -2.646 -2.669 -2.291  1.00 0.00 ? 8  ALA A HB3  9  
ATOM   1729 N N    . ILE A 1 9  ? -1.481 0.277  -1.293  1.00 0.00 ? 9  ILE A N    9  
ATOM   1730 C CA   . ILE A 1 9  ? -2.017 1.626  -1.434  1.00 0.00 ? 9  ILE A CA   9  
ATOM   1731 C C    . ILE A 1 9  ? -1.030 2.536  -2.167  1.00 0.00 ? 9  ILE A C    9  
ATOM   1732 O O    . ILE A 1 9  ? -1.414 3.299  -3.052  1.00 0.00 ? 9  ILE A O    9  
ATOM   1733 C CB   . ILE A 1 9  ? -2.305 2.166  -0.030  1.00 0.00 ? 9  ILE A CB   9  
ATOM   1734 C CG1  . ILE A 1 9  ? -3.482 1.390  0.568   1.00 0.00 ? 9  ILE A CG1  9  
ATOM   1735 C CG2  . ILE A 1 9  ? -2.651 3.654  -0.086  1.00 0.00 ? 9  ILE A CG2  9  
ATOM   1736 C CD1  . ILE A 1 9  ? -3.534 1.624  2.079   1.00 0.00 ? 9  ILE A CD1  9  
ATOM   1737 H H    . ILE A 1 9  ? -1.327 -0.080 -0.393  1.00 0.00 ? 9  ILE A H    9  
ATOM   1738 H HA   . ILE A 1 9  ? -2.943 1.585  -1.991  1.00 0.00 ? 9  ILE A HA   9  
ATOM   1739 H HB   . ILE A 1 9  ? -1.436 2.030  0.594   1.00 0.00 ? 9  ILE A HB   9  
ATOM   1740 H HG12 . ILE A 1 9  ? -4.398 1.733  0.117   1.00 0.00 ? 9  ILE A HG12 9  
ATOM   1741 H HG13 . ILE A 1 9  ? -3.358 0.336  0.371   1.00 0.00 ? 9  ILE A HG13 9  
ATOM   1742 H HG21 . ILE A 1 9  ? -3.082 3.959  0.857   1.00 0.00 ? 9  ILE A HG21 9  
ATOM   1743 H HG22 . ILE A 1 9  ? -3.361 3.832  -0.881  1.00 0.00 ? 9  ILE A HG22 9  
ATOM   1744 H HG23 . ILE A 1 9  ? -1.753 4.223  -0.270  1.00 0.00 ? 9  ILE A HG23 9  
ATOM   1745 H HD11 . ILE A 1 9  ? -3.426 2.678  2.281   1.00 0.00 ? 9  ILE A HD11 9  
ATOM   1746 H HD12 . ILE A 1 9  ? -2.730 1.081  2.554   1.00 0.00 ? 9  ILE A HD12 9  
ATOM   1747 H HD13 . ILE A 1 9  ? -4.481 1.278  2.465   1.00 0.00 ? 9  ILE A HD13 9  
ATOM   1748 N N    . ALA A 1 10 ? 0.238  2.442  -1.786  1.00 0.00 ? 10 ALA A N    9  
ATOM   1749 C CA   . ALA A 1 10 ? 1.283  3.255  -2.393  1.00 0.00 ? 10 ALA A CA   9  
ATOM   1750 C C    . ALA A 1 10 ? 1.467  2.909  -3.865  1.00 0.00 ? 10 ALA A C    9  
ATOM   1751 O O    . ALA A 1 10 ? 1.670  3.787  -4.703  1.00 0.00 ? 10 ALA A O    9  
ATOM   1752 C CB   . ALA A 1 10 ? 2.590  3.023  -1.632  1.00 0.00 ? 10 ALA A CB   9  
ATOM   1753 H H    . ALA A 1 10 ? 0.478  1.816  -1.075  1.00 0.00 ? 10 ALA A H    9  
ATOM   1754 H HA   . ALA A 1 10 ? 1.016  4.295  -2.312  1.00 0.00 ? 10 ALA A HA   9  
ATOM   1755 H HB1  . ALA A 1 10 ? 2.435  3.252  -0.586  1.00 0.00 ? 10 ALA A HB1  9  
ATOM   1756 H HB2  . ALA A 1 10 ? 3.361  3.662  -2.026  1.00 0.00 ? 10 ALA A HB2  9  
ATOM   1757 H HB3  . ALA A 1 10 ? 2.893  1.989  -1.730  1.00 0.00 ? 10 ALA A HB3  9  
ATOM   1758 N N    . LYS A 1 11 ? 1.404  1.622  -4.164  1.00 0.00 ? 11 LYS A N    9  
ATOM   1759 C CA   . LYS A 1 11 ? 1.580  1.142  -5.527  1.00 0.00 ? 11 LYS A CA   9  
ATOM   1760 C C    . LYS A 1 11 ? 0.523  1.730  -6.458  1.00 0.00 ? 11 LYS A C    9  
ATOM   1761 O O    . LYS A 1 11 ? 0.834  2.193  -7.554  1.00 0.00 ? 11 LYS A O    9  
ATOM   1762 C CB   . LYS A 1 11 ? 1.478  -0.391 -5.509  1.00 0.00 ? 11 LYS A CB   9  
ATOM   1763 C CG   . LYS A 1 11 ? 1.721  -0.983 -6.906  1.00 0.00 ? 11 LYS A CG   9  
ATOM   1764 C CD   . LYS A 1 11 ? 3.167  -0.731 -7.327  1.00 0.00 ? 11 LYS A CD   9  
ATOM   1765 C CE   . LYS A 1 11 ? 3.556  -1.667 -8.461  1.00 0.00 ? 11 LYS A CE   9  
ATOM   1766 N NZ   . LYS A 1 11 ? 4.967  -1.385 -8.822  1.00 0.00 ? 11 LYS A NZ   9  
ATOM   1767 H H    . LYS A 1 11 ? 1.251  0.975  -3.446  1.00 0.00 ? 11 LYS A H    9  
ATOM   1768 H HA   . LYS A 1 11 ? 2.560  1.428  -5.874  1.00 0.00 ? 11 LYS A HA   9  
ATOM   1769 H HB2  . LYS A 1 11 ? 2.219  -0.782 -4.826  1.00 0.00 ? 11 LYS A HB2  9  
ATOM   1770 H HB3  . LYS A 1 11 ? 0.497  -0.683 -5.165  1.00 0.00 ? 11 LYS A HB3  9  
ATOM   1771 H HG2  . LYS A 1 11 ? 1.531  -2.047 -6.881  1.00 0.00 ? 11 LYS A HG2  9  
ATOM   1772 H HG3  . LYS A 1 11 ? 1.058  -0.520 -7.616  1.00 0.00 ? 11 LYS A HG3  9  
ATOM   1773 H HD2  . LYS A 1 11 ? 3.268  0.285  -7.672  1.00 0.00 ? 11 LYS A HD2  9  
ATOM   1774 H HD3  . LYS A 1 11 ? 3.825  -0.894 -6.493  1.00 0.00 ? 11 LYS A HD3  9  
ATOM   1775 H HE2  . LYS A 1 11 ? 3.459  -2.695 -8.136  1.00 0.00 ? 11 LYS A HE2  9  
ATOM   1776 H HE3  . LYS A 1 11 ? 2.919  -1.492 -9.314  1.00 0.00 ? 11 LYS A HE3  9  
ATOM   1777 H HZ1  . LYS A 1 11 ? 5.087  -0.360 -8.969  1.00 0.00 ? 11 LYS A HZ1  9  
ATOM   1778 H HZ2  . LYS A 1 11 ? 5.212  -1.893 -9.691  1.00 0.00 ? 11 LYS A HZ2  9  
ATOM   1779 H HZ3  . LYS A 1 11 ? 5.591  -1.692 -8.047  1.00 0.00 ? 11 LYS A HZ3  9  
ATOM   1780 N N    . ALA A 1 12 ? -0.725 1.701  -6.009  1.00 0.00 ? 12 ALA A N    9  
ATOM   1781 C CA   . ALA A 1 12 ? -1.836 2.215  -6.796  1.00 0.00 ? 12 ALA A CA   9  
ATOM   1782 C C    . ALA A 1 12 ? -1.702 3.721  -7.008  1.00 0.00 ? 12 ALA A C    9  
ATOM   1783 O O    . ALA A 1 12 ? -1.970 4.232  -8.095  1.00 0.00 ? 12 ALA A O    9  
ATOM   1784 C CB   . ALA A 1 12 ? -3.140 1.899  -6.062  1.00 0.00 ? 12 ALA A CB   9  
ATOM   1785 H H    . ALA A 1 12 ? -0.907 1.315  -5.128  1.00 0.00 ? 12 ALA A H    9  
ATOM   1786 H HA   . ALA A 1 12 ? -1.851 1.723  -7.758  1.00 0.00 ? 12 ALA A HA   9  
ATOM   1787 H HB1  . ALA A 1 12 ? -3.962 2.403  -6.543  1.00 0.00 ? 12 ALA A HB1  9  
ATOM   1788 H HB2  . ALA A 1 12 ? -3.067 2.226  -5.032  1.00 0.00 ? 12 ALA A HB2  9  
ATOM   1789 H HB3  . ALA A 1 12 ? -3.309 0.831  -6.086  1.00 0.00 ? 12 ALA A HB3  9  
ATOM   1790 N N    . ALA A 1 13 ? -1.289 4.415  -5.955  1.00 0.00 ? 13 ALA A N    9  
ATOM   1791 C CA   . ALA A 1 13 ? -1.123 5.858  -6.001  1.00 0.00 ? 13 ALA A CA   9  
ATOM   1792 C C    . ALA A 1 13 ? -0.045 6.265  -7.002  1.00 0.00 ? 13 ALA A C    9  
ATOM   1793 O O    . ALA A 1 13 ? -0.187 7.269  -7.699  1.00 0.00 ? 13 ALA A O    9  
ATOM   1794 C CB   . ALA A 1 13 ? -0.748 6.357  -4.608  1.00 0.00 ? 13 ALA A CB   9  
ATOM   1795 H H    . ALA A 1 13 ? -1.102 3.943  -5.120  1.00 0.00 ? 13 ALA A H    9  
ATOM   1796 H HA   . ALA A 1 13 ? -2.057 6.311  -6.292  1.00 0.00 ? 13 ALA A HA   9  
ATOM   1797 H HB1  . ALA A 1 13 ? 0.215  5.953  -4.325  1.00 0.00 ? 13 ALA A HB1  9  
ATOM   1798 H HB2  . ALA A 1 13 ? -1.495 6.027  -3.901  1.00 0.00 ? 13 ALA A HB2  9  
ATOM   1799 H HB3  . ALA A 1 13 ? -0.702 7.433  -4.608  1.00 0.00 ? 13 ALA A HB3  9  
ATOM   1800 N N    . GLY A 1 14 ? 1.026  5.484  -7.070  1.00 0.00 ? 14 GLY A N    9  
ATOM   1801 C CA   . GLY A 1 14 ? 2.116  5.779  -7.992  1.00 0.00 ? 14 GLY A CA   9  
ATOM   1802 C C    . GLY A 1 14 ? 2.718  7.149  -7.690  1.00 0.00 ? 14 GLY A C    9  
ATOM   1803 O O    . GLY A 1 14 ? 3.652  7.258  -6.897  1.00 0.00 ? 14 GLY A O    9  
ATOM   1804 H H    . GLY A 1 14 ? 1.085  4.701  -6.491  1.00 0.00 ? 14 GLY A H    9  
ATOM   1805 H HA2  . GLY A 1 14 ? 2.880  5.020  -7.893  1.00 0.00 ? 14 GLY A HA2  9  
ATOM   1806 H HA3  . GLY A 1 14 ? 1.739  5.776  -9.004  1.00 0.00 ? 14 GLY A HA3  9  
HETATM 1807 N N    . NH2 A 1 15 ? 2.228  8.209  -8.273  1.00 0.00 ? 15 NH2 A N    9  
HETATM 1808 H HN1  . NH2 A 1 15 ? 1.485  8.121  -8.903  1.00 0.00 ? 15 NH2 A HN1  9  
HETATM 1809 H HN2  . NH2 A 1 15 ? 2.601  9.095  -8.075  1.00 0.00 ? 15 NH2 A HN2  9  
ATOM   1810 N N    . GLY A 1 1  ? -2.885 -1.056 10.820  1.00 0.00 ? 1  GLY A N    10 
ATOM   1811 C CA   . GLY A 1 1  ? -2.566 -1.092 9.363   1.00 0.00 ? 1  GLY A CA   10 
ATOM   1812 C C    . GLY A 1 1  ? -1.466 -2.116 9.106   1.00 0.00 ? 1  GLY A C    10 
ATOM   1813 O O    . GLY A 1 1  ? -0.367 -2.019 9.652   1.00 0.00 ? 1  GLY A O    10 
ATOM   1814 H H1   . GLY A 1 1  ? -2.927 -0.068 11.141  1.00 0.00 ? 1  GLY A H1   10 
ATOM   1815 H H2   . GLY A 1 1  ? -2.146 -1.564 11.348  1.00 0.00 ? 1  GLY A H2   10 
ATOM   1816 H H3   . GLY A 1 1  ? -3.805 -1.511 10.984  1.00 0.00 ? 1  GLY A H3   10 
ATOM   1817 H HA2  . GLY A 1 1  ? -3.453 -1.368 8.812   1.00 0.00 ? 1  GLY A HA2  10 
ATOM   1818 H HA3  . GLY A 1 1  ? -2.230 -0.118 9.044   1.00 0.00 ? 1  GLY A HA3  10 
ATOM   1819 N N    . ILE A 1 2  ? -1.779 -3.096 8.266   1.00 0.00 ? 2  ILE A N    10 
ATOM   1820 C CA   . ILE A 1 2  ? -0.834 -4.143 7.926   1.00 0.00 ? 2  ILE A CA   10 
ATOM   1821 C C    . ILE A 1 2  ? 0.123  -3.636 6.849   1.00 0.00 ? 2  ILE A C    10 
ATOM   1822 O O    . ILE A 1 2  ? -0.297 -2.982 5.892   1.00 0.00 ? 2  ILE A O    10 
ATOM   1823 C CB   . ILE A 1 2  ? -1.616 -5.369 7.429   1.00 0.00 ? 2  ILE A CB   10 
ATOM   1824 C CG1  . ILE A 1 2  ? -2.606 -5.808 8.510   1.00 0.00 ? 2  ILE A CG1  10 
ATOM   1825 C CG2  . ILE A 1 2  ? -0.658 -6.529 7.144   1.00 0.00 ? 2  ILE A CG2  10 
ATOM   1826 C CD1  . ILE A 1 2  ? -3.556 -6.859 7.936   1.00 0.00 ? 2  ILE A CD1  10 
ATOM   1827 H H    . ILE A 1 2  ? -2.666 -3.117 7.863   1.00 0.00 ? 2  ILE A H    10 
ATOM   1828 H HA   . ILE A 1 2  ? -0.273 -4.415 8.807   1.00 0.00 ? 2  ILE A HA   10 
ATOM   1829 H HB   . ILE A 1 2  ? -2.154 -5.113 6.526   1.00 0.00 ? 2  ILE A HB   10 
ATOM   1830 H HG12 . ILE A 1 2  ? -2.064 -6.228 9.344   1.00 0.00 ? 2  ILE A HG12 10 
ATOM   1831 H HG13 . ILE A 1 2  ? -3.177 -4.955 8.847   1.00 0.00 ? 2  ILE A HG13 10 
ATOM   1832 H HG21 . ILE A 1 2  ? -1.213 -7.351 6.713   1.00 0.00 ? 2  ILE A HG21 10 
ATOM   1833 H HG22 . ILE A 1 2  ? -0.198 -6.852 8.066   1.00 0.00 ? 2  ILE A HG22 10 
ATOM   1834 H HG23 . ILE A 1 2  ? 0.102  -6.211 6.453   1.00 0.00 ? 2  ILE A HG23 10 
ATOM   1835 H HD11 . ILE A 1 2  ? -3.000 -7.751 7.692   1.00 0.00 ? 2  ILE A HD11 10 
ATOM   1836 H HD12 . ILE A 1 2  ? -4.023 -6.470 7.044   1.00 0.00 ? 2  ILE A HD12 10 
ATOM   1837 H HD13 . ILE A 1 2  ? -4.315 -7.096 8.667   1.00 0.00 ? 2  ILE A HD13 10 
ATOM   1838 N N    . LEU A 1 3  ? 1.411  -3.926 7.025   1.00 0.00 ? 3  LEU A N    10 
ATOM   1839 C CA   . LEU A 1 3  ? 2.432  -3.488 6.075   1.00 0.00 ? 3  LEU A CA   10 
ATOM   1840 C C    . LEU A 1 3  ? 2.006  -3.808 4.645   1.00 0.00 ? 3  LEU A C    10 
ATOM   1841 O O    . LEU A 1 3  ? 2.320  -3.074 3.709   1.00 0.00 ? 3  LEU A O    10 
ATOM   1842 C CB   . LEU A 1 3  ? 3.753  -4.203 6.393   1.00 0.00 ? 3  LEU A CB   10 
ATOM   1843 C CG   . LEU A 1 3  ? 4.847  -3.815 5.386   1.00 0.00 ? 3  LEU A CG   10 
ATOM   1844 C CD1  . LEU A 1 3  ? 5.075  -2.296 5.406   1.00 0.00 ? 3  LEU A CD1  10 
ATOM   1845 C CD2  . LEU A 1 3  ? 6.143  -4.541 5.765   1.00 0.00 ? 3  LEU A CD2  10 
ATOM   1846 H H    . LEU A 1 3  ? 1.682  -4.433 7.818   1.00 0.00 ? 3  LEU A H    10 
ATOM   1847 H HA   . LEU A 1 3  ? 2.578  -2.423 6.173   1.00 0.00 ? 3  LEU A HA   10 
ATOM   1848 H HB2  . LEU A 1 3  ? 4.073  -3.931 7.387   1.00 0.00 ? 3  LEU A HB2  10 
ATOM   1849 H HB3  . LEU A 1 3  ? 3.594  -5.270 6.350   1.00 0.00 ? 3  LEU A HB3  10 
ATOM   1850 H HG   . LEU A 1 3  ? 4.550  -4.118 4.393   1.00 0.00 ? 3  LEU A HG   10 
ATOM   1851 H HD11 . LEU A 1 3  ? 4.977  -1.925 6.416   1.00 0.00 ? 3  LEU A HD11 10 
ATOM   1852 H HD12 . LEU A 1 3  ? 4.345  -1.815 4.774   1.00 0.00 ? 3  LEU A HD12 10 
ATOM   1853 H HD13 . LEU A 1 3  ? 6.070  -2.072 5.039   1.00 0.00 ? 3  LEU A HD13 10 
ATOM   1854 H HD21 . LEU A 1 3  ? 6.907  -4.324 5.032   1.00 0.00 ? 3  LEU A HD21 10 
ATOM   1855 H HD22 . LEU A 1 3  ? 5.965  -5.606 5.792   1.00 0.00 ? 3  LEU A HD22 10 
ATOM   1856 H HD23 . LEU A 1 3  ? 6.473  -4.208 6.737   1.00 0.00 ? 3  LEU A HD23 10 
ATOM   1857 N N    . ASP A 1 4  ? 1.303  -4.919 4.495   1.00 0.00 ? 4  ASP A N    10 
ATOM   1858 C CA   . ASP A 1 4  ? 0.839  -5.365 3.187   1.00 0.00 ? 4  ASP A CA   10 
ATOM   1859 C C    . ASP A 1 4  ? -0.150 -4.372 2.581   1.00 0.00 ? 4  ASP A C    10 
ATOM   1860 O O    . ASP A 1 4  ? -0.091 -4.067 1.388   1.00 0.00 ? 4  ASP A O    10 
ATOM   1861 C CB   . ASP A 1 4  ? 0.166  -6.731 3.336   1.00 0.00 ? 4  ASP A CB   10 
ATOM   1862 C CG   . ASP A 1 4  ? 1.219  -7.801 3.614   1.00 0.00 ? 4  ASP A CG   10 
ATOM   1863 O OD1  . ASP A 1 4  ? 0.838  -8.874 4.050   1.00 0.00 ? 4  ASP A OD1  10 
ATOM   1864 O OD2  . ASP A 1 4  ? 2.387  -7.528 3.390   1.00 0.00 ? 4  ASP A OD2  10 
ATOM   1865 H H    . ASP A 1 4  ? 1.094  -5.457 5.287   1.00 0.00 ? 4  ASP A H    10 
ATOM   1866 H HA   . ASP A 1 4  ? 1.685  -5.465 2.526   1.00 0.00 ? 4  ASP A HA   10 
ATOM   1867 H HB2  . ASP A 1 4  ? -0.534 -6.695 4.156   1.00 0.00 ? 4  ASP A HB2  10 
ATOM   1868 H HB3  . ASP A 1 4  ? -0.361 -6.972 2.424   1.00 0.00 ? 4  ASP A HB3  10 
ATOM   1869 N N    . ALA A 1 5  ? -1.061 -3.881 3.410   1.00 0.00 ? 5  ALA A N    10 
ATOM   1870 C CA   . ALA A 1 5  ? -2.073 -2.933 2.959   1.00 0.00 ? 5  ALA A CA   10 
ATOM   1871 C C    . ALA A 1 5  ? -1.436 -1.609 2.527   1.00 0.00 ? 5  ALA A C    10 
ATOM   1872 O O    . ALA A 1 5  ? -1.833 -1.007 1.530   1.00 0.00 ? 5  ALA A O    10 
ATOM   1873 C CB   . ALA A 1 5  ? -3.062 -2.671 4.096   1.00 0.00 ? 5  ALA A CB   10 
ATOM   1874 H H    . ALA A 1 5  ? -1.058 -4.171 4.344   1.00 0.00 ? 5  ALA A H    10 
ATOM   1875 H HA   . ALA A 1 5  ? -2.608 -3.355 2.123   1.00 0.00 ? 5  ALA A HA   10 
ATOM   1876 H HB1  . ALA A 1 5  ? -3.358 -3.611 4.538   1.00 0.00 ? 5  ALA A HB1  10 
ATOM   1877 H HB2  . ALA A 1 5  ? -3.933 -2.163 3.711   1.00 0.00 ? 5  ALA A HB2  10 
ATOM   1878 H HB3  . ALA A 1 5  ? -2.588 -2.055 4.847   1.00 0.00 ? 5  ALA A HB3  10 
ATOM   1879 N N    . ILE A 1 6  ? -0.453 -1.170 3.298   1.00 0.00 ? 6  ILE A N    10 
ATOM   1880 C CA   . ILE A 1 6  ? 0.245  0.083  3.021   1.00 0.00 ? 6  ILE A CA   10 
ATOM   1881 C C    . ILE A 1 6  ? 0.972  0.024  1.680   1.00 0.00 ? 6  ILE A C    10 
ATOM   1882 O O    . ILE A 1 6  ? 0.954  0.983  0.903   1.00 0.00 ? 6  ILE A O    10 
ATOM   1883 C CB   . ILE A 1 6  ? 1.244  0.346  4.151   1.00 0.00 ? 6  ILE A CB   10 
ATOM   1884 C CG1  . ILE A 1 6  ? 0.469  0.658  5.433   1.00 0.00 ? 6  ILE A CG1  10 
ATOM   1885 C CG2  . ILE A 1 6  ? 2.154  1.530  3.799   1.00 0.00 ? 6  ILE A CG2  10 
ATOM   1886 C CD1  . ILE A 1 6  ? 1.410  0.602  6.638   1.00 0.00 ? 6  ILE A CD1  10 
ATOM   1887 H H    . ILE A 1 6  ? -0.192 -1.697 4.081   1.00 0.00 ? 6  ILE A H    10 
ATOM   1888 H HA   . ILE A 1 6  ? -0.471 0.891  2.999   1.00 0.00 ? 6  ILE A HA   10 
ATOM   1889 H HB   . ILE A 1 6  ? 1.847  -0.536 4.301   1.00 0.00 ? 6  ILE A HB   10 
ATOM   1890 H HG12 . ILE A 1 6  ? 0.036  1.645  5.359   1.00 0.00 ? 6  ILE A HG12 10 
ATOM   1891 H HG13 . ILE A 1 6  ? -0.319 -0.071 5.562   1.00 0.00 ? 6  ILE A HG13 10 
ATOM   1892 H HG21 . ILE A 1 6  ? 2.850  1.231  3.029   1.00 0.00 ? 6  ILE A HG21 10 
ATOM   1893 H HG22 . ILE A 1 6  ? 2.701  1.831  4.680   1.00 0.00 ? 6  ILE A HG22 10 
ATOM   1894 H HG23 . ILE A 1 6  ? 1.555  2.355  3.446   1.00 0.00 ? 6  ILE A HG23 10 
ATOM   1895 H HD11 . ILE A 1 6  ? 0.951  1.110  7.472   1.00 0.00 ? 6  ILE A HD11 10 
ATOM   1896 H HD12 . ILE A 1 6  ? 2.344  1.083  6.390   1.00 0.00 ? 6  ILE A HD12 10 
ATOM   1897 H HD13 . ILE A 1 6  ? 1.594  -0.430 6.903   1.00 0.00 ? 6  ILE A HD13 10 
ATOM   1898 N N    . LYS A 1 7  ? 1.619  -1.100 1.430   1.00 0.00 ? 7  LYS A N    10 
ATOM   1899 C CA   . LYS A 1 7  ? 2.367  -1.300 0.201   1.00 0.00 ? 7  LYS A CA   10 
ATOM   1900 C C    . LYS A 1 7  ? 1.458  -1.241 -1.023  1.00 0.00 ? 7  LYS A C    10 
ATOM   1901 O O    . LYS A 1 7  ? 1.818  -0.663 -2.052  1.00 0.00 ? 7  LYS A O    10 
ATOM   1902 C CB   . LYS A 1 7  ? 3.051  -2.661 0.275   1.00 0.00 ? 7  LYS A CB   10 
ATOM   1903 C CG   . LYS A 1 7  ? 4.195  -2.630 1.305   1.00 0.00 ? 7  LYS A CG   10 
ATOM   1904 C CD   . LYS A 1 7  ? 5.469  -2.099 0.651   1.00 0.00 ? 7  LYS A CD   10 
ATOM   1905 C CE   . LYS A 1 7  ? 6.610  -2.073 1.664   1.00 0.00 ? 7  LYS A CE   10 
ATOM   1906 N NZ   . LYS A 1 7  ? 7.845  -1.595 0.982   1.00 0.00 ? 7  LYS A NZ   10 
ATOM   1907 H H    . LYS A 1 7  ? 1.605  -1.818 2.096   1.00 0.00 ? 7  LYS A H    10 
ATOM   1908 H HA   . LYS A 1 7  ? 3.115  -0.538 0.118   1.00 0.00 ? 7  LYS A HA   10 
ATOM   1909 H HB2  . LYS A 1 7  ? 2.323  -3.395 0.572   1.00 0.00 ? 7  LYS A HB2  10 
ATOM   1910 H HB3  . LYS A 1 7  ? 3.443  -2.917 -0.695  1.00 0.00 ? 7  LYS A HB3  10 
ATOM   1911 H HG2  . LYS A 1 7  ? 3.926  -1.987 2.128   1.00 0.00 ? 7  LYS A HG2  10 
ATOM   1912 H HG3  . LYS A 1 7  ? 4.372  -3.628 1.675   1.00 0.00 ? 7  LYS A HG3  10 
ATOM   1913 H HD2  . LYS A 1 7  ? 5.736  -2.746 -0.164  1.00 0.00 ? 7  LYS A HD2  10 
ATOM   1914 H HD3  . LYS A 1 7  ? 5.304  -1.103 0.281   1.00 0.00 ? 7  LYS A HD3  10 
ATOM   1915 H HE2  . LYS A 1 7  ? 6.359  -1.400 2.471   1.00 0.00 ? 7  LYS A HE2  10 
ATOM   1916 H HE3  . LYS A 1 7  ? 6.772  -3.065 2.057   1.00 0.00 ? 7  LYS A HE3  10 
ATOM   1917 H HZ1  . LYS A 1 7  ? 7.582  -1.049 0.138   1.00 0.00 ? 7  LYS A HZ1  10 
ATOM   1918 H HZ2  . LYS A 1 7  ? 8.421  -2.414 0.699   1.00 0.00 ? 7  LYS A HZ2  10 
ATOM   1919 H HZ3  . LYS A 1 7  ? 8.390  -0.991 1.629   1.00 0.00 ? 7  LYS A HZ3  10 
ATOM   1920 N N    . ALA A 1 8  ? 0.290  -1.856 -0.907  1.00 0.00 ? 8  ALA A N    10 
ATOM   1921 C CA   . ALA A 1 8  ? -0.668 -1.889 -2.006  1.00 0.00 ? 8  ALA A CA   10 
ATOM   1922 C C    . ALA A 1 8  ? -1.125 -0.480 -2.385  1.00 0.00 ? 8  ALA A C    10 
ATOM   1923 O O    . ALA A 1 8  ? -1.252 -0.151 -3.566  1.00 0.00 ? 8  ALA A O    10 
ATOM   1924 C CB   . ALA A 1 8  ? -1.882 -2.716 -1.588  1.00 0.00 ? 8  ALA A CB   10 
ATOM   1925 H H    . ALA A 1 8  ? 0.070  -2.308 -0.065  1.00 0.00 ? 8  ALA A H    10 
ATOM   1926 H HA   . ALA A 1 8  ? -0.209 -2.357 -2.863  1.00 0.00 ? 8  ALA A HA   10 
ATOM   1927 H HB1  . ALA A 1 8  ? -1.550 -3.647 -1.148  1.00 0.00 ? 8  ALA A HB1  10 
ATOM   1928 H HB2  . ALA A 1 8  ? -2.495 -2.923 -2.452  1.00 0.00 ? 8  ALA A HB2  10 
ATOM   1929 H HB3  . ALA A 1 8  ? -2.455 -2.162 -0.862  1.00 0.00 ? 8  ALA A HB3  10 
ATOM   1930 N N    . ILE A 1 9  ? -1.383 0.338  -1.374  1.00 0.00 ? 9  ILE A N    10 
ATOM   1931 C CA   . ILE A 1 9  ? -1.841 1.710  -1.590  1.00 0.00 ? 9  ILE A CA   10 
ATOM   1932 C C    . ILE A 1 9  ? -0.774 2.535  -2.311  1.00 0.00 ? 9  ILE A C    10 
ATOM   1933 O O    . ILE A 1 9  ? -1.082 3.316  -3.212  1.00 0.00 ? 9  ILE A O    10 
ATOM   1934 C CB   . ILE A 1 9  ? -2.173 2.339  -0.233  1.00 0.00 ? 9  ILE A CB   10 
ATOM   1935 C CG1  . ILE A 1 9  ? -3.397 1.624  0.376   1.00 0.00 ? 9  ILE A CG1  10 
ATOM   1936 C CG2  . ILE A 1 9  ? -2.452 3.841  -0.380  1.00 0.00 ? 9  ILE A CG2  10 
ATOM   1937 C CD1  . ILE A 1 9  ? -4.648 1.777  -0.508  1.00 0.00 ? 9  ILE A CD1  10 
ATOM   1938 H H    . ILE A 1 9  ? -1.273 0.010  -0.454  1.00 0.00 ? 9  ILE A H    10 
ATOM   1939 H HA   . ILE A 1 9  ? -2.730 1.692  -2.198  1.00 0.00 ? 9  ILE A HA   10 
ATOM   1940 H HB   . ILE A 1 9  ? -1.326 2.206  0.424   1.00 0.00 ? 9  ILE A HB   10 
ATOM   1941 H HG12 . ILE A 1 9  ? -3.172 0.573  0.476   1.00 0.00 ? 9  ILE A HG12 10 
ATOM   1942 H HG13 . ILE A 1 9  ? -3.598 2.036  1.352   1.00 0.00 ? 9  ILE A HG13 10 
ATOM   1943 H HG21 . ILE A 1 9  ? -1.524 4.364  -0.555  1.00 0.00 ? 9  ILE A HG21 10 
ATOM   1944 H HG22 . ILE A 1 9  ? -2.906 4.211  0.528   1.00 0.00 ? 9  ILE A HG22 10 
ATOM   1945 H HG23 . ILE A 1 9  ? -3.122 4.010  -1.211  1.00 0.00 ? 9  ILE A HG23 10 
ATOM   1946 H HD11 . ILE A 1 9  ? -4.707 0.939  -1.189  1.00 0.00 ? 9  ILE A HD11 10 
ATOM   1947 H HD12 . ILE A 1 9  ? -4.599 2.694  -1.076  1.00 0.00 ? 9  ILE A HD12 10 
ATOM   1948 H HD13 . ILE A 1 9  ? -5.526 1.789  0.119   1.00 0.00 ? 9  ILE A HD13 10 
ATOM   1949 N N    . ALA A 1 10 ? 0.474  2.363  -1.899  1.00 0.00 ? 10 ALA A N    10 
ATOM   1950 C CA   . ALA A 1 10 ? 1.579  3.100  -2.500  1.00 0.00 ? 10 ALA A CA   10 
ATOM   1951 C C    . ALA A 1 10 ? 1.645  2.851  -4.005  1.00 0.00 ? 10 ALA A C    10 
ATOM   1952 O O    . ALA A 1 10 ? 1.789  3.784  -4.797  1.00 0.00 ? 10 ALA A O    10 
ATOM   1953 C CB   . ALA A 1 10 ? 2.893  2.659  -1.854  1.00 0.00 ? 10 ALA A CB   10 
ATOM   1954 H H    . ALA A 1 10 ? 0.654  1.733  -1.169  1.00 0.00 ? 10 ALA A H    10 
ATOM   1955 H HA   . ALA A 1 10 ? 1.442  4.151  -2.324  1.00 0.00 ? 10 ALA A HA   10 
ATOM   1956 H HB1  . ALA A 1 10 ? 2.764  2.597  -0.783  1.00 0.00 ? 10 ALA A HB1  10 
ATOM   1957 H HB2  . ALA A 1 10 ? 3.667  3.375  -2.085  1.00 0.00 ? 10 ALA A HB2  10 
ATOM   1958 H HB3  . ALA A 1 10 ? 3.173  1.689  -2.237  1.00 0.00 ? 10 ALA A HB3  10 
ATOM   1959 N N    . LYS A 1 11 ? 1.546  1.585  -4.385  1.00 0.00 ? 11 LYS A N    10 
ATOM   1960 C CA   . LYS A 1 11 ? 1.598  1.207  -5.790  1.00 0.00 ? 11 LYS A CA   10 
ATOM   1961 C C    . LYS A 1 11 ? 0.437  1.810  -6.571  1.00 0.00 ? 11 LYS A C    10 
ATOM   1962 O O    . LYS A 1 11 ? 0.605  2.271  -7.702  1.00 0.00 ? 11 LYS A O    10 
ATOM   1963 C CB   . LYS A 1 11 ? 1.556  -0.297 -5.899  1.00 0.00 ? 11 LYS A CB   10 
ATOM   1964 C CG   . LYS A 1 11 ? 2.826  -0.882 -5.273  1.00 0.00 ? 11 LYS A CG   10 
ATOM   1965 C CD   . LYS A 1 11 ? 3.015  -2.302 -5.759  1.00 0.00 ? 11 LYS A CD   10 
ATOM   1966 C CE   . LYS A 1 11 ? 4.284  -2.890 -5.138  1.00 0.00 ? 11 LYS A CE   10 
ATOM   1967 N NZ   . LYS A 1 11 ? 4.010  -3.275 -3.724  1.00 0.00 ? 11 LYS A NZ   10 
ATOM   1968 H H    . LYS A 1 11 ? 1.438  0.888  -3.706  1.00 0.00 ? 11 LYS A H    10 
ATOM   1969 H HA   . LYS A 1 11 ? 2.521  1.541  -6.218  1.00 0.00 ? 11 LYS A HA   10 
ATOM   1970 H HB2  . LYS A 1 11 ? 0.695  -0.658 -5.371  1.00 0.00 ? 11 LYS A HB2  10 
ATOM   1971 H HB3  . LYS A 1 11 ? 1.494  -0.580 -6.936  1.00 0.00 ? 11 LYS A HB3  10 
ATOM   1972 H HG2  . LYS A 1 11 ? 3.690  -0.295 -5.552  1.00 0.00 ? 11 LYS A HG2  10 
ATOM   1973 H HG3  . LYS A 1 11 ? 2.726  -0.886 -4.205  1.00 0.00 ? 11 LYS A HG3  10 
ATOM   1974 H HD2  . LYS A 1 11 ? 2.158  -2.902 -5.491  1.00 0.00 ? 11 LYS A HD2  10 
ATOM   1975 H HD3  . LYS A 1 11 ? 3.120  -2.269 -6.826  1.00 0.00 ? 11 LYS A HD3  10 
ATOM   1976 H HE2  . LYS A 1 11 ? 4.588  -3.762 -5.697  1.00 0.00 ? 11 LYS A HE2  10 
ATOM   1977 H HE3  . LYS A 1 11 ? 5.076  -2.155 -5.164  1.00 0.00 ? 11 LYS A HE3  10 
ATOM   1978 H HZ1  . LYS A 1 11 ? 4.671  -4.023 -3.432  1.00 0.00 ? 11 LYS A HZ1  10 
ATOM   1979 H HZ2  . LYS A 1 11 ? 3.033  -3.622 -3.642  1.00 0.00 ? 11 LYS A HZ2  10 
ATOM   1980 H HZ3  . LYS A 1 11 ? 4.136  -2.447 -3.107  1.00 0.00 ? 11 LYS A HZ3  10 
ATOM   1981 N N    . ALA A 1 12 ? -0.739 1.793  -5.960  1.00 0.00 ? 12 ALA A N    10 
ATOM   1982 C CA   . ALA A 1 12 ? -1.935 2.333  -6.594  1.00 0.00 ? 12 ALA A CA   10 
ATOM   1983 C C    . ALA A 1 12 ? -1.797 3.836  -6.829  1.00 0.00 ? 12 ALA A C    10 
ATOM   1984 O O    . ALA A 1 12 ? -2.209 4.357  -7.866  1.00 0.00 ? 12 ALA A O    10 
ATOM   1985 C CB   . ALA A 1 12 ? -3.141 2.071  -5.695  1.00 0.00 ? 12 ALA A CB   10 
ATOM   1986 H H    . ALA A 1 12 ? -0.805 1.406  -5.064  1.00 0.00 ? 12 ALA A H    10 
ATOM   1987 H HA   . ALA A 1 12 ? -2.090 1.838  -7.540  1.00 0.00 ? 12 ALA A HA   10 
ATOM   1988 H HB1  . ALA A 1 12 ? -4.042 2.395  -6.194  1.00 0.00 ? 12 ALA A HB1  10 
ATOM   1989 H HB2  . ALA A 1 12 ? -3.025 2.619  -4.774  1.00 0.00 ? 12 ALA A HB2  10 
ATOM   1990 H HB3  . ALA A 1 12 ? -3.208 1.013  -5.479  1.00 0.00 ? 12 ALA A HB3  10 
ATOM   1991 N N    . ALA A 1 13 ? -1.229 4.528  -5.846  1.00 0.00 ? 13 ALA A N    10 
ATOM   1992 C CA   . ALA A 1 13 ? -1.048 5.974  -5.935  1.00 0.00 ? 13 ALA A CA   10 
ATOM   1993 C C    . ALA A 1 13 ? -0.108 6.347  -7.077  1.00 0.00 ? 13 ALA A C    10 
ATOM   1994 O O    . ALA A 1 13 ? -0.324 7.339  -7.777  1.00 0.00 ? 13 ALA A O    10 
ATOM   1995 C CB   . ALA A 1 13 ? -0.483 6.501  -4.614  1.00 0.00 ? 13 ALA A CB   10 
ATOM   1996 H H    . ALA A 1 13 ? -0.933 4.058  -5.040  1.00 0.00 ? 13 ALA A H    10 
ATOM   1997 H HA   . ALA A 1 13 ? -2.005 6.433  -6.108  1.00 0.00 ? 13 ALA A HA   10 
ATOM   1998 H HB1  . ALA A 1 13 ? -0.478 7.581  -4.629  1.00 0.00 ? 13 ALA A HB1  10 
ATOM   1999 H HB2  . ALA A 1 13 ? 0.526  6.139  -4.486  1.00 0.00 ? 13 ALA A HB2  10 
ATOM   2000 H HB3  . ALA A 1 13 ? -1.097 6.155  -3.795  1.00 0.00 ? 13 ALA A HB3  10 
ATOM   2001 N N    . GLY A 1 14 ? 0.932  5.549  -7.261  1.00 0.00 ? 14 GLY A N    10 
ATOM   2002 C CA   . GLY A 1 14 ? 1.904  5.800  -8.319  1.00 0.00 ? 14 GLY A CA   10 
ATOM   2003 C C    . GLY A 1 14 ? 2.831  4.606  -8.502  1.00 0.00 ? 14 GLY A C    10 
ATOM   2004 O O    . GLY A 1 14 ? 3.923  4.573  -7.935  1.00 0.00 ? 14 GLY A O    10 
ATOM   2005 H H    . GLY A 1 14 ? 1.051  4.777  -6.671  1.00 0.00 ? 14 GLY A H    10 
ATOM   2006 H HA2  . GLY A 1 14 ? 1.380  5.990  -9.243  1.00 0.00 ? 14 GLY A HA2  10 
ATOM   2007 H HA3  . GLY A 1 14 ? 2.492  6.668  -8.060  1.00 0.00 ? 14 GLY A HA3  10 
HETATM 2008 N N    . NH2 A 1 15 ? 2.460  3.616  -9.266  1.00 0.00 ? 15 NH2 A N    10 
HETATM 2009 H HN1  . NH2 A 1 15 ? 1.590  3.645  -9.718  1.00 0.00 ? 15 NH2 A HN1  10 
HETATM 2010 H HN2  . NH2 A 1 15 ? 3.050  2.843  -9.388  1.00 0.00 ? 15 NH2 A HN2  10 
# 
